data_1SDO
# 
_entry.id   1SDO 
# 
_audit_conform.dict_name       mmcif_pdbx.dic 
_audit_conform.dict_version    5.386 
_audit_conform.dict_location   http://mmcif.pdb.org/dictionaries/ascii/mmcif_pdbx.dic 
# 
loop_
_database_2.database_id 
_database_2.database_code 
_database_2.pdbx_database_accession 
_database_2.pdbx_DOI 
PDB   1SDO         pdb_00001sdo 10.2210/pdb1sdo/pdb 
RCSB  RCSB021620   ?            ?                   
WWPDB D_1000021620 ?            ?                   
# 
loop_
_pdbx_audit_revision_history.ordinal 
_pdbx_audit_revision_history.data_content_type 
_pdbx_audit_revision_history.major_revision 
_pdbx_audit_revision_history.minor_revision 
_pdbx_audit_revision_history.revision_date 
1 'Structure model' 1 0 2004-05-11 
2 'Structure model' 1 1 2008-04-29 
3 'Structure model' 1 2 2011-07-13 
4 'Structure model' 1 3 2024-02-14 
# 
_pdbx_audit_revision_details.ordinal             1 
_pdbx_audit_revision_details.revision_ordinal    1 
_pdbx_audit_revision_details.data_content_type   'Structure model' 
_pdbx_audit_revision_details.provider            repository 
_pdbx_audit_revision_details.type                'Initial release' 
_pdbx_audit_revision_details.description         ? 
_pdbx_audit_revision_details.details             ? 
# 
loop_
_pdbx_audit_revision_group.ordinal 
_pdbx_audit_revision_group.revision_ordinal 
_pdbx_audit_revision_group.data_content_type 
_pdbx_audit_revision_group.group 
1 2 'Structure model' 'Version format compliance' 
2 3 'Structure model' 'Version format compliance' 
3 4 'Structure model' 'Data collection'           
4 4 'Structure model' 'Database references'       
# 
loop_
_pdbx_audit_revision_category.ordinal 
_pdbx_audit_revision_category.revision_ordinal 
_pdbx_audit_revision_category.data_content_type 
_pdbx_audit_revision_category.category 
1 4 'Structure model' chem_comp_atom 
2 4 'Structure model' chem_comp_bond 
3 4 'Structure model' database_2     
# 
loop_
_pdbx_audit_revision_item.ordinal 
_pdbx_audit_revision_item.revision_ordinal 
_pdbx_audit_revision_item.data_content_type 
_pdbx_audit_revision_item.item 
1 4 'Structure model' '_database_2.pdbx_DOI'                
2 4 'Structure model' '_database_2.pdbx_database_accession' 
# 
_pdbx_database_status.status_code                     REL 
_pdbx_database_status.entry_id                        1SDO 
_pdbx_database_status.recvd_initial_deposition_date   2004-02-13 
_pdbx_database_status.deposit_site                    RCSB 
_pdbx_database_status.process_site                    RCSB 
_pdbx_database_status.SG_entry                        . 
_pdbx_database_status.pdb_format_compatible           Y 
_pdbx_database_status.status_code_mr                  ? 
_pdbx_database_status.status_code_sf                  ? 
_pdbx_database_status.status_code_cs                  ? 
_pdbx_database_status.status_code_nmr_data            ? 
_pdbx_database_status.methods_development_category    ? 
# 
loop_
_audit_author.name 
_audit_author.pdbx_ordinal 
'Townson, S.A.'   1 
'Samuelson, J.C.' 2 
'Vanamee, E.S.'   3 
'Edwards, T.A.'   4 
'Escalante, C.R.' 5 
'Xu, S.Y.'        6 
'Aggarwal, A.K.'  7 
# 
_citation.id                        primary 
_citation.title                     
;Crystal Structure of BstYI at 1.85 A Resolution: A Thermophilic Restriction Endonuclease with Overlapping Specificities to BamHI and BglII
;
_citation.journal_abbrev            J.Mol.Biol. 
_citation.journal_volume            338 
_citation.page_first                725 
_citation.page_last                 733 
_citation.year                      2004 
_citation.journal_id_ASTM           JMOBAK 
_citation.country                   UK 
_citation.journal_id_ISSN           0022-2836 
_citation.journal_id_CSD            0070 
_citation.book_publisher            ? 
_citation.pdbx_database_id_PubMed   15099740 
_citation.pdbx_database_id_DOI      10.1016/j.jmb.2004.02.074 
# 
loop_
_citation_author.citation_id 
_citation_author.name 
_citation_author.ordinal 
_citation_author.identifier_ORCID 
primary 'Townson, S.A.'   1 ? 
primary 'Samuelson, J.C.' 2 ? 
primary 'Vanamee, E.S.'   3 ? 
primary 'Edwards, T.A.'   4 ? 
primary 'Escalante, C.R.' 5 ? 
primary 'Xu, S.Y.'        6 ? 
primary 'Aggarwal, A.K.'  7 ? 
# 
loop_
_entity.id 
_entity.type 
_entity.src_method 
_entity.pdbx_description 
_entity.formula_weight 
_entity.pdbx_number_of_molecules 
_entity.pdbx_ec 
_entity.pdbx_mutation 
_entity.pdbx_fragment 
_entity.details 
1 polymer man BstYI 23222.674 1  3.1.21.4 ? ? ? 
2 water   nat water 18.015    90 ?        ? ? ? 
# 
_entity_poly.entity_id                      1 
_entity_poly.type                           'polypeptide(L)' 
_entity_poly.nstd_linkage                   no 
_entity_poly.nstd_monomer                   no 
_entity_poly.pdbx_seq_one_letter_code       
;MRIVEVYSHLNGLEYIQVHLPHIWEEIQEIIVSIDAEACRTKESKEKTKQGQILYSPVALNEAFKEKLEAKGWKESRTNY
YVTADPKLIRETLSLEPEEQKKVIEAAGKEALKSYNQTDFVKDRVAIEVQFGKYSFVAYDLFVKHMAFYVSDKIDVGVEI
LPMKELSKEMSSGISYYEGELYNVIRQGRGVPAVPLVLIGIAP
;
_entity_poly.pdbx_seq_one_letter_code_can   
;MRIVEVYSHLNGLEYIQVHLPHIWEEIQEIIVSIDAEACRTKESKEKTKQGQILYSPVALNEAFKEKLEAKGWKESRTNY
YVTADPKLIRETLSLEPEEQKKVIEAAGKEALKSYNQTDFVKDRVAIEVQFGKYSFVAYDLFVKHMAFYVSDKIDVGVEI
LPMKELSKEMSSGISYYEGELYNVIRQGRGVPAVPLVLIGIAP
;
_entity_poly.pdbx_strand_id                 A 
_entity_poly.pdbx_target_identifier         ? 
# 
_pdbx_entity_nonpoly.entity_id   2 
_pdbx_entity_nonpoly.name        water 
_pdbx_entity_nonpoly.comp_id     HOH 
# 
loop_
_entity_poly_seq.entity_id 
_entity_poly_seq.num 
_entity_poly_seq.mon_id 
_entity_poly_seq.hetero 
1 1   MET n 
1 2   ARG n 
1 3   ILE n 
1 4   VAL n 
1 5   GLU n 
1 6   VAL n 
1 7   TYR n 
1 8   SER n 
1 9   HIS n 
1 10  LEU n 
1 11  ASN n 
1 12  GLY n 
1 13  LEU n 
1 14  GLU n 
1 15  TYR n 
1 16  ILE n 
1 17  GLN n 
1 18  VAL n 
1 19  HIS n 
1 20  LEU n 
1 21  PRO n 
1 22  HIS n 
1 23  ILE n 
1 24  TRP n 
1 25  GLU n 
1 26  GLU n 
1 27  ILE n 
1 28  GLN n 
1 29  GLU n 
1 30  ILE n 
1 31  ILE n 
1 32  VAL n 
1 33  SER n 
1 34  ILE n 
1 35  ASP n 
1 36  ALA n 
1 37  GLU n 
1 38  ALA n 
1 39  CYS n 
1 40  ARG n 
1 41  THR n 
1 42  LYS n 
1 43  GLU n 
1 44  SER n 
1 45  LYS n 
1 46  GLU n 
1 47  LYS n 
1 48  THR n 
1 49  LYS n 
1 50  GLN n 
1 51  GLY n 
1 52  GLN n 
1 53  ILE n 
1 54  LEU n 
1 55  TYR n 
1 56  SER n 
1 57  PRO n 
1 58  VAL n 
1 59  ALA n 
1 60  LEU n 
1 61  ASN n 
1 62  GLU n 
1 63  ALA n 
1 64  PHE n 
1 65  LYS n 
1 66  GLU n 
1 67  LYS n 
1 68  LEU n 
1 69  GLU n 
1 70  ALA n 
1 71  LYS n 
1 72  GLY n 
1 73  TRP n 
1 74  LYS n 
1 75  GLU n 
1 76  SER n 
1 77  ARG n 
1 78  THR n 
1 79  ASN n 
1 80  TYR n 
1 81  TYR n 
1 82  VAL n 
1 83  THR n 
1 84  ALA n 
1 85  ASP n 
1 86  PRO n 
1 87  LYS n 
1 88  LEU n 
1 89  ILE n 
1 90  ARG n 
1 91  GLU n 
1 92  THR n 
1 93  LEU n 
1 94  SER n 
1 95  LEU n 
1 96  GLU n 
1 97  PRO n 
1 98  GLU n 
1 99  GLU n 
1 100 GLN n 
1 101 LYS n 
1 102 LYS n 
1 103 VAL n 
1 104 ILE n 
1 105 GLU n 
1 106 ALA n 
1 107 ALA n 
1 108 GLY n 
1 109 LYS n 
1 110 GLU n 
1 111 ALA n 
1 112 LEU n 
1 113 LYS n 
1 114 SER n 
1 115 TYR n 
1 116 ASN n 
1 117 GLN n 
1 118 THR n 
1 119 ASP n 
1 120 PHE n 
1 121 VAL n 
1 122 LYS n 
1 123 ASP n 
1 124 ARG n 
1 125 VAL n 
1 126 ALA n 
1 127 ILE n 
1 128 GLU n 
1 129 VAL n 
1 130 GLN n 
1 131 PHE n 
1 132 GLY n 
1 133 LYS n 
1 134 TYR n 
1 135 SER n 
1 136 PHE n 
1 137 VAL n 
1 138 ALA n 
1 139 TYR n 
1 140 ASP n 
1 141 LEU n 
1 142 PHE n 
1 143 VAL n 
1 144 LYS n 
1 145 HIS n 
1 146 MET n 
1 147 ALA n 
1 148 PHE n 
1 149 TYR n 
1 150 VAL n 
1 151 SER n 
1 152 ASP n 
1 153 LYS n 
1 154 ILE n 
1 155 ASP n 
1 156 VAL n 
1 157 GLY n 
1 158 VAL n 
1 159 GLU n 
1 160 ILE n 
1 161 LEU n 
1 162 PRO n 
1 163 MET n 
1 164 LYS n 
1 165 GLU n 
1 166 LEU n 
1 167 SER n 
1 168 LYS n 
1 169 GLU n 
1 170 MET n 
1 171 SER n 
1 172 SER n 
1 173 GLY n 
1 174 ILE n 
1 175 SER n 
1 176 TYR n 
1 177 TYR n 
1 178 GLU n 
1 179 GLY n 
1 180 GLU n 
1 181 LEU n 
1 182 TYR n 
1 183 ASN n 
1 184 VAL n 
1 185 ILE n 
1 186 ARG n 
1 187 GLN n 
1 188 GLY n 
1 189 ARG n 
1 190 GLY n 
1 191 VAL n 
1 192 PRO n 
1 193 ALA n 
1 194 VAL n 
1 195 PRO n 
1 196 LEU n 
1 197 VAL n 
1 198 LEU n 
1 199 ILE n 
1 200 GLY n 
1 201 ILE n 
1 202 ALA n 
1 203 PRO n 
# 
_entity_src_gen.entity_id                          1 
_entity_src_gen.pdbx_src_id                        1 
_entity_src_gen.pdbx_alt_source_flag               sample 
_entity_src_gen.pdbx_seq_type                      ? 
_entity_src_gen.pdbx_beg_seq_num                   ? 
_entity_src_gen.pdbx_end_seq_num                   ? 
_entity_src_gen.gene_src_common_name               ? 
_entity_src_gen.gene_src_genus                     Geobacillus 
_entity_src_gen.pdbx_gene_src_gene                 BSTYIR 
_entity_src_gen.gene_src_species                   ? 
_entity_src_gen.gene_src_strain                    ? 
_entity_src_gen.gene_src_tissue                    ? 
_entity_src_gen.gene_src_tissue_fraction           ? 
_entity_src_gen.gene_src_details                   ? 
_entity_src_gen.pdbx_gene_src_fragment             ? 
_entity_src_gen.pdbx_gene_src_scientific_name      'Geobacillus stearothermophilus' 
_entity_src_gen.pdbx_gene_src_ncbi_taxonomy_id     1422 
_entity_src_gen.pdbx_gene_src_variant              ? 
_entity_src_gen.pdbx_gene_src_cell_line            ? 
_entity_src_gen.pdbx_gene_src_atcc                 ? 
_entity_src_gen.pdbx_gene_src_organ                ? 
_entity_src_gen.pdbx_gene_src_organelle            ? 
_entity_src_gen.pdbx_gene_src_cell                 ? 
_entity_src_gen.pdbx_gene_src_cellular_location    ? 
_entity_src_gen.host_org_common_name               ? 
_entity_src_gen.pdbx_host_org_scientific_name      'Escherichia coli' 
_entity_src_gen.pdbx_host_org_ncbi_taxonomy_id     562 
_entity_src_gen.host_org_genus                     Escherichia 
_entity_src_gen.pdbx_host_org_gene                 ? 
_entity_src_gen.pdbx_host_org_organ                ? 
_entity_src_gen.host_org_species                   ? 
_entity_src_gen.pdbx_host_org_tissue               ? 
_entity_src_gen.pdbx_host_org_tissue_fraction      ? 
_entity_src_gen.pdbx_host_org_strain               ER2744 
_entity_src_gen.pdbx_host_org_variant              ? 
_entity_src_gen.pdbx_host_org_cell_line            ? 
_entity_src_gen.pdbx_host_org_atcc                 ? 
_entity_src_gen.pdbx_host_org_culture_collection   ? 
_entity_src_gen.pdbx_host_org_cell                 ? 
_entity_src_gen.pdbx_host_org_organelle            ? 
_entity_src_gen.pdbx_host_org_cellular_location    ? 
_entity_src_gen.pdbx_host_org_vector_type          ? 
_entity_src_gen.pdbx_host_org_vector               ? 
_entity_src_gen.host_org_details                   ? 
_entity_src_gen.expression_system_id               ? 
_entity_src_gen.plasmid_name                       ? 
_entity_src_gen.plasmid_details                    ? 
_entity_src_gen.pdbx_description                   ? 
# 
loop_
_chem_comp.id 
_chem_comp.type 
_chem_comp.mon_nstd_flag 
_chem_comp.name 
_chem_comp.pdbx_synonyms 
_chem_comp.formula 
_chem_comp.formula_weight 
ALA 'L-peptide linking' y ALANINE         ? 'C3 H7 N O2'     89.093  
ARG 'L-peptide linking' y ARGININE        ? 'C6 H15 N4 O2 1' 175.209 
ASN 'L-peptide linking' y ASPARAGINE      ? 'C4 H8 N2 O3'    132.118 
ASP 'L-peptide linking' y 'ASPARTIC ACID' ? 'C4 H7 N O4'     133.103 
CYS 'L-peptide linking' y CYSTEINE        ? 'C3 H7 N O2 S'   121.158 
GLN 'L-peptide linking' y GLUTAMINE       ? 'C5 H10 N2 O3'   146.144 
GLU 'L-peptide linking' y 'GLUTAMIC ACID' ? 'C5 H9 N O4'     147.129 
GLY 'peptide linking'   y GLYCINE         ? 'C2 H5 N O2'     75.067  
HIS 'L-peptide linking' y HISTIDINE       ? 'C6 H10 N3 O2 1' 156.162 
HOH non-polymer         . WATER           ? 'H2 O'           18.015  
ILE 'L-peptide linking' y ISOLEUCINE      ? 'C6 H13 N O2'    131.173 
LEU 'L-peptide linking' y LEUCINE         ? 'C6 H13 N O2'    131.173 
LYS 'L-peptide linking' y LYSINE          ? 'C6 H15 N2 O2 1' 147.195 
MET 'L-peptide linking' y METHIONINE      ? 'C5 H11 N O2 S'  149.211 
PHE 'L-peptide linking' y PHENYLALANINE   ? 'C9 H11 N O2'    165.189 
PRO 'L-peptide linking' y PROLINE         ? 'C5 H9 N O2'     115.130 
SER 'L-peptide linking' y SERINE          ? 'C3 H7 N O3'     105.093 
THR 'L-peptide linking' y THREONINE       ? 'C4 H9 N O3'     119.119 
TRP 'L-peptide linking' y TRYPTOPHAN      ? 'C11 H12 N2 O2'  204.225 
TYR 'L-peptide linking' y TYROSINE        ? 'C9 H11 N O3'    181.189 
VAL 'L-peptide linking' y VALINE          ? 'C5 H11 N O2'    117.146 
# 
loop_
_pdbx_poly_seq_scheme.asym_id 
_pdbx_poly_seq_scheme.entity_id 
_pdbx_poly_seq_scheme.seq_id 
_pdbx_poly_seq_scheme.mon_id 
_pdbx_poly_seq_scheme.ndb_seq_num 
_pdbx_poly_seq_scheme.pdb_seq_num 
_pdbx_poly_seq_scheme.auth_seq_num 
_pdbx_poly_seq_scheme.pdb_mon_id 
_pdbx_poly_seq_scheme.auth_mon_id 
_pdbx_poly_seq_scheme.pdb_strand_id 
_pdbx_poly_seq_scheme.pdb_ins_code 
_pdbx_poly_seq_scheme.hetero 
A 1 1   MET 1   1   1   MET MET A . n 
A 1 2   ARG 2   2   2   ARG ARG A . n 
A 1 3   ILE 3   3   3   ILE ILE A . n 
A 1 4   VAL 4   4   4   VAL VAL A . n 
A 1 5   GLU 5   5   5   GLU GLU A . n 
A 1 6   VAL 6   6   6   VAL VAL A . n 
A 1 7   TYR 7   7   7   TYR TYR A . n 
A 1 8   SER 8   8   8   SER SER A . n 
A 1 9   HIS 9   9   9   HIS HIS A . n 
A 1 10  LEU 10  10  10  LEU LEU A . n 
A 1 11  ASN 11  11  11  ASN ASN A . n 
A 1 12  GLY 12  12  12  GLY GLY A . n 
A 1 13  LEU 13  13  13  LEU LEU A . n 
A 1 14  GLU 14  14  14  GLU GLU A . n 
A 1 15  TYR 15  15  15  TYR TYR A . n 
A 1 16  ILE 16  16  16  ILE ILE A . n 
A 1 17  GLN 17  17  17  GLN GLN A . n 
A 1 18  VAL 18  18  18  VAL VAL A . n 
A 1 19  HIS 19  19  19  HIS HIS A . n 
A 1 20  LEU 20  20  20  LEU LEU A . n 
A 1 21  PRO 21  21  21  PRO PRO A . n 
A 1 22  HIS 22  22  22  HIS HIS A . n 
A 1 23  ILE 23  23  23  ILE ILE A . n 
A 1 24  TRP 24  24  24  TRP TRP A . n 
A 1 25  GLU 25  25  25  GLU GLU A . n 
A 1 26  GLU 26  26  26  GLU GLU A . n 
A 1 27  ILE 27  27  27  ILE ILE A . n 
A 1 28  GLN 28  28  28  GLN GLN A . n 
A 1 29  GLU 29  29  29  GLU GLU A . n 
A 1 30  ILE 30  30  30  ILE ILE A . n 
A 1 31  ILE 31  31  31  ILE ILE A . n 
A 1 32  VAL 32  32  32  VAL VAL A . n 
A 1 33  SER 33  33  33  SER SER A . n 
A 1 34  ILE 34  34  34  ILE ILE A . n 
A 1 35  ASP 35  35  35  ASP ASP A . n 
A 1 36  ALA 36  36  36  ALA ALA A . n 
A 1 37  GLU 37  37  37  GLU GLU A . n 
A 1 38  ALA 38  38  38  ALA ALA A . n 
A 1 39  CYS 39  39  39  CYS CYS A . n 
A 1 40  ARG 40  40  40  ARG ARG A . n 
A 1 41  THR 41  41  41  THR THR A . n 
A 1 42  LYS 42  42  ?   ?   ?   A . n 
A 1 43  GLU 43  43  ?   ?   ?   A . n 
A 1 44  SER 44  44  ?   ?   ?   A . n 
A 1 45  LYS 45  45  ?   ?   ?   A . n 
A 1 46  GLU 46  46  ?   ?   ?   A . n 
A 1 47  LYS 47  47  ?   ?   ?   A . n 
A 1 48  THR 48  48  ?   ?   ?   A . n 
A 1 49  LYS 49  49  ?   ?   ?   A . n 
A 1 50  GLN 50  50  ?   ?   ?   A . n 
A 1 51  GLY 51  51  ?   ?   ?   A . n 
A 1 52  GLN 52  52  ?   ?   ?   A . n 
A 1 53  ILE 53  53  53  ILE ILE A . n 
A 1 54  LEU 54  54  54  LEU LEU A . n 
A 1 55  TYR 55  55  55  TYR TYR A . n 
A 1 56  SER 56  56  56  SER SER A . n 
A 1 57  PRO 57  57  57  PRO PRO A . n 
A 1 58  VAL 58  58  58  VAL VAL A . n 
A 1 59  ALA 59  59  59  ALA ALA A . n 
A 1 60  LEU 60  60  60  LEU LEU A . n 
A 1 61  ASN 61  61  61  ASN ASN A . n 
A 1 62  GLU 62  62  62  GLU GLU A . n 
A 1 63  ALA 63  63  63  ALA ALA A . n 
A 1 64  PHE 64  64  64  PHE PHE A . n 
A 1 65  LYS 65  65  65  LYS LYS A . n 
A 1 66  GLU 66  66  66  GLU GLU A . n 
A 1 67  LYS 67  67  67  LYS LYS A . n 
A 1 68  LEU 68  68  68  LEU LEU A . n 
A 1 69  GLU 69  69  69  GLU GLU A . n 
A 1 70  ALA 70  70  70  ALA ALA A . n 
A 1 71  LYS 71  71  71  LYS LYS A . n 
A 1 72  GLY 72  72  72  GLY GLY A . n 
A 1 73  TRP 73  73  73  TRP TRP A . n 
A 1 74  LYS 74  74  74  LYS LYS A . n 
A 1 75  GLU 75  75  75  GLU GLU A . n 
A 1 76  SER 76  76  76  SER SER A . n 
A 1 77  ARG 77  77  77  ARG ARG A . n 
A 1 78  THR 78  78  78  THR THR A . n 
A 1 79  ASN 79  79  79  ASN ASN A . n 
A 1 80  TYR 80  80  80  TYR TYR A . n 
A 1 81  TYR 81  81  81  TYR TYR A . n 
A 1 82  VAL 82  82  82  VAL VAL A . n 
A 1 83  THR 83  83  83  THR THR A . n 
A 1 84  ALA 84  84  84  ALA ALA A . n 
A 1 85  ASP 85  85  85  ASP ASP A . n 
A 1 86  PRO 86  86  86  PRO PRO A . n 
A 1 87  LYS 87  87  87  LYS LYS A . n 
A 1 88  LEU 88  88  88  LEU LEU A . n 
A 1 89  ILE 89  89  89  ILE ILE A . n 
A 1 90  ARG 90  90  90  ARG ARG A . n 
A 1 91  GLU 91  91  91  GLU GLU A . n 
A 1 92  THR 92  92  92  THR THR A . n 
A 1 93  LEU 93  93  93  LEU LEU A . n 
A 1 94  SER 94  94  94  SER SER A . n 
A 1 95  LEU 95  95  95  LEU LEU A . n 
A 1 96  GLU 96  96  96  GLU GLU A . n 
A 1 97  PRO 97  97  97  PRO PRO A . n 
A 1 98  GLU 98  98  98  GLU GLU A . n 
A 1 99  GLU 99  99  99  GLU GLU A . n 
A 1 100 GLN 100 100 100 GLN GLN A . n 
A 1 101 LYS 101 101 101 LYS LYS A . n 
A 1 102 LYS 102 102 102 LYS LYS A . n 
A 1 103 VAL 103 103 103 VAL VAL A . n 
A 1 104 ILE 104 104 104 ILE ILE A . n 
A 1 105 GLU 105 105 105 GLU GLU A . n 
A 1 106 ALA 106 106 106 ALA ALA A . n 
A 1 107 ALA 107 107 107 ALA ALA A . n 
A 1 108 GLY 108 108 108 GLY GLY A . n 
A 1 109 LYS 109 109 109 LYS LYS A . n 
A 1 110 GLU 110 110 110 GLU GLU A . n 
A 1 111 ALA 111 111 111 ALA ALA A . n 
A 1 112 LEU 112 112 112 LEU LEU A . n 
A 1 113 LYS 113 113 113 LYS LYS A . n 
A 1 114 SER 114 114 114 SER SER A . n 
A 1 115 TYR 115 115 115 TYR TYR A . n 
A 1 116 ASN 116 116 116 ASN ASN A . n 
A 1 117 GLN 117 117 117 GLN GLN A . n 
A 1 118 THR 118 118 118 THR THR A . n 
A 1 119 ASP 119 119 119 ASP ASP A . n 
A 1 120 PHE 120 120 120 PHE PHE A . n 
A 1 121 VAL 121 121 121 VAL VAL A . n 
A 1 122 LYS 122 122 122 LYS LYS A . n 
A 1 123 ASP 123 123 123 ASP ASP A . n 
A 1 124 ARG 124 124 124 ARG ARG A . n 
A 1 125 VAL 125 125 125 VAL VAL A . n 
A 1 126 ALA 126 126 126 ALA ALA A . n 
A 1 127 ILE 127 127 127 ILE ILE A . n 
A 1 128 GLU 128 128 128 GLU GLU A . n 
A 1 129 VAL 129 129 129 VAL VAL A . n 
A 1 130 GLN 130 130 130 GLN GLN A . n 
A 1 131 PHE 131 131 131 PHE PHE A . n 
A 1 132 GLY 132 132 132 GLY GLY A . n 
A 1 133 LYS 133 133 133 LYS LYS A . n 
A 1 134 TYR 134 134 134 TYR TYR A . n 
A 1 135 SER 135 135 135 SER SER A . n 
A 1 136 PHE 136 136 136 PHE PHE A . n 
A 1 137 VAL 137 137 137 VAL VAL A . n 
A 1 138 ALA 138 138 138 ALA ALA A . n 
A 1 139 TYR 139 139 139 TYR TYR A . n 
A 1 140 ASP 140 140 140 ASP ASP A . n 
A 1 141 LEU 141 141 141 LEU LEU A . n 
A 1 142 PHE 142 142 142 PHE PHE A . n 
A 1 143 VAL 143 143 143 VAL VAL A . n 
A 1 144 LYS 144 144 144 LYS LYS A . n 
A 1 145 HIS 145 145 145 HIS HIS A . n 
A 1 146 MET 146 146 146 MET MET A . n 
A 1 147 ALA 147 147 147 ALA ALA A . n 
A 1 148 PHE 148 148 148 PHE PHE A . n 
A 1 149 TYR 149 149 149 TYR TYR A . n 
A 1 150 VAL 150 150 150 VAL VAL A . n 
A 1 151 SER 151 151 151 SER SER A . n 
A 1 152 ASP 152 152 152 ASP ASP A . n 
A 1 153 LYS 153 153 153 LYS LYS A . n 
A 1 154 ILE 154 154 154 ILE ILE A . n 
A 1 155 ASP 155 155 155 ASP ASP A . n 
A 1 156 VAL 156 156 156 VAL VAL A . n 
A 1 157 GLY 157 157 157 GLY GLY A . n 
A 1 158 VAL 158 158 158 VAL VAL A . n 
A 1 159 GLU 159 159 159 GLU GLU A . n 
A 1 160 ILE 160 160 160 ILE ILE A . n 
A 1 161 LEU 161 161 161 LEU LEU A . n 
A 1 162 PRO 162 162 162 PRO PRO A . n 
A 1 163 MET 163 163 163 MET MET A . n 
A 1 164 LYS 164 164 164 LYS LYS A . n 
A 1 165 GLU 165 165 165 GLU GLU A . n 
A 1 166 LEU 166 166 166 LEU LEU A . n 
A 1 167 SER 167 167 167 SER SER A . n 
A 1 168 LYS 168 168 168 LYS LYS A . n 
A 1 169 GLU 169 169 169 GLU GLU A . n 
A 1 170 MET 170 170 170 MET MET A . n 
A 1 171 SER 171 171 171 SER SER A . n 
A 1 172 SER 172 172 172 SER SER A . n 
A 1 173 GLY 173 173 173 GLY GLY A . n 
A 1 174 ILE 174 174 174 ILE ILE A . n 
A 1 175 SER 175 175 175 SER SER A . n 
A 1 176 TYR 176 176 176 TYR TYR A . n 
A 1 177 TYR 177 177 177 TYR TYR A . n 
A 1 178 GLU 178 178 178 GLU GLU A . n 
A 1 179 GLY 179 179 179 GLY GLY A . n 
A 1 180 GLU 180 180 180 GLU GLU A . n 
A 1 181 LEU 181 181 181 LEU LEU A . n 
A 1 182 TYR 182 182 182 TYR TYR A . n 
A 1 183 ASN 183 183 183 ASN ASN A . n 
A 1 184 VAL 184 184 184 VAL VAL A . n 
A 1 185 ILE 185 185 185 ILE ILE A . n 
A 1 186 ARG 186 186 186 ARG ARG A . n 
A 1 187 GLN 187 187 187 GLN GLN A . n 
A 1 188 GLY 188 188 188 GLY GLY A . n 
A 1 189 ARG 189 189 189 ARG ARG A . n 
A 1 190 GLY 190 190 190 GLY GLY A . n 
A 1 191 VAL 191 191 191 VAL VAL A . n 
A 1 192 PRO 192 192 192 PRO PRO A . n 
A 1 193 ALA 193 193 193 ALA ALA A . n 
A 1 194 VAL 194 194 194 VAL VAL A . n 
A 1 195 PRO 195 195 195 PRO PRO A . n 
A 1 196 LEU 196 196 196 LEU LEU A . n 
A 1 197 VAL 197 197 197 VAL VAL A . n 
A 1 198 LEU 198 198 198 LEU LEU A . n 
A 1 199 ILE 199 199 199 ILE ILE A . n 
A 1 200 GLY 200 200 200 GLY GLY A . n 
A 1 201 ILE 201 201 201 ILE ILE A . n 
A 1 202 ALA 202 202 202 ALA ALA A . n 
A 1 203 PRO 203 203 203 PRO PRO A . n 
# 
loop_
_pdbx_nonpoly_scheme.asym_id 
_pdbx_nonpoly_scheme.entity_id 
_pdbx_nonpoly_scheme.mon_id 
_pdbx_nonpoly_scheme.ndb_seq_num 
_pdbx_nonpoly_scheme.pdb_seq_num 
_pdbx_nonpoly_scheme.auth_seq_num 
_pdbx_nonpoly_scheme.pdb_mon_id 
_pdbx_nonpoly_scheme.auth_mon_id 
_pdbx_nonpoly_scheme.pdb_strand_id 
_pdbx_nonpoly_scheme.pdb_ins_code 
B 2 HOH 1  204 1  HOH HOH A . 
B 2 HOH 2  205 2  HOH HOH A . 
B 2 HOH 3  206 3  HOH HOH A . 
B 2 HOH 4  207 4  HOH HOH A . 
B 2 HOH 5  208 5  HOH HOH A . 
B 2 HOH 6  209 6  HOH HOH A . 
B 2 HOH 7  210 7  HOH HOH A . 
B 2 HOH 8  211 8  HOH HOH A . 
B 2 HOH 9  212 9  HOH HOH A . 
B 2 HOH 10 213 10 HOH HOH A . 
B 2 HOH 11 214 11 HOH HOH A . 
B 2 HOH 12 215 12 HOH HOH A . 
B 2 HOH 13 216 13 HOH HOH A . 
B 2 HOH 14 217 14 HOH HOH A . 
B 2 HOH 15 218 15 HOH HOH A . 
B 2 HOH 16 219 16 HOH HOH A . 
B 2 HOH 17 220 17 HOH HOH A . 
B 2 HOH 18 221 18 HOH HOH A . 
B 2 HOH 19 222 19 HOH HOH A . 
B 2 HOH 20 223 20 HOH HOH A . 
B 2 HOH 21 224 21 HOH HOH A . 
B 2 HOH 22 225 22 HOH HOH A . 
B 2 HOH 23 226 23 HOH HOH A . 
B 2 HOH 24 227 24 HOH HOH A . 
B 2 HOH 25 228 25 HOH HOH A . 
B 2 HOH 26 229 26 HOH HOH A . 
B 2 HOH 27 230 27 HOH HOH A . 
B 2 HOH 28 231 28 HOH HOH A . 
B 2 HOH 29 232 29 HOH HOH A . 
B 2 HOH 30 233 30 HOH HOH A . 
B 2 HOH 31 234 31 HOH HOH A . 
B 2 HOH 32 235 32 HOH HOH A . 
B 2 HOH 33 236 33 HOH HOH A . 
B 2 HOH 34 237 34 HOH HOH A . 
B 2 HOH 35 238 35 HOH HOH A . 
B 2 HOH 36 239 36 HOH HOH A . 
B 2 HOH 37 240 37 HOH HOH A . 
B 2 HOH 38 241 38 HOH HOH A . 
B 2 HOH 39 242 39 HOH HOH A . 
B 2 HOH 40 243 40 HOH HOH A . 
B 2 HOH 41 244 41 HOH HOH A . 
B 2 HOH 42 245 42 HOH HOH A . 
B 2 HOH 43 246 43 HOH HOH A . 
B 2 HOH 44 247 44 HOH HOH A . 
B 2 HOH 45 248 45 HOH HOH A . 
B 2 HOH 46 249 46 HOH HOH A . 
B 2 HOH 47 250 47 HOH HOH A . 
B 2 HOH 48 251 48 HOH HOH A . 
B 2 HOH 49 252 49 HOH HOH A . 
B 2 HOH 50 253 50 HOH HOH A . 
B 2 HOH 51 254 51 HOH HOH A . 
B 2 HOH 52 255 52 HOH HOH A . 
B 2 HOH 53 256 53 HOH HOH A . 
B 2 HOH 54 257 54 HOH HOH A . 
B 2 HOH 55 258 55 HOH HOH A . 
B 2 HOH 56 259 56 HOH HOH A . 
B 2 HOH 57 260 57 HOH HOH A . 
B 2 HOH 58 261 58 HOH HOH A . 
B 2 HOH 59 262 59 HOH HOH A . 
B 2 HOH 60 263 60 HOH HOH A . 
B 2 HOH 61 264 61 HOH HOH A . 
B 2 HOH 62 265 62 HOH HOH A . 
B 2 HOH 63 266 63 HOH HOH A . 
B 2 HOH 64 267 64 HOH HOH A . 
B 2 HOH 65 268 65 HOH HOH A . 
B 2 HOH 66 269 66 HOH HOH A . 
B 2 HOH 67 270 67 HOH HOH A . 
B 2 HOH 68 271 68 HOH HOH A . 
B 2 HOH 69 272 69 HOH HOH A . 
B 2 HOH 70 273 70 HOH HOH A . 
B 2 HOH 71 274 71 HOH HOH A . 
B 2 HOH 72 275 72 HOH HOH A . 
B 2 HOH 73 276 73 HOH HOH A . 
B 2 HOH 74 277 74 HOH HOH A . 
B 2 HOH 75 278 75 HOH HOH A . 
B 2 HOH 76 279 76 HOH HOH A . 
B 2 HOH 77 280 77 HOH HOH A . 
B 2 HOH 78 281 78 HOH HOH A . 
B 2 HOH 79 282 79 HOH HOH A . 
B 2 HOH 80 283 80 HOH HOH A . 
B 2 HOH 81 284 81 HOH HOH A . 
B 2 HOH 82 285 82 HOH HOH A . 
B 2 HOH 83 286 83 HOH HOH A . 
B 2 HOH 84 287 84 HOH HOH A . 
B 2 HOH 85 288 85 HOH HOH A . 
B 2 HOH 86 289 86 HOH HOH A . 
B 2 HOH 87 290 87 HOH HOH A . 
B 2 HOH 88 291 88 HOH HOH A . 
B 2 HOH 89 292 89 HOH HOH A . 
B 2 HOH 90 293 90 HOH HOH A . 
# 
loop_
_software.name 
_software.classification 
_software.version 
_software.citation_id 
_software.pdbx_ordinal 
DENZO     'data reduction' . ? 1 
HKL-2000  'data reduction' . ? 2 
CNS       refinement       . ? 3 
SCALEPACK 'data scaling'   . ? 4 
CNS       phasing          . ? 5 
# 
_cell.entry_id           1SDO 
_cell.length_a           69.890 
_cell.length_b           76.610 
_cell.length_c           78.970 
_cell.angle_alpha        90.00 
_cell.angle_beta         90.00 
_cell.angle_gamma        90.00 
_cell.Z_PDB              8 
_cell.pdbx_unique_axis   ? 
# 
_symmetry.entry_id                         1SDO 
_symmetry.space_group_name_H-M             'I 2 2 2' 
_symmetry.pdbx_full_space_group_name_H-M   ? 
_symmetry.cell_setting                     ? 
_symmetry.Int_Tables_number                23 
# 
_exptl.entry_id          1SDO 
_exptl.method            'X-RAY DIFFRACTION' 
_exptl.crystals_number   2 
# 
_exptl_crystal.id                    1 
_exptl_crystal.density_meas          ? 
_exptl_crystal.density_percent_sol   45.94 
_exptl_crystal.description           ? 
_exptl_crystal.density_Matthews      2.28 
# 
_exptl_crystal_grow.crystal_id      1 
_exptl_crystal_grow.method          'VAPOR DIFFUSION, HANGING DROP' 
_exptl_crystal_grow.temp            298 
_exptl_crystal_grow.temp_details    ? 
_exptl_crystal_grow.pH              7.5 
_exptl_crystal_grow.pdbx_details    
'30% PEG-400, 0.1M HEPES, 200mM Calcium chloride, pH 7.5, VAPOR DIFFUSION, HANGING DROP, temperature 298K' 
_exptl_crystal_grow.pdbx_pH_range   . 
# 
_diffrn.id                     1 
_diffrn.ambient_temp           100 
_diffrn.ambient_temp_details   ? 
_diffrn.crystal_id             1 
# 
_diffrn_detector.diffrn_id              1 
_diffrn_detector.detector               CCD 
_diffrn_detector.type                   SBC-2 
_diffrn_detector.pdbx_collection_date   2002-01-01 
_diffrn_detector.details                ? 
# 
_diffrn_radiation.diffrn_id                        1 
_diffrn_radiation.wavelength_id                    1 
_diffrn_radiation.pdbx_monochromatic_or_laue_m_l   M 
_diffrn_radiation.monochromator                    ? 
_diffrn_radiation.pdbx_diffrn_protocol             MAD 
_diffrn_radiation.pdbx_scattering_type             x-ray 
# 
loop_
_diffrn_radiation_wavelength.id 
_diffrn_radiation_wavelength.wavelength 
_diffrn_radiation_wavelength.wt 
1 0.973  1.0 
2 0.9282 1.0 
# 
_diffrn_source.diffrn_id                   1 
_diffrn_source.source                      SYNCHROTRON 
_diffrn_source.type                        'APS BEAMLINE 19-ID' 
_diffrn_source.pdbx_synchrotron_site       APS 
_diffrn_source.pdbx_synchrotron_beamline   19-ID 
_diffrn_source.pdbx_wavelength             ? 
_diffrn_source.pdbx_wavelength_list        '0.973, 0.9282' 
# 
_reflns.entry_id                     1SDO 
_reflns.observed_criterion_sigma_F   2 
_reflns.observed_criterion_sigma_I   0 
_reflns.d_resolution_high            1.85 
_reflns.d_resolution_low             50 
_reflns.number_all                   34966 
_reflns.number_obs                   33604 
_reflns.percent_possible_obs         98.9 
_reflns.pdbx_Rmerge_I_obs            0.092 
_reflns.pdbx_Rsym_value              0.085 
_reflns.pdbx_netI_over_sigmaI        17.4 
_reflns.B_iso_Wilson_estimate        ? 
_reflns.pdbx_redundancy              ? 
_reflns.R_free_details               ? 
_reflns.limit_h_max                  ? 
_reflns.limit_h_min                  ? 
_reflns.limit_k_max                  ? 
_reflns.limit_k_min                  ? 
_reflns.limit_l_max                  ? 
_reflns.limit_l_min                  ? 
_reflns.observed_criterion_F_max     ? 
_reflns.observed_criterion_F_min     ? 
_reflns.pdbx_diffrn_id               1 
_reflns.pdbx_ordinal                 1 
# 
_refine.entry_id                                 1SDO 
_refine.ls_d_res_high                            1.85 
_refine.ls_d_res_low                             50 
_refine.pdbx_ls_sigma_F                          2 
_refine.pdbx_ls_sigma_I                          0 
_refine.ls_number_reflns_all                     34966 
_refine.ls_number_reflns_obs                     33604 
_refine.ls_number_reflns_R_free                  3273 
_refine.ls_percent_reflns_obs                    96.1 
_refine.ls_R_factor_all                          ? 
_refine.ls_R_factor_obs                          ? 
_refine.ls_R_factor_R_work                       0.22 
_refine.ls_R_factor_R_free                       0.241 
_refine.ls_redundancy_reflns_obs                 ? 
_refine.pdbx_data_cutoff_high_absF               ? 
_refine.pdbx_data_cutoff_low_absF                ? 
_refine.ls_number_parameters                     ? 
_refine.ls_number_restraints                     ? 
_refine.ls_percent_reflns_R_free                 ? 
_refine.ls_R_factor_R_free_error                 ? 
_refine.ls_R_factor_R_free_error_details         ? 
_refine.pdbx_method_to_determine_struct          MAD 
_refine.pdbx_starting_model                      ? 
_refine.pdbx_ls_cross_valid_method               THROUGHOUT 
_refine.pdbx_R_Free_selection_details            RANDOM 
_refine.pdbx_stereochem_target_val_spec_case     ? 
_refine.pdbx_stereochemistry_target_values       'Engh & Huber' 
_refine.solvent_model_details                    ? 
_refine.solvent_model_param_bsol                 ? 
_refine.solvent_model_param_ksol                 ? 
_refine.occupancy_max                            ? 
_refine.occupancy_min                            ? 
_refine.pdbx_isotropic_thermal_model             ? 
_refine.B_iso_mean                               39.6 
_refine.aniso_B[1][1]                            1.915 
_refine.aniso_B[1][2]                            0 
_refine.aniso_B[1][3]                            0 
_refine.aniso_B[2][2]                            -7.148 
_refine.aniso_B[2][3]                            0 
_refine.aniso_B[3][3]                            5.23 
_refine.details                                  ? 
_refine.B_iso_min                                ? 
_refine.B_iso_max                                ? 
_refine.correlation_coeff_Fo_to_Fc               ? 
_refine.correlation_coeff_Fo_to_Fc_free          ? 
_refine.pdbx_solvent_vdw_probe_radii             ? 
_refine.pdbx_solvent_ion_probe_radii             ? 
_refine.pdbx_solvent_shrinkage_radii             ? 
_refine.overall_SU_R_Cruickshank_DPI             ? 
_refine.overall_SU_R_free                        ? 
_refine.overall_SU_B                             ? 
_refine.overall_SU_ML                            ? 
_refine.pdbx_overall_ESU_R                       ? 
_refine.pdbx_overall_ESU_R_Free                  ? 
_refine.pdbx_data_cutoff_high_rms_absF           ? 
_refine.pdbx_refine_id                           'X-RAY DIFFRACTION' 
_refine.pdbx_diffrn_id                           1 
_refine.pdbx_TLS_residual_ADP_flag               ? 
_refine.pdbx_overall_phase_error                 ? 
_refine.pdbx_overall_SU_R_free_Cruickshank_DPI   ? 
_refine.pdbx_overall_SU_R_Blow_DPI               ? 
_refine.pdbx_overall_SU_R_free_Blow_DPI          ? 
# 
_refine_analyze.entry_id                        1SDO 
_refine_analyze.Luzzati_coordinate_error_obs    0.25 
_refine_analyze.Luzzati_sigma_a_obs             0.10 
_refine_analyze.Luzzati_d_res_low_obs           1.85 
_refine_analyze.Luzzati_coordinate_error_free   0.28 
_refine_analyze.Luzzati_sigma_a_free            0.15 
_refine_analyze.Luzzati_d_res_low_free          ? 
_refine_analyze.number_disordered_residues      ? 
_refine_analyze.occupancy_sum_non_hydrogen      ? 
_refine_analyze.occupancy_sum_hydrogen          ? 
_refine_analyze.pdbx_Luzzati_d_res_high_obs     ? 
_refine_analyze.pdbx_refine_id                  'X-RAY DIFFRACTION' 
# 
_refine_hist.pdbx_refine_id                   'X-RAY DIFFRACTION' 
_refine_hist.cycle_id                         LAST 
_refine_hist.pdbx_number_atoms_protein        1547 
_refine_hist.pdbx_number_atoms_nucleic_acid   0 
_refine_hist.pdbx_number_atoms_ligand         0 
_refine_hist.number_atoms_solvent             90 
_refine_hist.number_atoms_total               1637 
_refine_hist.d_res_high                       1.85 
_refine_hist.d_res_low                        50 
# 
loop_
_refine_ls_restr.type 
_refine_ls_restr.dev_ideal 
_refine_ls_restr.dev_ideal_target 
_refine_ls_restr.weight 
_refine_ls_restr.number 
_refine_ls_restr.pdbx_refine_id 
_refine_ls_restr.pdbx_restraint_function 
c_angle_d          0.00709 ? ? ? 'X-RAY DIFFRACTION' ? 
c_angle_deg        1.2909  ? ? ? 'X-RAY DIFFRACTION' ? 
c_dihedral_angle_d 21.93   ? ? ? 'X-RAY DIFFRACTION' ? 
c_improper_angle_d 0.829   ? ? ? 'X-RAY DIFFRACTION' ? 
# 
_struct.entry_id                  1SDO 
_struct.title                     'Crystal Structure of Restriction Endonuclease BstYI' 
_struct.pdbx_model_details        ? 
_struct.pdbx_CASP_flag            ? 
_struct.pdbx_model_type_details   ? 
# 
_struct_keywords.entry_id        1SDO 
_struct_keywords.pdbx_keywords   HYDROLASE 
_struct_keywords.text            'Restriction Endonuclease, hydrolase' 
# 
loop_
_struct_asym.id 
_struct_asym.pdbx_blank_PDB_chainid_flag 
_struct_asym.pdbx_modified 
_struct_asym.entity_id 
_struct_asym.details 
A N N 1 ? 
B N N 2 ? 
# 
_struct_ref.id                         1 
_struct_ref.db_name                    UNP 
_struct_ref.db_code                    Q84AF2_BACST 
_struct_ref.pdbx_db_accession          Q84AF2 
_struct_ref.entity_id                  1 
_struct_ref.pdbx_seq_one_letter_code   
;MRIVEVYSHLNGLEYIQVHLPHIWEEIQEIIVSIDAEACRTKESKEKTKQGQILYSPVALNEAFKEKLEAKGWKESRTNY
YVTADPKLIRETLSLEPEEQKKVIEAAGKEALKSYNQTDFVKDRVAIEVQFGKYSFVAYDLFVKHMAFYVSDKIDVGVEI
LPMKELSKEMSSGISYYEGELYNVIRQGRGVPAVPLVLIGIAP
;
_struct_ref.pdbx_align_begin           1 
_struct_ref.pdbx_db_isoform            ? 
# 
_struct_ref_seq.align_id                      1 
_struct_ref_seq.ref_id                        1 
_struct_ref_seq.pdbx_PDB_id_code              1SDO 
_struct_ref_seq.pdbx_strand_id                A 
_struct_ref_seq.seq_align_beg                 1 
_struct_ref_seq.pdbx_seq_align_beg_ins_code   ? 
_struct_ref_seq.seq_align_end                 203 
_struct_ref_seq.pdbx_seq_align_end_ins_code   ? 
_struct_ref_seq.pdbx_db_accession             Q84AF2 
_struct_ref_seq.db_align_beg                  1 
_struct_ref_seq.pdbx_db_align_beg_ins_code    ? 
_struct_ref_seq.db_align_end                  203 
_struct_ref_seq.pdbx_db_align_end_ins_code    ? 
_struct_ref_seq.pdbx_auth_seq_align_beg       1 
_struct_ref_seq.pdbx_auth_seq_align_end       203 
# 
_pdbx_struct_assembly.id                   1 
_pdbx_struct_assembly.details              author_defined_assembly 
_pdbx_struct_assembly.method_details       ? 
_pdbx_struct_assembly.oligomeric_details   dimeric 
_pdbx_struct_assembly.oligomeric_count     2 
# 
_pdbx_struct_assembly_gen.assembly_id       1 
_pdbx_struct_assembly_gen.oper_expression   1,2 
_pdbx_struct_assembly_gen.asym_id_list      A,B 
# 
loop_
_pdbx_struct_oper_list.id 
_pdbx_struct_oper_list.type 
_pdbx_struct_oper_list.name 
_pdbx_struct_oper_list.symmetry_operation 
_pdbx_struct_oper_list.matrix[1][1] 
_pdbx_struct_oper_list.matrix[1][2] 
_pdbx_struct_oper_list.matrix[1][3] 
_pdbx_struct_oper_list.vector[1] 
_pdbx_struct_oper_list.matrix[2][1] 
_pdbx_struct_oper_list.matrix[2][2] 
_pdbx_struct_oper_list.matrix[2][3] 
_pdbx_struct_oper_list.vector[2] 
_pdbx_struct_oper_list.matrix[3][1] 
_pdbx_struct_oper_list.matrix[3][2] 
_pdbx_struct_oper_list.matrix[3][3] 
_pdbx_struct_oper_list.vector[3] 
1 'identity operation'         1_555 x,y,z       1.0000000000 0.0000000000  0.0000000000  0.0000000000  0.0000000000  1.0000000000  0.0000000000 0.0000000000 0.0000000000  0.0000000000 1.0000000000  0.0000000000   
2 'crystal symmetry operation' 3_656 -x+1,y,-z+1 0.8518243019 -0.4442230611 -0.2775990467 -3.3479741171 -0.4442230611 -0.8934379855 0.0665915758 0.3234379636 -0.2775990467 0.0665915758 -0.9583863163 -22.8514417095 
# 
_struct_biol.id                    1 
_struct_biol.details               
;This entry contains the crystallographic asymmetric unit which consists of a monomer (1 chain). The biological dimer is generated by the operations:  
Rotation Matrix  
-1.00000  0.00002  0.00000 
 0.00002  1.00000 -0.00004 
 0.00000 -0.00004 -1.00000  
Translation 
69.89  0.0094  78.9707
;
_struct_biol.pdbx_parent_biol_id   ? 
# 
loop_
_struct_conf.conf_type_id 
_struct_conf.id 
_struct_conf.pdbx_PDB_helix_id 
_struct_conf.beg_label_comp_id 
_struct_conf.beg_label_asym_id 
_struct_conf.beg_label_seq_id 
_struct_conf.pdbx_beg_PDB_ins_code 
_struct_conf.end_label_comp_id 
_struct_conf.end_label_asym_id 
_struct_conf.end_label_seq_id 
_struct_conf.pdbx_end_PDB_ins_code 
_struct_conf.beg_auth_comp_id 
_struct_conf.beg_auth_asym_id 
_struct_conf.beg_auth_seq_id 
_struct_conf.end_auth_comp_id 
_struct_conf.end_auth_asym_id 
_struct_conf.end_auth_seq_id 
_struct_conf.pdbx_PDB_helix_class 
_struct_conf.details 
_struct_conf.pdbx_PDB_helix_length 
HELX_P HELX_P1  1  ASN A 11  ? LEU A 20  ? ASN A 11  LEU A 20  1 ? 10 
HELX_P HELX_P2  2  LEU A 20  ? ILE A 34  ? LEU A 20  ILE A 34  1 ? 15 
HELX_P HELX_P3  3  ASP A 35  ? ARG A 40  ? ASP A 35  ARG A 40  5 ? 6  
HELX_P HELX_P4  4  SER A 56  ? LYS A 71  ? SER A 56  LYS A 71  1 ? 16 
HELX_P HELX_P5  5  ASP A 85  ? LEU A 93  ? ASP A 85  LEU A 93  1 ? 9  
HELX_P HELX_P6  6  GLU A 96  ? ALA A 107 ? GLU A 96  ALA A 107 1 ? 12 
HELX_P HELX_P7  7  LYS A 133 ? VAL A 143 ? LYS A 133 VAL A 143 1 ? 11 
HELX_P HELX_P8  8  VAL A 143 ? SER A 151 ? VAL A 143 SER A 151 1 ? 9  
HELX_P HELX_P9  9  MET A 163 ? LYS A 168 ? MET A 163 LYS A 168 1 ? 6  
HELX_P HELX_P10 10 TYR A 176 ? ARG A 186 ? TYR A 176 ARG A 186 1 ? 11 
# 
_struct_conf_type.id          HELX_P 
_struct_conf_type.criteria    ? 
_struct_conf_type.reference   ? 
# 
_struct_mon_prot_cis.pdbx_id                1 
_struct_mon_prot_cis.label_comp_id          VAL 
_struct_mon_prot_cis.label_seq_id           191 
_struct_mon_prot_cis.label_asym_id          A 
_struct_mon_prot_cis.label_alt_id           . 
_struct_mon_prot_cis.pdbx_PDB_ins_code      ? 
_struct_mon_prot_cis.auth_comp_id           VAL 
_struct_mon_prot_cis.auth_seq_id            191 
_struct_mon_prot_cis.auth_asym_id           A 
_struct_mon_prot_cis.pdbx_label_comp_id_2   PRO 
_struct_mon_prot_cis.pdbx_label_seq_id_2    192 
_struct_mon_prot_cis.pdbx_label_asym_id_2   A 
_struct_mon_prot_cis.pdbx_PDB_ins_code_2    ? 
_struct_mon_prot_cis.pdbx_auth_comp_id_2    PRO 
_struct_mon_prot_cis.pdbx_auth_seq_id_2     192 
_struct_mon_prot_cis.pdbx_auth_asym_id_2    A 
_struct_mon_prot_cis.pdbx_PDB_model_num     1 
_struct_mon_prot_cis.pdbx_omega_angle       0.08 
# 
_struct_sheet.id               A 
_struct_sheet.type             ? 
_struct_sheet.number_strands   6 
_struct_sheet.details          ? 
# 
loop_
_struct_sheet_order.sheet_id 
_struct_sheet_order.range_id_1 
_struct_sheet_order.range_id_2 
_struct_sheet_order.offset 
_struct_sheet_order.sense 
A 1 2 ? anti-parallel 
A 2 3 ? parallel      
A 3 4 ? parallel      
A 4 5 ? anti-parallel 
A 5 6 ? anti-parallel 
# 
loop_
_struct_sheet_range.sheet_id 
_struct_sheet_range.id 
_struct_sheet_range.beg_label_comp_id 
_struct_sheet_range.beg_label_asym_id 
_struct_sheet_range.beg_label_seq_id 
_struct_sheet_range.pdbx_beg_PDB_ins_code 
_struct_sheet_range.end_label_comp_id 
_struct_sheet_range.end_label_asym_id 
_struct_sheet_range.end_label_seq_id 
_struct_sheet_range.pdbx_end_PDB_ins_code 
_struct_sheet_range.beg_auth_comp_id 
_struct_sheet_range.beg_auth_asym_id 
_struct_sheet_range.beg_auth_seq_id 
_struct_sheet_range.end_auth_comp_id 
_struct_sheet_range.end_auth_asym_id 
_struct_sheet_range.end_auth_seq_id 
A 1 ARG A 2   ? HIS A 9   ? ARG A 2   HIS A 9   
A 2 LEU A 196 ? ALA A 202 ? LEU A 196 ALA A 202 
A 3 VAL A 156 ? PRO A 162 ? VAL A 156 PRO A 162 
A 4 VAL A 125 ? VAL A 129 ? VAL A 125 VAL A 129 
A 5 LEU A 112 ? LYS A 122 ? LEU A 112 LYS A 122 
A 6 LYS A 74  ? VAL A 82  ? LYS A 74  VAL A 82  
# 
loop_
_pdbx_struct_sheet_hbond.sheet_id 
_pdbx_struct_sheet_hbond.range_id_1 
_pdbx_struct_sheet_hbond.range_id_2 
_pdbx_struct_sheet_hbond.range_1_label_atom_id 
_pdbx_struct_sheet_hbond.range_1_label_comp_id 
_pdbx_struct_sheet_hbond.range_1_label_asym_id 
_pdbx_struct_sheet_hbond.range_1_label_seq_id 
_pdbx_struct_sheet_hbond.range_1_PDB_ins_code 
_pdbx_struct_sheet_hbond.range_1_auth_atom_id 
_pdbx_struct_sheet_hbond.range_1_auth_comp_id 
_pdbx_struct_sheet_hbond.range_1_auth_asym_id 
_pdbx_struct_sheet_hbond.range_1_auth_seq_id 
_pdbx_struct_sheet_hbond.range_2_label_atom_id 
_pdbx_struct_sheet_hbond.range_2_label_comp_id 
_pdbx_struct_sheet_hbond.range_2_label_asym_id 
_pdbx_struct_sheet_hbond.range_2_label_seq_id 
_pdbx_struct_sheet_hbond.range_2_PDB_ins_code 
_pdbx_struct_sheet_hbond.range_2_auth_atom_id 
_pdbx_struct_sheet_hbond.range_2_auth_comp_id 
_pdbx_struct_sheet_hbond.range_2_auth_asym_id 
_pdbx_struct_sheet_hbond.range_2_auth_seq_id 
A 1 2 N HIS A 9   ? N HIS A 9   O LEU A 196 ? O LEU A 196 
A 2 3 O ILE A 199 ? O ILE A 199 N LEU A 161 ? N LEU A 161 
A 3 4 O ILE A 160 ? O ILE A 160 N GLU A 128 ? N GLU A 128 
A 4 5 O ILE A 127 ? O ILE A 127 N PHE A 120 ? N PHE A 120 
A 5 6 O LEU A 112 ? O LEU A 112 N VAL A 82  ? N VAL A 82  
# 
_pdbx_validate_torsion.id              1 
_pdbx_validate_torsion.PDB_model_num   1 
_pdbx_validate_torsion.auth_comp_id    ARG 
_pdbx_validate_torsion.auth_asym_id    A 
_pdbx_validate_torsion.auth_seq_id     40 
_pdbx_validate_torsion.PDB_ins_code    ? 
_pdbx_validate_torsion.label_alt_id    ? 
_pdbx_validate_torsion.phi             -79.64 
_pdbx_validate_torsion.psi             49.46 
# 
loop_
_pdbx_unobs_or_zero_occ_residues.id 
_pdbx_unobs_or_zero_occ_residues.PDB_model_num 
_pdbx_unobs_or_zero_occ_residues.polymer_flag 
_pdbx_unobs_or_zero_occ_residues.occupancy_flag 
_pdbx_unobs_or_zero_occ_residues.auth_asym_id 
_pdbx_unobs_or_zero_occ_residues.auth_comp_id 
_pdbx_unobs_or_zero_occ_residues.auth_seq_id 
_pdbx_unobs_or_zero_occ_residues.PDB_ins_code 
_pdbx_unobs_or_zero_occ_residues.label_asym_id 
_pdbx_unobs_or_zero_occ_residues.label_comp_id 
_pdbx_unobs_or_zero_occ_residues.label_seq_id 
1  1 Y 1 A LYS 42 ? A LYS 42 
2  1 Y 1 A GLU 43 ? A GLU 43 
3  1 Y 1 A SER 44 ? A SER 44 
4  1 Y 1 A LYS 45 ? A LYS 45 
5  1 Y 1 A GLU 46 ? A GLU 46 
6  1 Y 1 A LYS 47 ? A LYS 47 
7  1 Y 1 A THR 48 ? A THR 48 
8  1 Y 1 A LYS 49 ? A LYS 49 
9  1 Y 1 A GLN 50 ? A GLN 50 
10 1 Y 1 A GLY 51 ? A GLY 51 
11 1 Y 1 A GLN 52 ? A GLN 52 
# 
loop_
_chem_comp_atom.comp_id 
_chem_comp_atom.atom_id 
_chem_comp_atom.type_symbol 
_chem_comp_atom.pdbx_aromatic_flag 
_chem_comp_atom.pdbx_stereo_config 
_chem_comp_atom.pdbx_ordinal 
ALA N    N N N 1   
ALA CA   C N S 2   
ALA C    C N N 3   
ALA O    O N N 4   
ALA CB   C N N 5   
ALA OXT  O N N 6   
ALA H    H N N 7   
ALA H2   H N N 8   
ALA HA   H N N 9   
ALA HB1  H N N 10  
ALA HB2  H N N 11  
ALA HB3  H N N 12  
ALA HXT  H N N 13  
ARG N    N N N 14  
ARG CA   C N S 15  
ARG C    C N N 16  
ARG O    O N N 17  
ARG CB   C N N 18  
ARG CG   C N N 19  
ARG CD   C N N 20  
ARG NE   N N N 21  
ARG CZ   C N N 22  
ARG NH1  N N N 23  
ARG NH2  N N N 24  
ARG OXT  O N N 25  
ARG H    H N N 26  
ARG H2   H N N 27  
ARG HA   H N N 28  
ARG HB2  H N N 29  
ARG HB3  H N N 30  
ARG HG2  H N N 31  
ARG HG3  H N N 32  
ARG HD2  H N N 33  
ARG HD3  H N N 34  
ARG HE   H N N 35  
ARG HH11 H N N 36  
ARG HH12 H N N 37  
ARG HH21 H N N 38  
ARG HH22 H N N 39  
ARG HXT  H N N 40  
ASN N    N N N 41  
ASN CA   C N S 42  
ASN C    C N N 43  
ASN O    O N N 44  
ASN CB   C N N 45  
ASN CG   C N N 46  
ASN OD1  O N N 47  
ASN ND2  N N N 48  
ASN OXT  O N N 49  
ASN H    H N N 50  
ASN H2   H N N 51  
ASN HA   H N N 52  
ASN HB2  H N N 53  
ASN HB3  H N N 54  
ASN HD21 H N N 55  
ASN HD22 H N N 56  
ASN HXT  H N N 57  
ASP N    N N N 58  
ASP CA   C N S 59  
ASP C    C N N 60  
ASP O    O N N 61  
ASP CB   C N N 62  
ASP CG   C N N 63  
ASP OD1  O N N 64  
ASP OD2  O N N 65  
ASP OXT  O N N 66  
ASP H    H N N 67  
ASP H2   H N N 68  
ASP HA   H N N 69  
ASP HB2  H N N 70  
ASP HB3  H N N 71  
ASP HD2  H N N 72  
ASP HXT  H N N 73  
CYS N    N N N 74  
CYS CA   C N R 75  
CYS C    C N N 76  
CYS O    O N N 77  
CYS CB   C N N 78  
CYS SG   S N N 79  
CYS OXT  O N N 80  
CYS H    H N N 81  
CYS H2   H N N 82  
CYS HA   H N N 83  
CYS HB2  H N N 84  
CYS HB3  H N N 85  
CYS HG   H N N 86  
CYS HXT  H N N 87  
GLN N    N N N 88  
GLN CA   C N S 89  
GLN C    C N N 90  
GLN O    O N N 91  
GLN CB   C N N 92  
GLN CG   C N N 93  
GLN CD   C N N 94  
GLN OE1  O N N 95  
GLN NE2  N N N 96  
GLN OXT  O N N 97  
GLN H    H N N 98  
GLN H2   H N N 99  
GLN HA   H N N 100 
GLN HB2  H N N 101 
GLN HB3  H N N 102 
GLN HG2  H N N 103 
GLN HG3  H N N 104 
GLN HE21 H N N 105 
GLN HE22 H N N 106 
GLN HXT  H N N 107 
GLU N    N N N 108 
GLU CA   C N S 109 
GLU C    C N N 110 
GLU O    O N N 111 
GLU CB   C N N 112 
GLU CG   C N N 113 
GLU CD   C N N 114 
GLU OE1  O N N 115 
GLU OE2  O N N 116 
GLU OXT  O N N 117 
GLU H    H N N 118 
GLU H2   H N N 119 
GLU HA   H N N 120 
GLU HB2  H N N 121 
GLU HB3  H N N 122 
GLU HG2  H N N 123 
GLU HG3  H N N 124 
GLU HE2  H N N 125 
GLU HXT  H N N 126 
GLY N    N N N 127 
GLY CA   C N N 128 
GLY C    C N N 129 
GLY O    O N N 130 
GLY OXT  O N N 131 
GLY H    H N N 132 
GLY H2   H N N 133 
GLY HA2  H N N 134 
GLY HA3  H N N 135 
GLY HXT  H N N 136 
HIS N    N N N 137 
HIS CA   C N S 138 
HIS C    C N N 139 
HIS O    O N N 140 
HIS CB   C N N 141 
HIS CG   C Y N 142 
HIS ND1  N Y N 143 
HIS CD2  C Y N 144 
HIS CE1  C Y N 145 
HIS NE2  N Y N 146 
HIS OXT  O N N 147 
HIS H    H N N 148 
HIS H2   H N N 149 
HIS HA   H N N 150 
HIS HB2  H N N 151 
HIS HB3  H N N 152 
HIS HD1  H N N 153 
HIS HD2  H N N 154 
HIS HE1  H N N 155 
HIS HE2  H N N 156 
HIS HXT  H N N 157 
HOH O    O N N 158 
HOH H1   H N N 159 
HOH H2   H N N 160 
ILE N    N N N 161 
ILE CA   C N S 162 
ILE C    C N N 163 
ILE O    O N N 164 
ILE CB   C N S 165 
ILE CG1  C N N 166 
ILE CG2  C N N 167 
ILE CD1  C N N 168 
ILE OXT  O N N 169 
ILE H    H N N 170 
ILE H2   H N N 171 
ILE HA   H N N 172 
ILE HB   H N N 173 
ILE HG12 H N N 174 
ILE HG13 H N N 175 
ILE HG21 H N N 176 
ILE HG22 H N N 177 
ILE HG23 H N N 178 
ILE HD11 H N N 179 
ILE HD12 H N N 180 
ILE HD13 H N N 181 
ILE HXT  H N N 182 
LEU N    N N N 183 
LEU CA   C N S 184 
LEU C    C N N 185 
LEU O    O N N 186 
LEU CB   C N N 187 
LEU CG   C N N 188 
LEU CD1  C N N 189 
LEU CD2  C N N 190 
LEU OXT  O N N 191 
LEU H    H N N 192 
LEU H2   H N N 193 
LEU HA   H N N 194 
LEU HB2  H N N 195 
LEU HB3  H N N 196 
LEU HG   H N N 197 
LEU HD11 H N N 198 
LEU HD12 H N N 199 
LEU HD13 H N N 200 
LEU HD21 H N N 201 
LEU HD22 H N N 202 
LEU HD23 H N N 203 
LEU HXT  H N N 204 
LYS N    N N N 205 
LYS CA   C N S 206 
LYS C    C N N 207 
LYS O    O N N 208 
LYS CB   C N N 209 
LYS CG   C N N 210 
LYS CD   C N N 211 
LYS CE   C N N 212 
LYS NZ   N N N 213 
LYS OXT  O N N 214 
LYS H    H N N 215 
LYS H2   H N N 216 
LYS HA   H N N 217 
LYS HB2  H N N 218 
LYS HB3  H N N 219 
LYS HG2  H N N 220 
LYS HG3  H N N 221 
LYS HD2  H N N 222 
LYS HD3  H N N 223 
LYS HE2  H N N 224 
LYS HE3  H N N 225 
LYS HZ1  H N N 226 
LYS HZ2  H N N 227 
LYS HZ3  H N N 228 
LYS HXT  H N N 229 
MET N    N N N 230 
MET CA   C N S 231 
MET C    C N N 232 
MET O    O N N 233 
MET CB   C N N 234 
MET CG   C N N 235 
MET SD   S N N 236 
MET CE   C N N 237 
MET OXT  O N N 238 
MET H    H N N 239 
MET H2   H N N 240 
MET HA   H N N 241 
MET HB2  H N N 242 
MET HB3  H N N 243 
MET HG2  H N N 244 
MET HG3  H N N 245 
MET HE1  H N N 246 
MET HE2  H N N 247 
MET HE3  H N N 248 
MET HXT  H N N 249 
PHE N    N N N 250 
PHE CA   C N S 251 
PHE C    C N N 252 
PHE O    O N N 253 
PHE CB   C N N 254 
PHE CG   C Y N 255 
PHE CD1  C Y N 256 
PHE CD2  C Y N 257 
PHE CE1  C Y N 258 
PHE CE2  C Y N 259 
PHE CZ   C Y N 260 
PHE OXT  O N N 261 
PHE H    H N N 262 
PHE H2   H N N 263 
PHE HA   H N N 264 
PHE HB2  H N N 265 
PHE HB3  H N N 266 
PHE HD1  H N N 267 
PHE HD2  H N N 268 
PHE HE1  H N N 269 
PHE HE2  H N N 270 
PHE HZ   H N N 271 
PHE HXT  H N N 272 
PRO N    N N N 273 
PRO CA   C N S 274 
PRO C    C N N 275 
PRO O    O N N 276 
PRO CB   C N N 277 
PRO CG   C N N 278 
PRO CD   C N N 279 
PRO OXT  O N N 280 
PRO H    H N N 281 
PRO HA   H N N 282 
PRO HB2  H N N 283 
PRO HB3  H N N 284 
PRO HG2  H N N 285 
PRO HG3  H N N 286 
PRO HD2  H N N 287 
PRO HD3  H N N 288 
PRO HXT  H N N 289 
SER N    N N N 290 
SER CA   C N S 291 
SER C    C N N 292 
SER O    O N N 293 
SER CB   C N N 294 
SER OG   O N N 295 
SER OXT  O N N 296 
SER H    H N N 297 
SER H2   H N N 298 
SER HA   H N N 299 
SER HB2  H N N 300 
SER HB3  H N N 301 
SER HG   H N N 302 
SER HXT  H N N 303 
THR N    N N N 304 
THR CA   C N S 305 
THR C    C N N 306 
THR O    O N N 307 
THR CB   C N R 308 
THR OG1  O N N 309 
THR CG2  C N N 310 
THR OXT  O N N 311 
THR H    H N N 312 
THR H2   H N N 313 
THR HA   H N N 314 
THR HB   H N N 315 
THR HG1  H N N 316 
THR HG21 H N N 317 
THR HG22 H N N 318 
THR HG23 H N N 319 
THR HXT  H N N 320 
TRP N    N N N 321 
TRP CA   C N S 322 
TRP C    C N N 323 
TRP O    O N N 324 
TRP CB   C N N 325 
TRP CG   C Y N 326 
TRP CD1  C Y N 327 
TRP CD2  C Y N 328 
TRP NE1  N Y N 329 
TRP CE2  C Y N 330 
TRP CE3  C Y N 331 
TRP CZ2  C Y N 332 
TRP CZ3  C Y N 333 
TRP CH2  C Y N 334 
TRP OXT  O N N 335 
TRP H    H N N 336 
TRP H2   H N N 337 
TRP HA   H N N 338 
TRP HB2  H N N 339 
TRP HB3  H N N 340 
TRP HD1  H N N 341 
TRP HE1  H N N 342 
TRP HE3  H N N 343 
TRP HZ2  H N N 344 
TRP HZ3  H N N 345 
TRP HH2  H N N 346 
TRP HXT  H N N 347 
TYR N    N N N 348 
TYR CA   C N S 349 
TYR C    C N N 350 
TYR O    O N N 351 
TYR CB   C N N 352 
TYR CG   C Y N 353 
TYR CD1  C Y N 354 
TYR CD2  C Y N 355 
TYR CE1  C Y N 356 
TYR CE2  C Y N 357 
TYR CZ   C Y N 358 
TYR OH   O N N 359 
TYR OXT  O N N 360 
TYR H    H N N 361 
TYR H2   H N N 362 
TYR HA   H N N 363 
TYR HB2  H N N 364 
TYR HB3  H N N 365 
TYR HD1  H N N 366 
TYR HD2  H N N 367 
TYR HE1  H N N 368 
TYR HE2  H N N 369 
TYR HH   H N N 370 
TYR HXT  H N N 371 
VAL N    N N N 372 
VAL CA   C N S 373 
VAL C    C N N 374 
VAL O    O N N 375 
VAL CB   C N N 376 
VAL CG1  C N N 377 
VAL CG2  C N N 378 
VAL OXT  O N N 379 
VAL H    H N N 380 
VAL H2   H N N 381 
VAL HA   H N N 382 
VAL HB   H N N 383 
VAL HG11 H N N 384 
VAL HG12 H N N 385 
VAL HG13 H N N 386 
VAL HG21 H N N 387 
VAL HG22 H N N 388 
VAL HG23 H N N 389 
VAL HXT  H N N 390 
# 
loop_
_chem_comp_bond.comp_id 
_chem_comp_bond.atom_id_1 
_chem_comp_bond.atom_id_2 
_chem_comp_bond.value_order 
_chem_comp_bond.pdbx_aromatic_flag 
_chem_comp_bond.pdbx_stereo_config 
_chem_comp_bond.pdbx_ordinal 
ALA N   CA   sing N N 1   
ALA N   H    sing N N 2   
ALA N   H2   sing N N 3   
ALA CA  C    sing N N 4   
ALA CA  CB   sing N N 5   
ALA CA  HA   sing N N 6   
ALA C   O    doub N N 7   
ALA C   OXT  sing N N 8   
ALA CB  HB1  sing N N 9   
ALA CB  HB2  sing N N 10  
ALA CB  HB3  sing N N 11  
ALA OXT HXT  sing N N 12  
ARG N   CA   sing N N 13  
ARG N   H    sing N N 14  
ARG N   H2   sing N N 15  
ARG CA  C    sing N N 16  
ARG CA  CB   sing N N 17  
ARG CA  HA   sing N N 18  
ARG C   O    doub N N 19  
ARG C   OXT  sing N N 20  
ARG CB  CG   sing N N 21  
ARG CB  HB2  sing N N 22  
ARG CB  HB3  sing N N 23  
ARG CG  CD   sing N N 24  
ARG CG  HG2  sing N N 25  
ARG CG  HG3  sing N N 26  
ARG CD  NE   sing N N 27  
ARG CD  HD2  sing N N 28  
ARG CD  HD3  sing N N 29  
ARG NE  CZ   sing N N 30  
ARG NE  HE   sing N N 31  
ARG CZ  NH1  sing N N 32  
ARG CZ  NH2  doub N N 33  
ARG NH1 HH11 sing N N 34  
ARG NH1 HH12 sing N N 35  
ARG NH2 HH21 sing N N 36  
ARG NH2 HH22 sing N N 37  
ARG OXT HXT  sing N N 38  
ASN N   CA   sing N N 39  
ASN N   H    sing N N 40  
ASN N   H2   sing N N 41  
ASN CA  C    sing N N 42  
ASN CA  CB   sing N N 43  
ASN CA  HA   sing N N 44  
ASN C   O    doub N N 45  
ASN C   OXT  sing N N 46  
ASN CB  CG   sing N N 47  
ASN CB  HB2  sing N N 48  
ASN CB  HB3  sing N N 49  
ASN CG  OD1  doub N N 50  
ASN CG  ND2  sing N N 51  
ASN ND2 HD21 sing N N 52  
ASN ND2 HD22 sing N N 53  
ASN OXT HXT  sing N N 54  
ASP N   CA   sing N N 55  
ASP N   H    sing N N 56  
ASP N   H2   sing N N 57  
ASP CA  C    sing N N 58  
ASP CA  CB   sing N N 59  
ASP CA  HA   sing N N 60  
ASP C   O    doub N N 61  
ASP C   OXT  sing N N 62  
ASP CB  CG   sing N N 63  
ASP CB  HB2  sing N N 64  
ASP CB  HB3  sing N N 65  
ASP CG  OD1  doub N N 66  
ASP CG  OD2  sing N N 67  
ASP OD2 HD2  sing N N 68  
ASP OXT HXT  sing N N 69  
CYS N   CA   sing N N 70  
CYS N   H    sing N N 71  
CYS N   H2   sing N N 72  
CYS CA  C    sing N N 73  
CYS CA  CB   sing N N 74  
CYS CA  HA   sing N N 75  
CYS C   O    doub N N 76  
CYS C   OXT  sing N N 77  
CYS CB  SG   sing N N 78  
CYS CB  HB2  sing N N 79  
CYS CB  HB3  sing N N 80  
CYS SG  HG   sing N N 81  
CYS OXT HXT  sing N N 82  
GLN N   CA   sing N N 83  
GLN N   H    sing N N 84  
GLN N   H2   sing N N 85  
GLN CA  C    sing N N 86  
GLN CA  CB   sing N N 87  
GLN CA  HA   sing N N 88  
GLN C   O    doub N N 89  
GLN C   OXT  sing N N 90  
GLN CB  CG   sing N N 91  
GLN CB  HB2  sing N N 92  
GLN CB  HB3  sing N N 93  
GLN CG  CD   sing N N 94  
GLN CG  HG2  sing N N 95  
GLN CG  HG3  sing N N 96  
GLN CD  OE1  doub N N 97  
GLN CD  NE2  sing N N 98  
GLN NE2 HE21 sing N N 99  
GLN NE2 HE22 sing N N 100 
GLN OXT HXT  sing N N 101 
GLU N   CA   sing N N 102 
GLU N   H    sing N N 103 
GLU N   H2   sing N N 104 
GLU CA  C    sing N N 105 
GLU CA  CB   sing N N 106 
GLU CA  HA   sing N N 107 
GLU C   O    doub N N 108 
GLU C   OXT  sing N N 109 
GLU CB  CG   sing N N 110 
GLU CB  HB2  sing N N 111 
GLU CB  HB3  sing N N 112 
GLU CG  CD   sing N N 113 
GLU CG  HG2  sing N N 114 
GLU CG  HG3  sing N N 115 
GLU CD  OE1  doub N N 116 
GLU CD  OE2  sing N N 117 
GLU OE2 HE2  sing N N 118 
GLU OXT HXT  sing N N 119 
GLY N   CA   sing N N 120 
GLY N   H    sing N N 121 
GLY N   H2   sing N N 122 
GLY CA  C    sing N N 123 
GLY CA  HA2  sing N N 124 
GLY CA  HA3  sing N N 125 
GLY C   O    doub N N 126 
GLY C   OXT  sing N N 127 
GLY OXT HXT  sing N N 128 
HIS N   CA   sing N N 129 
HIS N   H    sing N N 130 
HIS N   H2   sing N N 131 
HIS CA  C    sing N N 132 
HIS CA  CB   sing N N 133 
HIS CA  HA   sing N N 134 
HIS C   O    doub N N 135 
HIS C   OXT  sing N N 136 
HIS CB  CG   sing N N 137 
HIS CB  HB2  sing N N 138 
HIS CB  HB3  sing N N 139 
HIS CG  ND1  sing Y N 140 
HIS CG  CD2  doub Y N 141 
HIS ND1 CE1  doub Y N 142 
HIS ND1 HD1  sing N N 143 
HIS CD2 NE2  sing Y N 144 
HIS CD2 HD2  sing N N 145 
HIS CE1 NE2  sing Y N 146 
HIS CE1 HE1  sing N N 147 
HIS NE2 HE2  sing N N 148 
HIS OXT HXT  sing N N 149 
HOH O   H1   sing N N 150 
HOH O   H2   sing N N 151 
ILE N   CA   sing N N 152 
ILE N   H    sing N N 153 
ILE N   H2   sing N N 154 
ILE CA  C    sing N N 155 
ILE CA  CB   sing N N 156 
ILE CA  HA   sing N N 157 
ILE C   O    doub N N 158 
ILE C   OXT  sing N N 159 
ILE CB  CG1  sing N N 160 
ILE CB  CG2  sing N N 161 
ILE CB  HB   sing N N 162 
ILE CG1 CD1  sing N N 163 
ILE CG1 HG12 sing N N 164 
ILE CG1 HG13 sing N N 165 
ILE CG2 HG21 sing N N 166 
ILE CG2 HG22 sing N N 167 
ILE CG2 HG23 sing N N 168 
ILE CD1 HD11 sing N N 169 
ILE CD1 HD12 sing N N 170 
ILE CD1 HD13 sing N N 171 
ILE OXT HXT  sing N N 172 
LEU N   CA   sing N N 173 
LEU N   H    sing N N 174 
LEU N   H2   sing N N 175 
LEU CA  C    sing N N 176 
LEU CA  CB   sing N N 177 
LEU CA  HA   sing N N 178 
LEU C   O    doub N N 179 
LEU C   OXT  sing N N 180 
LEU CB  CG   sing N N 181 
LEU CB  HB2  sing N N 182 
LEU CB  HB3  sing N N 183 
LEU CG  CD1  sing N N 184 
LEU CG  CD2  sing N N 185 
LEU CG  HG   sing N N 186 
LEU CD1 HD11 sing N N 187 
LEU CD1 HD12 sing N N 188 
LEU CD1 HD13 sing N N 189 
LEU CD2 HD21 sing N N 190 
LEU CD2 HD22 sing N N 191 
LEU CD2 HD23 sing N N 192 
LEU OXT HXT  sing N N 193 
LYS N   CA   sing N N 194 
LYS N   H    sing N N 195 
LYS N   H2   sing N N 196 
LYS CA  C    sing N N 197 
LYS CA  CB   sing N N 198 
LYS CA  HA   sing N N 199 
LYS C   O    doub N N 200 
LYS C   OXT  sing N N 201 
LYS CB  CG   sing N N 202 
LYS CB  HB2  sing N N 203 
LYS CB  HB3  sing N N 204 
LYS CG  CD   sing N N 205 
LYS CG  HG2  sing N N 206 
LYS CG  HG3  sing N N 207 
LYS CD  CE   sing N N 208 
LYS CD  HD2  sing N N 209 
LYS CD  HD3  sing N N 210 
LYS CE  NZ   sing N N 211 
LYS CE  HE2  sing N N 212 
LYS CE  HE3  sing N N 213 
LYS NZ  HZ1  sing N N 214 
LYS NZ  HZ2  sing N N 215 
LYS NZ  HZ3  sing N N 216 
LYS OXT HXT  sing N N 217 
MET N   CA   sing N N 218 
MET N   H    sing N N 219 
MET N   H2   sing N N 220 
MET CA  C    sing N N 221 
MET CA  CB   sing N N 222 
MET CA  HA   sing N N 223 
MET C   O    doub N N 224 
MET C   OXT  sing N N 225 
MET CB  CG   sing N N 226 
MET CB  HB2  sing N N 227 
MET CB  HB3  sing N N 228 
MET CG  SD   sing N N 229 
MET CG  HG2  sing N N 230 
MET CG  HG3  sing N N 231 
MET SD  CE   sing N N 232 
MET CE  HE1  sing N N 233 
MET CE  HE2  sing N N 234 
MET CE  HE3  sing N N 235 
MET OXT HXT  sing N N 236 
PHE N   CA   sing N N 237 
PHE N   H    sing N N 238 
PHE N   H2   sing N N 239 
PHE CA  C    sing N N 240 
PHE CA  CB   sing N N 241 
PHE CA  HA   sing N N 242 
PHE C   O    doub N N 243 
PHE C   OXT  sing N N 244 
PHE CB  CG   sing N N 245 
PHE CB  HB2  sing N N 246 
PHE CB  HB3  sing N N 247 
PHE CG  CD1  doub Y N 248 
PHE CG  CD2  sing Y N 249 
PHE CD1 CE1  sing Y N 250 
PHE CD1 HD1  sing N N 251 
PHE CD2 CE2  doub Y N 252 
PHE CD2 HD2  sing N N 253 
PHE CE1 CZ   doub Y N 254 
PHE CE1 HE1  sing N N 255 
PHE CE2 CZ   sing Y N 256 
PHE CE2 HE2  sing N N 257 
PHE CZ  HZ   sing N N 258 
PHE OXT HXT  sing N N 259 
PRO N   CA   sing N N 260 
PRO N   CD   sing N N 261 
PRO N   H    sing N N 262 
PRO CA  C    sing N N 263 
PRO CA  CB   sing N N 264 
PRO CA  HA   sing N N 265 
PRO C   O    doub N N 266 
PRO C   OXT  sing N N 267 
PRO CB  CG   sing N N 268 
PRO CB  HB2  sing N N 269 
PRO CB  HB3  sing N N 270 
PRO CG  CD   sing N N 271 
PRO CG  HG2  sing N N 272 
PRO CG  HG3  sing N N 273 
PRO CD  HD2  sing N N 274 
PRO CD  HD3  sing N N 275 
PRO OXT HXT  sing N N 276 
SER N   CA   sing N N 277 
SER N   H    sing N N 278 
SER N   H2   sing N N 279 
SER CA  C    sing N N 280 
SER CA  CB   sing N N 281 
SER CA  HA   sing N N 282 
SER C   O    doub N N 283 
SER C   OXT  sing N N 284 
SER CB  OG   sing N N 285 
SER CB  HB2  sing N N 286 
SER CB  HB3  sing N N 287 
SER OG  HG   sing N N 288 
SER OXT HXT  sing N N 289 
THR N   CA   sing N N 290 
THR N   H    sing N N 291 
THR N   H2   sing N N 292 
THR CA  C    sing N N 293 
THR CA  CB   sing N N 294 
THR CA  HA   sing N N 295 
THR C   O    doub N N 296 
THR C   OXT  sing N N 297 
THR CB  OG1  sing N N 298 
THR CB  CG2  sing N N 299 
THR CB  HB   sing N N 300 
THR OG1 HG1  sing N N 301 
THR CG2 HG21 sing N N 302 
THR CG2 HG22 sing N N 303 
THR CG2 HG23 sing N N 304 
THR OXT HXT  sing N N 305 
TRP N   CA   sing N N 306 
TRP N   H    sing N N 307 
TRP N   H2   sing N N 308 
TRP CA  C    sing N N 309 
TRP CA  CB   sing N N 310 
TRP CA  HA   sing N N 311 
TRP C   O    doub N N 312 
TRP C   OXT  sing N N 313 
TRP CB  CG   sing N N 314 
TRP CB  HB2  sing N N 315 
TRP CB  HB3  sing N N 316 
TRP CG  CD1  doub Y N 317 
TRP CG  CD2  sing Y N 318 
TRP CD1 NE1  sing Y N 319 
TRP CD1 HD1  sing N N 320 
TRP CD2 CE2  doub Y N 321 
TRP CD2 CE3  sing Y N 322 
TRP NE1 CE2  sing Y N 323 
TRP NE1 HE1  sing N N 324 
TRP CE2 CZ2  sing Y N 325 
TRP CE3 CZ3  doub Y N 326 
TRP CE3 HE3  sing N N 327 
TRP CZ2 CH2  doub Y N 328 
TRP CZ2 HZ2  sing N N 329 
TRP CZ3 CH2  sing Y N 330 
TRP CZ3 HZ3  sing N N 331 
TRP CH2 HH2  sing N N 332 
TRP OXT HXT  sing N N 333 
TYR N   CA   sing N N 334 
TYR N   H    sing N N 335 
TYR N   H2   sing N N 336 
TYR CA  C    sing N N 337 
TYR CA  CB   sing N N 338 
TYR CA  HA   sing N N 339 
TYR C   O    doub N N 340 
TYR C   OXT  sing N N 341 
TYR CB  CG   sing N N 342 
TYR CB  HB2  sing N N 343 
TYR CB  HB3  sing N N 344 
TYR CG  CD1  doub Y N 345 
TYR CG  CD2  sing Y N 346 
TYR CD1 CE1  sing Y N 347 
TYR CD1 HD1  sing N N 348 
TYR CD2 CE2  doub Y N 349 
TYR CD2 HD2  sing N N 350 
TYR CE1 CZ   doub Y N 351 
TYR CE1 HE1  sing N N 352 
TYR CE2 CZ   sing Y N 353 
TYR CE2 HE2  sing N N 354 
TYR CZ  OH   sing N N 355 
TYR OH  HH   sing N N 356 
TYR OXT HXT  sing N N 357 
VAL N   CA   sing N N 358 
VAL N   H    sing N N 359 
VAL N   H2   sing N N 360 
VAL CA  C    sing N N 361 
VAL CA  CB   sing N N 362 
VAL CA  HA   sing N N 363 
VAL C   O    doub N N 364 
VAL C   OXT  sing N N 365 
VAL CB  CG1  sing N N 366 
VAL CB  CG2  sing N N 367 
VAL CB  HB   sing N N 368 
VAL CG1 HG11 sing N N 369 
VAL CG1 HG12 sing N N 370 
VAL CG1 HG13 sing N N 371 
VAL CG2 HG21 sing N N 372 
VAL CG2 HG22 sing N N 373 
VAL CG2 HG23 sing N N 374 
VAL OXT HXT  sing N N 375 
# 
_atom_sites.entry_id                    1SDO 
_atom_sites.fract_transf_matrix[1][1]   -0.00262397 
_atom_sites.fract_transf_matrix[1][2]   -0.01346955 
_atom_sites.fract_transf_matrix[1][3]   0.00405029 
_atom_sites.fract_transf_matrix[2][1]   -0.01256016 
_atom_sites.fract_transf_matrix[2][2]   0.00301298 
_atom_sites.fract_transf_matrix[2][3]   0.00188284 
_atom_sites.fract_transf_matrix[3][1]   -0.00254697 
_atom_sites.fract_transf_matrix[3][2]   -0.00311430 
_atom_sites.fract_transf_matrix[3][3]   -0.01200690 
_atom_sites.fract_transf_vector[1]      0.544056 
_atom_sites.fract_transf_vector[2]      0.285809 
_atom_sites.fract_transf_vector[3]      0.359051 
# 
loop_
_atom_type.symbol 
C 
N 
O 
S 
# 
loop_
_atom_site.group_PDB 
_atom_site.id 
_atom_site.type_symbol 
_atom_site.label_atom_id 
_atom_site.label_alt_id 
_atom_site.label_comp_id 
_atom_site.label_asym_id 
_atom_site.label_entity_id 
_atom_site.label_seq_id 
_atom_site.pdbx_PDB_ins_code 
_atom_site.Cartn_x 
_atom_site.Cartn_y 
_atom_site.Cartn_z 
_atom_site.occupancy 
_atom_site.B_iso_or_equiv 
_atom_site.pdbx_formal_charge 
_atom_site.auth_seq_id 
_atom_site.auth_comp_id 
_atom_site.auth_asym_id 
_atom_site.auth_atom_id 
_atom_site.pdbx_PDB_model_num 
ATOM   1    N N   . MET A 1 1   ? 12.544  12.413  9.405   1.00 20.79 ? 1   MET A N   1 
ATOM   2    C CA  . MET A 1 1   ? 11.932  12.986  8.173   1.00 18.57 ? 1   MET A CA  1 
ATOM   3    C C   . MET A 1 1   ? 10.658  13.744  8.530   1.00 19.12 ? 1   MET A C   1 
ATOM   4    O O   . MET A 1 1   ? 10.235  13.749  9.695   1.00 20.11 ? 1   MET A O   1 
ATOM   5    C CB  . MET A 1 1   ? 11.643  11.872  7.159   1.00 17.38 ? 1   MET A CB  1 
ATOM   6    C CG  . MET A 1 1   ? 12.909  11.186  6.631   1.00 13.87 ? 1   MET A CG  1 
ATOM   7    S SD  . MET A 1 1   ? 12.666  10.018  5.283   1.00 8.48  ? 1   MET A SD  1 
ATOM   8    C CE  . MET A 1 1   ? 12.419  11.165  3.911   1.00 14.60 ? 1   MET A CE  1 
ATOM   9    N N   . ARG A 1 2   ? 10.043  14.386  7.542   1.00 17.22 ? 2   ARG A N   1 
ATOM   10   C CA  . ARG A 1 2   ? 8.835   15.158  7.812   1.00 17.25 ? 2   ARG A CA  1 
ATOM   11   C C   . ARG A 1 2   ? 7.713   14.907  6.819   1.00 15.06 ? 2   ARG A C   1 
ATOM   12   O O   . ARG A 1 2   ? 7.951   14.560  5.667   1.00 14.12 ? 2   ARG A O   1 
ATOM   13   C CB  . ARG A 1 2   ? 9.178   16.658  7.848   1.00 18.70 ? 2   ARG A CB  1 
ATOM   14   C CG  . ARG A 1 2   ? 9.856   17.172  6.579   1.00 19.26 ? 2   ARG A CG  1 
ATOM   15   C CD  . ARG A 1 2   ? 10.453  18.568  6.774   1.00 21.36 ? 2   ARG A CD  1 
ATOM   16   N NE  . ARG A 1 2   ? 11.168  19.015  5.583   1.00 22.20 ? 2   ARG A NE  1 
ATOM   17   C CZ  . ARG A 1 2   ? 10.616  19.692  4.579   1.00 24.53 ? 2   ARG A CZ  1 
ATOM   18   N NH1 . ARG A 1 2   ? 9.330   20.019  4.614   1.00 23.98 ? 2   ARG A NH1 1 
ATOM   19   N NH2 . ARG A 1 2   ? 11.352  20.033  3.530   1.00 25.81 ? 2   ARG A NH2 1 
ATOM   20   N N   . ILE A 1 3   ? 6.483   15.057  7.295   1.00 16.64 ? 3   ILE A N   1 
ATOM   21   C CA  . ILE A 1 3   ? 5.305   14.885  6.462   1.00 14.12 ? 3   ILE A CA  1 
ATOM   22   C C   . ILE A 1 3   ? 5.010   16.263  5.892   1.00 15.25 ? 3   ILE A C   1 
ATOM   23   O O   . ILE A 1 3   ? 4.961   17.243  6.633   1.00 14.05 ? 3   ILE A O   1 
ATOM   24   C CB  . ILE A 1 3   ? 4.075   14.426  7.288   1.00 16.23 ? 3   ILE A CB  1 
ATOM   25   C CG1 . ILE A 1 3   ? 4.300   13.010  7.837   1.00 13.79 ? 3   ILE A CG1 1 
ATOM   26   C CG2 . ILE A 1 3   ? 2.825   14.461  6.416   1.00 13.55 ? 3   ILE A CG2 1 
ATOM   27   C CD1 . ILE A 1 3   ? 3.176   12.519  8.757   1.00 19.72 ? 3   ILE A CD1 1 
ATOM   28   N N   . VAL A 1 4   ? 4.827   16.346  4.580   1.00 14.01 ? 4   VAL A N   1 
ATOM   29   C CA  . VAL A 1 4   ? 4.522   17.618  3.954   1.00 13.88 ? 4   VAL A CA  1 
ATOM   30   C C   . VAL A 1 4   ? 3.060   17.636  3.534   1.00 14.26 ? 4   VAL A C   1 
ATOM   31   O O   . VAL A 1 4   ? 2.375   18.645  3.692   1.00 13.97 ? 4   VAL A O   1 
ATOM   32   C CB  . VAL A 1 4   ? 5.420   17.860  2.729   1.00 13.30 ? 4   VAL A CB  1 
ATOM   33   C CG1 . VAL A 1 4   ? 5.072   19.205  2.080   1.00 13.79 ? 4   VAL A CG1 1 
ATOM   34   C CG2 . VAL A 1 4   ? 6.899   17.840  3.172   1.00 14.17 ? 4   VAL A CG2 1 
ATOM   35   N N   . GLU A 1 5   ? 2.589   16.509  3.010   1.00 12.76 ? 5   GLU A N   1 
ATOM   36   C CA  . GLU A 1 5   ? 1.207   16.385  2.564   1.00 14.81 ? 5   GLU A CA  1 
ATOM   37   C C   . GLU A 1 5   ? 0.560   15.079  3.019   1.00 12.76 ? 5   GLU A C   1 
ATOM   38   O O   . GLU A 1 5   ? 1.231   14.053  3.143   1.00 12.99 ? 5   GLU A O   1 
ATOM   39   C CB  . GLU A 1 5   ? 1.141   16.450  1.036   1.00 14.13 ? 5   GLU A CB  1 
ATOM   40   C CG  . GLU A 1 5   ? 1.514   17.787  0.417   1.00 16.69 ? 5   GLU A CG  1 
ATOM   41   C CD  . GLU A 1 5   ? 0.520   18.894  0.740   1.00 18.05 ? 5   GLU A CD  1 
ATOM   42   O OE1 . GLU A 1 5   ? -0.691  18.602  0.875   1.00 17.08 ? 5   GLU A OE1 1 
ATOM   43   O OE2 . GLU A 1 5   ? 0.947   20.067  0.841   1.00 20.98 ? 5   GLU A OE2 1 
ATOM   44   N N   . VAL A 1 6   ? -0.750  15.129  3.255   1.00 13.76 ? 6   VAL A N   1 
ATOM   45   C CA  . VAL A 1 6   ? -1.521  13.958  3.650   1.00 12.37 ? 6   VAL A CA  1 
ATOM   46   C C   . VAL A 1 6   ? -2.854  14.010  2.898   1.00 12.38 ? 6   VAL A C   1 
ATOM   47   O O   . VAL A 1 6   ? -3.522  15.048  2.886   1.00 12.87 ? 6   VAL A O   1 
ATOM   48   C CB  . VAL A 1 6   ? -1.835  13.941  5.172   1.00 14.66 ? 6   VAL A CB  1 
ATOM   49   C CG1 . VAL A 1 6   ? -2.709  12.724  5.505   1.00 16.17 ? 6   VAL A CG1 1 
ATOM   50   C CG2 . VAL A 1 6   ? -0.541  13.896  5.986   1.00 12.37 ? 6   VAL A CG2 1 
ATOM   51   N N   . TYR A 1 7   ? -3.231  12.912  2.255   1.00 10.74 ? 7   TYR A N   1 
ATOM   52   C CA  . TYR A 1 7   ? -4.512  12.863  1.541   1.00 10.82 ? 7   TYR A CA  1 
ATOM   53   C C   . TYR A 1 7   ? -5.342  11.707  2.067   1.00 10.69 ? 7   TYR A C   1 
ATOM   54   O O   . TYR A 1 7   ? -4.897  10.564  2.025   1.00 11.88 ? 7   TYR A O   1 
ATOM   55   C CB  . TYR A 1 7   ? -4.308  12.658  0.037   1.00 11.98 ? 7   TYR A CB  1 
ATOM   56   C CG  . TYR A 1 7   ? -5.618  12.626  -0.713  1.00 12.65 ? 7   TYR A CG  1 
ATOM   57   C CD1 . TYR A 1 7   ? -6.435  13.755  -0.762  1.00 15.06 ? 7   TYR A CD1 1 
ATOM   58   C CD2 . TYR A 1 7   ? -6.048  11.473  -1.364  1.00 15.06 ? 7   TYR A CD2 1 
ATOM   59   C CE1 . TYR A 1 7   ? -7.654  13.738  -1.448  1.00 17.36 ? 7   TYR A CE1 1 
ATOM   60   C CE2 . TYR A 1 7   ? -7.264  11.445  -2.054  1.00 16.28 ? 7   TYR A CE2 1 
ATOM   61   C CZ  . TYR A 1 7   ? -8.058  12.581  -2.090  1.00 16.72 ? 7   TYR A CZ  1 
ATOM   62   O OH  . TYR A 1 7   ? -9.256  12.562  -2.773  1.00 15.94 ? 7   TYR A OH  1 
ATOM   63   N N   . SER A 1 8   ? -6.546  11.999  2.558   1.00 11.40 ? 8   SER A N   1 
ATOM   64   C CA  . SER A 1 8   ? -7.435  10.958  3.083   1.00 12.54 ? 8   SER A CA  1 
ATOM   65   C C   . SER A 1 8   ? -8.399  10.543  1.969   1.00 12.81 ? 8   SER A C   1 
ATOM   66   O O   . SER A 1 8   ? -9.252  11.325  1.542   1.00 12.75 ? 8   SER A O   1 
ATOM   67   C CB  . SER A 1 8   ? -8.216  11.498  4.291   1.00 10.85 ? 8   SER A CB  1 
ATOM   68   O OG  . SER A 1 8   ? -9.037  10.497  4.857   1.00 11.50 ? 8   SER A OG  1 
ATOM   69   N N   . HIS A 1 9   ? -8.247  9.312   1.499   1.00 12.67 ? 9   HIS A N   1 
ATOM   70   C CA  . HIS A 1 9   ? -9.061  8.775   0.410   1.00 12.34 ? 9   HIS A CA  1 
ATOM   71   C C   . HIS A 1 9   ? -10.212 7.969   0.987   1.00 11.03 ? 9   HIS A C   1 
ATOM   72   O O   . HIS A 1 9   ? -9.995  7.008   1.713   1.00 8.37  ? 9   HIS A O   1 
ATOM   73   C CB  . HIS A 1 9   ? -8.185  7.888   -0.482  1.00 13.72 ? 9   HIS A CB  1 
ATOM   74   C CG  . HIS A 1 9   ? -8.907  7.306   -1.654  1.00 14.33 ? 9   HIS A CG  1 
ATOM   75   N ND1 . HIS A 1 9   ? -9.238  5.972   -1.737  1.00 15.08 ? 9   HIS A ND1 1 
ATOM   76   C CD2 . HIS A 1 9   ? -9.391  7.886   -2.776  1.00 10.14 ? 9   HIS A CD2 1 
ATOM   77   C CE1 . HIS A 1 9   ? -9.896  5.754   -2.863  1.00 13.49 ? 9   HIS A CE1 1 
ATOM   78   N NE2 . HIS A 1 9   ? -10.003 6.901   -3.510  1.00 17.52 ? 9   HIS A NE2 1 
ATOM   79   N N   . LEU A 1 10  ? -11.436 8.363   0.660   1.00 11.36 ? 10  LEU A N   1 
ATOM   80   C CA  . LEU A 1 10  ? -12.616 7.677   1.176   1.00 13.37 ? 10  LEU A CA  1 
ATOM   81   C C   . LEU A 1 10  ? -12.590 7.758   2.699   1.00 15.35 ? 10  LEU A C   1 
ATOM   82   O O   . LEU A 1 10  ? -13.006 6.832   3.395   1.00 15.07 ? 10  LEU A O   1 
ATOM   83   C CB  . LEU A 1 10  ? -12.638 6.210   0.728   1.00 12.98 ? 10  LEU A CB  1 
ATOM   84   C CG  . LEU A 1 10  ? -12.823 5.966   -0.777  1.00 15.34 ? 10  LEU A CG  1 
ATOM   85   C CD1 . LEU A 1 10  ? -12.876 4.474   -1.040  1.00 16.05 ? 10  LEU A CD1 1 
ATOM   86   C CD2 . LEU A 1 10  ? -14.108 6.627   -1.266  1.00 17.07 ? 10  LEU A CD2 1 
ATOM   87   N N   . ASN A 1 11  ? -12.088 8.884   3.196   1.00 14.66 ? 11  ASN A N   1 
ATOM   88   C CA  . ASN A 1 11  ? -11.994 9.138   4.626   1.00 16.80 ? 11  ASN A CA  1 
ATOM   89   C C   . ASN A 1 11  ? -11.218 8.064   5.386   1.00 14.71 ? 11  ASN A C   1 
ATOM   90   O O   . ASN A 1 11  ? -11.509 7.765   6.546   1.00 13.47 ? 11  ASN A O   1 
ATOM   91   C CB  . ASN A 1 11  ? -13.401 9.315   5.211   1.00 17.34 ? 11  ASN A CB  1 
ATOM   92   C CG  . ASN A 1 11  ? -14.081 10.572  4.696   1.00 18.04 ? 11  ASN A CG  1 
ATOM   93   O OD1 . ASN A 1 11  ? -13.459 11.628  4.613   1.00 18.11 ? 11  ASN A OD1 1 
ATOM   94   N ND2 . ASN A 1 11  ? -15.364 10.470  4.360   1.00 21.16 ? 11  ASN A ND2 1 
ATOM   95   N N   . GLY A 1 12  ? -10.211 7.500   4.723   1.00 15.50 ? 12  GLY A N   1 
ATOM   96   C CA  . GLY A 1 12  ? -9.400  6.469   5.348   1.00 13.65 ? 12  GLY A CA  1 
ATOM   97   C C   . GLY A 1 12  ? -8.689  6.944   6.607   1.00 14.87 ? 12  GLY A C   1 
ATOM   98   O O   . GLY A 1 12  ? -8.619  6.208   7.597   1.00 14.34 ? 12  GLY A O   1 
ATOM   99   N N   . LEU A 1 13  ? -8.151  8.163   6.582   1.00 13.09 ? 13  LEU A N   1 
ATOM   100  C CA  . LEU A 1 13  ? -7.457  8.689   7.756   1.00 13.12 ? 13  LEU A CA  1 
ATOM   101  C C   . LEU A 1 13  ? -8.405  8.792   8.944   1.00 14.10 ? 13  LEU A C   1 
ATOM   102  O O   . LEU A 1 13  ? -8.059  8.392   10.061  1.00 13.94 ? 13  LEU A O   1 
ATOM   103  C CB  . LEU A 1 13  ? -6.845  10.068  7.466   1.00 13.34 ? 13  LEU A CB  1 
ATOM   104  C CG  . LEU A 1 13  ? -6.107  10.746  8.639   1.00 15.24 ? 13  LEU A CG  1 
ATOM   105  C CD1 . LEU A 1 13  ? -5.042  9.817   9.210   1.00 15.17 ? 13  LEU A CD1 1 
ATOM   106  C CD2 . LEU A 1 13  ? -5.464  12.039  8.152   1.00 16.00 ? 13  LEU A CD2 1 
ATOM   107  N N   . GLU A 1 14  ? -9.603  9.321   8.713   1.00 12.09 ? 14  GLU A N   1 
ATOM   108  C CA  . GLU A 1 14  ? -10.560 9.457   9.804   1.00 13.07 ? 14  GLU A CA  1 
ATOM   109  C C   . GLU A 1 14  ? -10.955 8.096   10.374  1.00 11.72 ? 14  GLU A C   1 
ATOM   110  O O   . GLU A 1 14  ? -11.184 7.970   11.577  1.00 13.27 ? 14  GLU A O   1 
ATOM   111  C CB  . GLU A 1 14  ? -11.800 10.237  9.343   1.00 13.07 ? 14  GLU A CB  1 
ATOM   112  C CG  . GLU A 1 14  ? -11.530 11.731  9.083   1.00 11.90 ? 14  GLU A CG  1 
ATOM   113  C CD  . GLU A 1 14  ? -11.023 12.031  7.669   1.00 16.93 ? 14  GLU A CD  1 
ATOM   114  O OE1 . GLU A 1 14  ? -10.671 11.082  6.932   1.00 13.93 ? 14  GLU A OE1 1 
ATOM   115  O OE2 . GLU A 1 14  ? -10.977 13.229  7.295   1.00 14.68 ? 14  GLU A OE2 1 
ATOM   116  N N   . TYR A 1 15  ? -11.029 7.081   9.519   1.00 12.20 ? 15  TYR A N   1 
ATOM   117  C CA  . TYR A 1 15  ? -11.368 5.736   9.972   1.00 12.56 ? 15  TYR A CA  1 
ATOM   118  C C   . TYR A 1 15  ? -10.307 5.287   10.979  1.00 11.55 ? 15  TYR A C   1 
ATOM   119  O O   . TYR A 1 15  ? -10.630 4.731   12.030  1.00 14.17 ? 15  TYR A O   1 
ATOM   120  C CB  . TYR A 1 15  ? -11.403 4.764   8.789   1.00 13.78 ? 15  TYR A CB  1 
ATOM   121  C CG  . TYR A 1 15  ? -11.680 3.335   9.204   1.00 14.75 ? 15  TYR A CG  1 
ATOM   122  C CD1 . TYR A 1 15  ? -12.976 2.815   9.175   1.00 14.15 ? 15  TYR A CD1 1 
ATOM   123  C CD2 . TYR A 1 15  ? -10.646 2.514   9.674   1.00 13.56 ? 15  TYR A CD2 1 
ATOM   124  C CE1 . TYR A 1 15  ? -13.236 1.512   9.606   1.00 17.38 ? 15  TYR A CE1 1 
ATOM   125  C CE2 . TYR A 1 15  ? -10.897 1.209   10.108  1.00 14.80 ? 15  TYR A CE2 1 
ATOM   126  C CZ  . TYR A 1 15  ? -12.186 0.717   10.069  1.00 16.37 ? 15  TYR A CZ  1 
ATOM   127  O OH  . TYR A 1 15  ? -12.420 -0.568  10.480  1.00 20.60 ? 15  TYR A OH  1 
ATOM   128  N N   . ILE A 1 16  ? -9.040  5.521   10.650  1.00 11.94 ? 16  ILE A N   1 
ATOM   129  C CA  . ILE A 1 16  ? -7.945  5.156   11.539  1.00 13.55 ? 16  ILE A CA  1 
ATOM   130  C C   . ILE A 1 16  ? -8.019  5.970   12.843  1.00 14.12 ? 16  ILE A C   1 
ATOM   131  O O   . ILE A 1 16  ? -7.882  5.415   13.933  1.00 15.01 ? 16  ILE A O   1 
ATOM   132  C CB  . ILE A 1 16  ? -6.565  5.387   10.845  1.00 14.08 ? 16  ILE A CB  1 
ATOM   133  C CG1 . ILE A 1 16  ? -6.437  4.454   9.627   1.00 14.43 ? 16  ILE A CG1 1 
ATOM   134  C CG2 . ILE A 1 16  ? -5.423  5.160   11.836  1.00 13.65 ? 16  ILE A CG2 1 
ATOM   135  C CD1 . ILE A 1 16  ? -5.054  4.450   8.960   1.00 12.84 ? 16  ILE A CD1 1 
ATOM   136  N N   . GLN A 1 17  ? -8.268  7.273   12.729  1.00 14.99 ? 17  GLN A N   1 
ATOM   137  C CA  . GLN A 1 17  ? -8.342  8.143   13.898  1.00 17.24 ? 17  GLN A CA  1 
ATOM   138  C C   . GLN A 1 17  ? -9.433  7.739   14.890  1.00 18.57 ? 17  GLN A C   1 
ATOM   139  O O   . GLN A 1 17  ? -9.271  7.898   16.098  1.00 19.52 ? 17  GLN A O   1 
ATOM   140  C CB  . GLN A 1 17  ? -8.545  9.596   13.453  1.00 19.03 ? 17  GLN A CB  1 
ATOM   141  C CG  . GLN A 1 17  ? -7.372  10.154  12.643  1.00 17.83 ? 17  GLN A CG  1 
ATOM   142  C CD  . GLN A 1 17  ? -7.611  11.568  12.174  1.00 19.54 ? 17  GLN A CD  1 
ATOM   143  O OE1 . GLN A 1 17  ? -8.446  11.811  11.304  1.00 19.86 ? 17  GLN A OE1 1 
ATOM   144  N NE2 . GLN A 1 17  ? -6.891  12.519  12.765  1.00 23.11 ? 17  GLN A NE2 1 
ATOM   145  N N   . VAL A 1 18  ? -10.544 7.213   14.385  1.00 18.86 ? 18  VAL A N   1 
ATOM   146  C CA  . VAL A 1 18  ? -11.635 6.795   15.257  1.00 17.96 ? 18  VAL A CA  1 
ATOM   147  C C   . VAL A 1 18  ? -11.393 5.408   15.849  1.00 18.35 ? 18  VAL A C   1 
ATOM   148  O O   . VAL A 1 18  ? -11.424 5.218   17.067  1.00 16.35 ? 18  VAL A O   1 
ATOM   149  C CB  . VAL A 1 18  ? -12.984 6.751   14.486  1.00 19.27 ? 18  VAL A CB  1 
ATOM   150  C CG1 . VAL A 1 18  ? -14.073 6.139   15.361  1.00 18.30 ? 18  VAL A CG1 1 
ATOM   151  C CG2 . VAL A 1 18  ? -13.385 8.156   14.057  1.00 18.59 ? 18  VAL A CG2 1 
ATOM   152  N N   . HIS A 1 19  ? -11.119 4.450   14.972  1.00 17.63 ? 19  HIS A N   1 
ATOM   153  C CA  . HIS A 1 19  ? -10.935 3.063   15.371  1.00 16.88 ? 19  HIS A CA  1 
ATOM   154  C C   . HIS A 1 19  ? -9.536  2.640   15.811  1.00 16.90 ? 19  HIS A C   1 
ATOM   155  O O   . HIS A 1 19  ? -9.394  1.719   16.623  1.00 15.94 ? 19  HIS A O   1 
ATOM   156  C CB  . HIS A 1 19  ? -11.389 2.165   14.221  1.00 17.15 ? 19  HIS A CB  1 
ATOM   157  C CG  . HIS A 1 19  ? -12.787 2.440   13.763  1.00 17.03 ? 19  HIS A CG  1 
ATOM   158  N ND1 . HIS A 1 19  ? -13.889 2.212   14.561  1.00 18.26 ? 19  HIS A ND1 1 
ATOM   159  C CD2 . HIS A 1 19  ? -13.261 2.952   12.604  1.00 17.06 ? 19  HIS A CD2 1 
ATOM   160  C CE1 . HIS A 1 19  ? -14.982 2.573   13.911  1.00 17.83 ? 19  HIS A CE1 1 
ATOM   161  N NE2 . HIS A 1 19  ? -14.629 3.026   12.722  1.00 16.39 ? 19  HIS A NE2 1 
ATOM   162  N N   . LEU A 1 20  ? -8.516  3.310   15.290  1.00 16.43 ? 20  LEU A N   1 
ATOM   163  C CA  . LEU A 1 20  ? -7.128  2.963   15.603  1.00 18.36 ? 20  LEU A CA  1 
ATOM   164  C C   . LEU A 1 20  ? -6.264  4.214   15.787  1.00 19.27 ? 20  LEU A C   1 
ATOM   165  O O   . LEU A 1 20  ? -5.256  4.387   15.098  1.00 20.30 ? 20  LEU A O   1 
ATOM   166  C CB  . LEU A 1 20  ? -6.554  2.126   14.451  1.00 17.29 ? 20  LEU A CB  1 
ATOM   167  C CG  . LEU A 1 20  ? -7.322  0.872   14.030  1.00 18.46 ? 20  LEU A CG  1 
ATOM   168  C CD1 . LEU A 1 20  ? -6.811  0.384   12.682  1.00 16.81 ? 20  LEU A CD1 1 
ATOM   169  C CD2 . LEU A 1 20  ? -7.171  -0.211  15.086  1.00 18.27 ? 20  LEU A CD2 1 
ATOM   170  N N   . PRO A 1 21  ? -6.632  5.095   16.733  1.00 20.62 ? 21  PRO A N   1 
ATOM   171  C CA  . PRO A 1 21  ? -5.854  6.321   16.954  1.00 19.99 ? 21  PRO A CA  1 
ATOM   172  C C   . PRO A 1 21  ? -4.358  6.102   17.197  1.00 20.30 ? 21  PRO A C   1 
ATOM   173  O O   . PRO A 1 21  ? -3.530  6.912   16.768  1.00 19.77 ? 21  PRO A O   1 
ATOM   174  C CB  . PRO A 1 21  ? -6.560  6.967   18.144  1.00 22.13 ? 21  PRO A CB  1 
ATOM   175  C CG  . PRO A 1 21  ? -7.053  5.783   18.917  1.00 23.34 ? 21  PRO A CG  1 
ATOM   176  C CD  . PRO A 1 21  ? -7.597  4.878   17.823  1.00 20.84 ? 21  PRO A CD  1 
ATOM   177  N N   . HIS A 1 22  ? -4.014  5.014   17.881  1.00 19.61 ? 22  HIS A N   1 
ATOM   178  C CA  . HIS A 1 22  ? -2.610  4.712   18.162  1.00 20.13 ? 22  HIS A CA  1 
ATOM   179  C C   . HIS A 1 22  ? -1.800  4.497   16.888  1.00 19.10 ? 22  HIS A C   1 
ATOM   180  O O   . HIS A 1 22  ? -0.605  4.784   16.852  1.00 18.96 ? 22  HIS A O   1 
ATOM   181  C CB  . HIS A 1 22  ? -2.484  3.460   19.052  1.00 20.22 ? 22  HIS A CB  1 
ATOM   182  C CG  . HIS A 1 22  ? -3.136  2.234   18.482  1.00 20.57 ? 22  HIS A CG  1 
ATOM   183  N ND1 . HIS A 1 22  ? -4.502  2.051   18.474  1.00 21.89 ? 22  HIS A ND1 1 
ATOM   184  C CD2 . HIS A 1 22  ? -2.607  1.131   17.898  1.00 21.99 ? 22  HIS A CD2 1 
ATOM   185  C CE1 . HIS A 1 22  ? -4.786  0.889   17.909  1.00 23.89 ? 22  HIS A CE1 1 
ATOM   186  N NE2 . HIS A 1 22  ? -3.654  0.311   17.550  1.00 21.95 ? 22  HIS A NE2 1 
ATOM   187  N N   . ILE A 1 23  ? -2.444  3.989   15.845  1.00 17.68 ? 23  ILE A N   1 
ATOM   188  C CA  . ILE A 1 23  ? -1.740  3.741   14.593  1.00 16.75 ? 23  ILE A CA  1 
ATOM   189  C C   . ILE A 1 23  ? -1.307  5.049   13.927  1.00 16.61 ? 23  ILE A C   1 
ATOM   190  O O   . ILE A 1 23  ? -0.163  5.173   13.493  1.00 15.73 ? 23  ILE A O   1 
ATOM   191  C CB  . ILE A 1 23  ? -2.615  2.920   13.617  1.00 17.75 ? 23  ILE A CB  1 
ATOM   192  C CG1 . ILE A 1 23  ? -2.837  1.507   14.172  1.00 20.62 ? 23  ILE A CG1 1 
ATOM   193  C CG2 . ILE A 1 23  ? -1.963  2.858   12.241  1.00 16.36 ? 23  ILE A CG2 1 
ATOM   194  C CD1 . ILE A 1 23  ? -1.547  0.707   14.407  1.00 20.12 ? 23  ILE A CD1 1 
ATOM   195  N N   . TRP A 1 24  ? -2.212  6.024   13.856  1.00 14.81 ? 24  TRP A N   1 
ATOM   196  C CA  . TRP A 1 24  ? -1.883  7.304   13.230  1.00 15.36 ? 24  TRP A CA  1 
ATOM   197  C C   . TRP A 1 24  ? -0.738  7.994   13.981  1.00 16.68 ? 24  TRP A C   1 
ATOM   198  O O   . TRP A 1 24  ? 0.167   8.556   13.366  1.00 12.38 ? 24  TRP A O   1 
ATOM   199  C CB  . TRP A 1 24  ? -3.116  8.220   13.197  1.00 15.96 ? 24  TRP A CB  1 
ATOM   200  C CG  . TRP A 1 24  ? -2.889  9.561   12.507  1.00 15.81 ? 24  TRP A CG  1 
ATOM   201  C CD1 . TRP A 1 24  ? -3.356  10.782  12.918  1.00 16.07 ? 24  TRP A CD1 1 
ATOM   202  C CD2 . TRP A 1 24  ? -2.158  9.802   11.295  1.00 16.42 ? 24  TRP A CD2 1 
ATOM   203  N NE1 . TRP A 1 24  ? -2.961  11.764  12.039  1.00 14.80 ? 24  TRP A NE1 1 
ATOM   204  C CE2 . TRP A 1 24  ? -2.225  11.193  11.035  1.00 15.69 ? 24  TRP A CE2 1 
ATOM   205  C CE3 . TRP A 1 24  ? -1.454  8.980   10.402  1.00 16.67 ? 24  TRP A CE3 1 
ATOM   206  C CZ2 . TRP A 1 24  ? -1.610  11.781  9.921   1.00 16.54 ? 24  TRP A CZ2 1 
ATOM   207  C CZ3 . TRP A 1 24  ? -0.843  9.567   9.292   1.00 18.76 ? 24  TRP A CZ3 1 
ATOM   208  C CH2 . TRP A 1 24  ? -0.928  10.956  9.064   1.00 18.09 ? 24  TRP A CH2 1 
ATOM   209  N N   . GLU A 1 25  ? -0.783  7.953   15.311  1.00 16.71 ? 25  GLU A N   1 
ATOM   210  C CA  . GLU A 1 25  ? 0.260   8.568   16.127  1.00 18.40 ? 25  GLU A CA  1 
ATOM   211  C C   . GLU A 1 25  ? 1.598   7.895   15.850  1.00 17.81 ? 25  GLU A C   1 
ATOM   212  O O   . GLU A 1 25  ? 2.614   8.563   15.668  1.00 16.65 ? 25  GLU A O   1 
ATOM   213  C CB  . GLU A 1 25  ? -0.083  8.437   17.617  1.00 21.78 ? 25  GLU A CB  1 
ATOM   214  C CG  . GLU A 1 25  ? -1.317  9.225   18.022  1.00 27.23 ? 25  GLU A CG  1 
ATOM   215  C CD  . GLU A 1 25  ? -1.192  10.697  17.668  1.00 30.70 ? 25  GLU A CD  1 
ATOM   216  O OE1 . GLU A 1 25  ? -0.260  11.351  18.185  1.00 32.85 ? 25  GLU A OE1 1 
ATOM   217  O OE2 . GLU A 1 25  ? -2.021  11.198  16.869  1.00 32.51 ? 25  GLU A OE2 1 
ATOM   218  N N   . GLU A 1 26  ? 1.583   6.565   15.808  1.00 16.02 ? 26  GLU A N   1 
ATOM   219  C CA  . GLU A 1 26  ? 2.787   5.774   15.550  1.00 16.49 ? 26  GLU A CA  1 
ATOM   220  C C   . GLU A 1 26  ? 3.380   6.027   14.162  1.00 16.53 ? 26  GLU A C   1 
ATOM   221  O O   . GLU A 1 26  ? 4.594   6.212   14.018  1.00 16.38 ? 26  GLU A O   1 
ATOM   222  C CB  . GLU A 1 26  ? 2.462   4.286   15.708  1.00 18.00 ? 26  GLU A CB  1 
ATOM   223  C CG  . GLU A 1 26  ? 3.659   3.347   15.617  1.00 17.77 ? 26  GLU A CG  1 
ATOM   224  C CD  . GLU A 1 26  ? 3.301   1.941   16.069  1.00 17.45 ? 26  GLU A CD  1 
ATOM   225  O OE1 . GLU A 1 26  ? 2.813   1.135   15.246  1.00 14.79 ? 26  GLU A OE1 1 
ATOM   226  O OE2 . GLU A 1 26  ? 3.486   1.649   17.269  1.00 13.77 ? 26  GLU A OE2 1 
ATOM   227  N N   . ILE A 1 27  ? 2.532   6.023   13.140  1.00 15.23 ? 27  ILE A N   1 
ATOM   228  C CA  . ILE A 1 27  ? 3.002   6.275   11.778  1.00 14.46 ? 27  ILE A CA  1 
ATOM   229  C C   . ILE A 1 27  ? 3.705   7.631   11.732  1.00 14.27 ? 27  ILE A C   1 
ATOM   230  O O   . ILE A 1 27  ? 4.771   7.771   11.140  1.00 13.90 ? 27  ILE A O   1 
ATOM   231  C CB  . ILE A 1 27  ? 1.818   6.271   10.771  1.00 13.70 ? 27  ILE A CB  1 
ATOM   232  C CG1 . ILE A 1 27  ? 1.297   4.841   10.593  1.00 13.55 ? 27  ILE A CG1 1 
ATOM   233  C CG2 . ILE A 1 27  ? 2.254   6.871   9.435   1.00 15.99 ? 27  ILE A CG2 1 
ATOM   234  C CD1 . ILE A 1 27  ? 0.094   4.716   9.654   1.00 11.60 ? 27  ILE A CD1 1 
ATOM   235  N N   . GLN A 1 28  ? 3.114   8.628   12.380  1.00 14.50 ? 28  GLN A N   1 
ATOM   236  C CA  . GLN A 1 28  ? 3.707   9.952   12.389  1.00 15.20 ? 28  GLN A CA  1 
ATOM   237  C C   . GLN A 1 28  ? 5.066   9.960   13.091  1.00 15.00 ? 28  GLN A C   1 
ATOM   238  O O   . GLN A 1 28  ? 6.000   10.589  12.617  1.00 17.27 ? 28  GLN A O   1 
ATOM   239  C CB  . GLN A 1 28  ? 2.761   10.941  13.065  1.00 17.74 ? 28  GLN A CB  1 
ATOM   240  C CG  . GLN A 1 28  ? 1.533   11.274  12.234  1.00 16.51 ? 28  GLN A CG  1 
ATOM   241  C CD  . GLN A 1 28  ? 0.564   12.135  13.004  1.00 18.65 ? 28  GLN A CD  1 
ATOM   242  O OE1 . GLN A 1 28  ? -0.256  11.635  13.772  1.00 17.23 ? 28  GLN A OE1 1 
ATOM   243  N NE2 . GLN A 1 28  ? 0.675   13.445  12.828  1.00 15.62 ? 28  GLN A NE2 1 
ATOM   244  N N   . GLU A 1 29  ? 5.171   9.245   14.205  1.00 14.71 ? 29  GLU A N   1 
ATOM   245  C CA  . GLU A 1 29  ? 6.419   9.181   14.971  1.00 16.34 ? 29  GLU A CA  1 
ATOM   246  C C   . GLU A 1 29  ? 7.525   8.437   14.216  1.00 15.31 ? 29  GLU A C   1 
ATOM   247  O O   . GLU A 1 29  ? 8.698   8.839   14.245  1.00 13.89 ? 29  GLU A O   1 
ATOM   248  C CB  . GLU A 1 29  ? 6.134   8.524   16.325  1.00 19.08 ? 29  GLU A CB  1 
ATOM   249  C CG  . GLU A 1 29  ? 4.949   9.187   17.032  1.00 23.94 ? 29  GLU A CG  1 
ATOM   250  C CD  . GLU A 1 29  ? 4.631   8.600   18.394  1.00 27.35 ? 29  GLU A CD  1 
ATOM   251  O OE1 . GLU A 1 29  ? 4.627   7.359   18.523  1.00 29.91 ? 29  GLU A OE1 1 
ATOM   252  O OE2 . GLU A 1 29  ? 4.363   9.386   19.332  1.00 29.11 ? 29  GLU A OE2 1 
ATOM   253  N N   . ILE A 1 30  ? 7.151   7.356   13.535  1.00 14.70 ? 30  ILE A N   1 
ATOM   254  C CA  . ILE A 1 30  ? 8.105   6.577   12.754  1.00 15.29 ? 30  ILE A CA  1 
ATOM   255  C C   . ILE A 1 30  ? 8.727   7.469   11.677  1.00 16.30 ? 30  ILE A C   1 
ATOM   256  O O   . ILE A 1 30  ? 9.942   7.485   11.510  1.00 15.30 ? 30  ILE A O   1 
ATOM   257  C CB  . ILE A 1 30  ? 7.414   5.351   12.094  1.00 15.20 ? 30  ILE A CB  1 
ATOM   258  C CG1 . ILE A 1 30  ? 7.036   4.338   13.183  1.00 17.37 ? 30  ILE A CG1 1 
ATOM   259  C CG2 . ILE A 1 30  ? 8.322   4.726   11.053  1.00 13.95 ? 30  ILE A CG2 1 
ATOM   260  C CD1 . ILE A 1 30  ? 6.217   3.150   12.693  1.00 17.32 ? 30  ILE A CD1 1 
ATOM   261  N N   . ILE A 1 31  ? 7.896   8.218   10.958  1.00 14.74 ? 31  ILE A N   1 
ATOM   262  C CA  . ILE A 1 31  ? 8.405   9.112   9.916   1.00 16.49 ? 31  ILE A CA  1 
ATOM   263  C C   . ILE A 1 31  ? 9.390   10.138  10.491  1.00 17.90 ? 31  ILE A C   1 
ATOM   264  O O   . ILE A 1 31  ? 10.482  10.337  9.941   1.00 15.85 ? 31  ILE A O   1 
ATOM   265  C CB  . ILE A 1 31  ? 7.239   9.829   9.194   1.00 16.77 ? 31  ILE A CB  1 
ATOM   266  C CG1 . ILE A 1 31  ? 6.459   8.806   8.363   1.00 16.58 ? 31  ILE A CG1 1 
ATOM   267  C CG2 . ILE A 1 31  ? 7.765   10.957  8.313   1.00 16.51 ? 31  ILE A CG2 1 
ATOM   268  C CD1 . ILE A 1 31  ? 5.197   9.361   7.715   1.00 16.65 ? 31  ILE A CD1 1 
ATOM   269  N N   . VAL A 1 32  ? 9.019   10.776  11.599  1.00 18.07 ? 32  VAL A N   1 
ATOM   270  C CA  . VAL A 1 32  ? 9.894   11.758  12.234  1.00 19.78 ? 32  VAL A CA  1 
ATOM   271  C C   . VAL A 1 32  ? 11.247  11.135  12.617  1.00 20.98 ? 32  VAL A C   1 
ATOM   272  O O   . VAL A 1 32  ? 12.304  11.764  12.476  1.00 19.68 ? 32  VAL A O   1 
ATOM   273  C CB  . VAL A 1 32  ? 9.251   12.342  13.524  1.00 20.89 ? 32  VAL A CB  1 
ATOM   274  C CG1 . VAL A 1 32  ? 10.175  13.385  14.148  1.00 20.18 ? 32  VAL A CG1 1 
ATOM   275  C CG2 . VAL A 1 32  ? 7.895   12.954  13.207  1.00 22.25 ? 32  VAL A CG2 1 
ATOM   276  N N   . SER A 1 33  ? 11.210  9.895   13.094  1.00 21.25 ? 33  SER A N   1 
ATOM   277  C CA  . SER A 1 33  ? 12.421  9.197   13.525  1.00 20.99 ? 33  SER A CA  1 
ATOM   278  C C   . SER A 1 33  ? 13.397  8.812   12.418  1.00 22.24 ? 33  SER A C   1 
ATOM   279  O O   . SER A 1 33  ? 14.583  8.586   12.688  1.00 20.47 ? 33  SER A O   1 
ATOM   280  C CB  . SER A 1 33  ? 12.046  7.932   14.299  1.00 21.90 ? 33  SER A CB  1 
ATOM   281  O OG  . SER A 1 33  ? 11.620  6.909   13.415  1.00 20.77 ? 33  SER A OG  1 
ATOM   282  N N   . ILE A 1 34  ? 12.917  8.710   11.180  1.00 21.90 ? 34  ILE A N   1 
ATOM   283  C CA  . ILE A 1 34  ? 13.802  8.336   10.083  1.00 21.94 ? 34  ILE A CA  1 
ATOM   284  C C   . ILE A 1 34  ? 14.860  9.400   9.803   1.00 23.77 ? 34  ILE A C   1 
ATOM   285  O O   . ILE A 1 34  ? 14.546  10.575  9.590   1.00 21.35 ? 34  ILE A O   1 
ATOM   286  C CB  . ILE A 1 34  ? 13.030  8.086   8.771   1.00 21.03 ? 34  ILE A CB  1 
ATOM   287  C CG1 . ILE A 1 34  ? 11.958  7.006   8.980   1.00 22.37 ? 34  ILE A CG1 1 
ATOM   288  C CG2 . ILE A 1 34  ? 14.011  7.684   7.677   1.00 21.67 ? 34  ILE A CG2 1 
ATOM   289  C CD1 . ILE A 1 34  ? 12.496  5.627   9.374   1.00 22.55 ? 34  ILE A CD1 1 
ATOM   290  N N   . ASP A 1 35  ? 16.120  8.972   9.797   1.00 24.38 ? 35  ASP A N   1 
ATOM   291  C CA  . ASP A 1 35  ? 17.243  9.868   9.542   1.00 25.48 ? 35  ASP A CA  1 
ATOM   292  C C   . ASP A 1 35  ? 17.565  9.828   8.054   1.00 24.47 ? 35  ASP A C   1 
ATOM   293  O O   . ASP A 1 35  ? 18.353  8.993   7.615   1.00 23.76 ? 35  ASP A O   1 
ATOM   294  C CB  . ASP A 1 35  ? 18.461  9.400   10.343  1.00 26.91 ? 35  ASP A CB  1 
ATOM   295  C CG  . ASP A 1 35  ? 19.627  10.365  10.256  1.00 31.02 ? 35  ASP A CG  1 
ATOM   296  O OD1 . ASP A 1 35  ? 19.667  11.164  9.295   1.00 31.13 ? 35  ASP A OD1 1 
ATOM   297  O OD2 . ASP A 1 35  ? 20.511  10.311  11.144  1.00 32.03 ? 35  ASP A OD2 1 
ATOM   298  N N   . ALA A 1 36  ? 16.968  10.728  7.275   1.00 24.99 ? 36  ALA A N   1 
ATOM   299  C CA  . ALA A 1 36  ? 17.211  10.749  5.831   1.00 25.71 ? 36  ALA A CA  1 
ATOM   300  C C   . ALA A 1 36  ? 18.676  11.021  5.490   1.00 26.16 ? 36  ALA A C   1 
ATOM   301  O O   . ALA A 1 36  ? 19.173  10.544  4.474   1.00 24.95 ? 36  ALA A O   1 
ATOM   302  C CB  . ALA A 1 36  ? 16.306  11.790  5.150   1.00 23.71 ? 36  ALA A CB  1 
ATOM   303  N N   . GLU A 1 37  ? 19.357  11.787  6.339   1.00 28.29 ? 37  GLU A N   1 
ATOM   304  C CA  . GLU A 1 37  ? 20.768  12.126  6.123   1.00 30.97 ? 37  GLU A CA  1 
ATOM   305  C C   . GLU A 1 37  ? 21.619  10.864  5.960   1.00 31.57 ? 37  GLU A C   1 
ATOM   306  O O   . GLU A 1 37  ? 22.451  10.766  5.050   1.00 31.33 ? 37  GLU A O   1 
ATOM   307  C CB  . GLU A 1 37  ? 21.317  12.921  7.314   1.00 33.26 ? 37  GLU A CB  1 
ATOM   308  C CG  . GLU A 1 37  ? 20.537  14.172  7.695   1.00 38.01 ? 37  GLU A CG  1 
ATOM   309  C CD  . GLU A 1 37  ? 21.024  14.775  9.016   1.00 41.93 ? 37  GLU A CD  1 
ATOM   310  O OE1 . GLU A 1 37  ? 20.912  14.090  10.060  1.00 43.98 ? 37  GLU A OE1 1 
ATOM   311  O OE2 . GLU A 1 37  ? 21.522  15.927  9.012   1.00 43.76 ? 37  GLU A OE2 1 
ATOM   312  N N   . ALA A 1 38  ? 21.405  9.908   6.861   1.00 30.99 ? 38  ALA A N   1 
ATOM   313  C CA  . ALA A 1 38  ? 22.143  8.651   6.854   1.00 31.67 ? 38  ALA A CA  1 
ATOM   314  C C   . ALA A 1 38  ? 21.861  7.816   5.614   1.00 32.35 ? 38  ALA A C   1 
ATOM   315  O O   . ALA A 1 38  ? 22.528  6.809   5.370   1.00 31.84 ? 38  ALA A O   1 
ATOM   316  C CB  . ALA A 1 38  ? 21.808  7.851   8.106   1.00 32.31 ? 38  ALA A CB  1 
ATOM   317  N N   . CYS A 1 39  ? 20.878  8.235   4.827   1.00 31.72 ? 39  CYS A N   1 
ATOM   318  C CA  . CYS A 1 39  ? 20.516  7.511   3.614   1.00 32.60 ? 39  CYS A CA  1 
ATOM   319  C C   . CYS A 1 39  ? 21.023  8.238   2.372   1.00 33.88 ? 39  CYS A C   1 
ATOM   320  O O   . CYS A 1 39  ? 20.793  7.796   1.245   1.00 33.37 ? 39  CYS A O   1 
ATOM   321  C CB  . CYS A 1 39  ? 18.992  7.353   3.539   1.00 30.79 ? 39  CYS A CB  1 
ATOM   322  S SG  . CYS A 1 39  ? 18.282  6.491   4.962   1.00 29.29 ? 39  CYS A SG  1 
ATOM   323  N N   . ARG A 1 40  ? 21.715  9.353   2.589   1.00 35.78 ? 40  ARG A N   1 
ATOM   324  C CA  . ARG A 1 40  ? 22.251  10.159  1.498   1.00 37.64 ? 40  ARG A CA  1 
ATOM   325  C C   . ARG A 1 40  ? 23.536  9.570   0.942   1.00 39.38 ? 40  ARG A C   1 
ATOM   326  O O   . ARG A 1 40  ? 24.533  10.274  0.783   1.00 40.34 ? 40  ARG A O   1 
ATOM   327  C CB  . ARG A 1 40  ? 22.498  11.591  1.974   1.00 37.86 ? 40  ARG A CB  1 
ATOM   328  C CG  . ARG A 1 40  ? 22.786  12.592  0.861   1.00 19.27 ? 40  ARG A CG  1 
ATOM   329  C CD  . ARG A 1 40  ? 23.018  13.989  1.418   1.00 19.27 ? 40  ARG A CD  1 
ATOM   330  N NE  . ARG A 1 40  ? 24.161  14.033  2.330   1.00 19.27 ? 40  ARG A NE  1 
ATOM   331  C CZ  . ARG A 1 40  ? 24.590  15.125  2.960   1.00 19.27 ? 40  ARG A CZ  1 
ATOM   332  N NH1 . ARG A 1 40  ? 23.979  16.292  2.792   1.00 19.27 ? 40  ARG A NH1 1 
ATOM   333  N NH2 . ARG A 1 40  ? 25.640  15.048  3.766   1.00 19.27 ? 40  ARG A NH2 1 
ATOM   334  N N   . THR A 1 41  ? 23.507  8.273   0.643   1.00 41.31 ? 41  THR A N   1 
ATOM   335  C CA  . THR A 1 41  ? 24.668  7.581   0.099   1.00 42.68 ? 41  THR A CA  1 
ATOM   336  C C   . THR A 1 41  ? 24.655  7.647   -1.424  1.00 44.03 ? 41  THR A C   1 
ATOM   337  O O   . THR A 1 41  ? 24.916  6.652   -2.104  1.00 44.84 ? 41  THR A O   1 
ATOM   338  C CB  . THR A 1 41  ? 24.666  6.131   0.561   1.00 42.84 ? 41  THR A CB  1 
ATOM   339  O OG1 . THR A 1 41  ? 25.776  5.446   -0.031  1.00 19.27 ? 41  THR A OG1 1 
ATOM   340  C CG2 . THR A 1 41  ? 23.379  5.420   0.190   1.00 19.27 ? 41  THR A CG2 1 
ATOM   341  N N   . ILE A 1 53  ? 25.193  14.412  -3.826  1.00 49.60 ? 53  ILE A N   1 
ATOM   342  C CA  . ILE A 1 53  ? 24.644  13.807  -2.618  1.00 47.01 ? 53  ILE A CA  1 
ATOM   343  C C   . ILE A 1 53  ? 23.163  13.422  -2.730  1.00 45.01 ? 53  ILE A C   1 
ATOM   344  O O   . ILE A 1 53  ? 22.299  14.019  -2.079  1.00 44.80 ? 53  ILE A O   1 
ATOM   345  C CB  . ILE A 1 53  ? 24.838  14.753  -1.408  1.00 47.52 ? 53  ILE A CB  1 
ATOM   346  C CG1 . ILE A 1 53  ? 24.207  16.120  -1.699  1.00 48.13 ? 53  ILE A CG1 1 
ATOM   347  C CG2 . ILE A 1 53  ? 26.328  14.922  -1.119  1.00 47.51 ? 53  ILE A CG2 1 
ATOM   348  C CD1 . ILE A 1 53  ? 24.291  17.098  -0.538  1.00 47.89 ? 53  ILE A CD1 1 
ATOM   349  N N   . LEU A 1 54  ? 22.880  12.415  -3.555  1.00 41.49 ? 54  LEU A N   1 
ATOM   350  C CA  . LEU A 1 54  ? 21.512  11.931  -3.743  1.00 37.39 ? 54  LEU A CA  1 
ATOM   351  C C   . LEU A 1 54  ? 21.120  11.009  -2.587  1.00 35.13 ? 54  LEU A C   1 
ATOM   352  O O   . LEU A 1 54  ? 21.971  10.597  -1.789  1.00 35.13 ? 54  LEU A O   1 
ATOM   353  C CB  . LEU A 1 54  ? 21.397  11.147  -5.053  1.00 38.14 ? 54  LEU A CB  1 
ATOM   354  C CG  . LEU A 1 54  ? 21.631  11.854  -6.390  1.00 37.51 ? 54  LEU A CG  1 
ATOM   355  C CD1 . LEU A 1 54  ? 21.543  10.820  -7.507  1.00 39.22 ? 54  LEU A CD1 1 
ATOM   356  C CD2 . LEU A 1 54  ? 20.595  12.961  -6.601  1.00 38.96 ? 54  LEU A CD2 1 
ATOM   357  N N   . TYR A 1 55  ? 19.833  10.689  -2.495  1.00 30.43 ? 55  TYR A N   1 
ATOM   358  C CA  . TYR A 1 55  ? 19.360  9.789   -1.453  1.00 27.20 ? 55  TYR A CA  1 
ATOM   359  C C   . TYR A 1 55  ? 19.177  8.402   -2.060  1.00 26.66 ? 55  TYR A C   1 
ATOM   360  O O   . TYR A 1 55  ? 18.742  8.264   -3.210  1.00 26.47 ? 55  TYR A O   1 
ATOM   361  C CB  . TYR A 1 55  ? 18.032  10.278  -0.855  1.00 24.82 ? 55  TYR A CB  1 
ATOM   362  C CG  . TYR A 1 55  ? 18.127  11.579  -0.097  1.00 21.74 ? 55  TYR A CG  1 
ATOM   363  C CD1 . TYR A 1 55  ? 18.057  12.802  -0.762  1.00 20.93 ? 55  TYR A CD1 1 
ATOM   364  C CD2 . TYR A 1 55  ? 18.308  11.591  1.290   1.00 20.57 ? 55  TYR A CD2 1 
ATOM   365  C CE1 . TYR A 1 55  ? 18.163  14.007  -0.072  1.00 23.22 ? 55  TYR A CE1 1 
ATOM   366  C CE2 . TYR A 1 55  ? 18.419  12.787  1.993   1.00 20.87 ? 55  TYR A CE2 1 
ATOM   367  C CZ  . TYR A 1 55  ? 18.347  13.995  1.303   1.00 21.31 ? 55  TYR A CZ  1 
ATOM   368  O OH  . TYR A 1 55  ? 18.485  15.186  1.978   1.00 19.68 ? 55  TYR A OH  1 
ATOM   369  N N   . SER A 1 56  ? 19.525  7.377   -1.288  1.00 24.19 ? 56  SER A N   1 
ATOM   370  C CA  . SER A 1 56  ? 19.409  5.993   -1.731  1.00 23.85 ? 56  SER A CA  1 
ATOM   371  C C   . SER A 1 56  ? 18.067  5.364   -1.362  1.00 23.56 ? 56  SER A C   1 
ATOM   372  O O   . SER A 1 56  ? 17.692  5.333   -0.193  1.00 24.63 ? 56  SER A O   1 
ATOM   373  C CB  . SER A 1 56  ? 20.530  5.150   -1.116  1.00 22.06 ? 56  SER A CB  1 
ATOM   374  O OG  . SER A 1 56  ? 20.207  3.772   -1.188  1.00 22.61 ? 56  SER A OG  1 
ATOM   375  N N   . PRO A 1 57  ? 17.330  4.848   -2.360  1.00 23.94 ? 57  PRO A N   1 
ATOM   376  C CA  . PRO A 1 57  ? 16.028  4.213   -2.130  1.00 24.36 ? 57  PRO A CA  1 
ATOM   377  C C   . PRO A 1 57  ? 16.181  2.956   -1.270  1.00 24.65 ? 57  PRO A C   1 
ATOM   378  O O   . PRO A 1 57  ? 15.303  2.623   -0.469  1.00 24.54 ? 57  PRO A O   1 
ATOM   379  C CB  . PRO A 1 57  ? 15.550  3.873   -3.541  1.00 25.11 ? 57  PRO A CB  1 
ATOM   380  C CG  . PRO A 1 57  ? 16.210  4.914   -4.388  1.00 26.52 ? 57  PRO A CG  1 
ATOM   381  C CD  . PRO A 1 57  ? 17.599  4.976   -3.803  1.00 24.78 ? 57  PRO A CD  1 
ATOM   382  N N   . VAL A 1 58  ? 17.295  2.250   -1.453  1.00 23.77 ? 58  VAL A N   1 
ATOM   383  C CA  . VAL A 1 58  ? 17.552  1.038   -0.681  1.00 22.94 ? 58  VAL A CA  1 
ATOM   384  C C   . VAL A 1 58  ? 17.796  1.424   0.772   1.00 21.93 ? 58  VAL A C   1 
ATOM   385  O O   . VAL A 1 58  ? 17.248  0.813   1.690   1.00 21.93 ? 58  VAL A O   1 
ATOM   386  C CB  . VAL A 1 58  ? 18.780  0.275   -1.220  1.00 23.87 ? 58  VAL A CB  1 
ATOM   387  C CG1 . VAL A 1 58  ? 18.989  -1.007  -0.423  1.00 23.96 ? 58  VAL A CG1 1 
ATOM   388  C CG2 . VAL A 1 58  ? 18.580  -0.043  -2.691  1.00 24.66 ? 58  VAL A CG2 1 
ATOM   389  N N   . ALA A 1 59  ? 18.607  2.456   0.974   1.00 20.68 ? 59  ALA A N   1 
ATOM   390  C CA  . ALA A 1 59  ? 18.903  2.925   2.323   1.00 20.25 ? 59  ALA A CA  1 
ATOM   391  C C   . ALA A 1 59  ? 17.620  3.404   3.005   1.00 19.22 ? 59  ALA A C   1 
ATOM   392  O O   . ALA A 1 59  ? 17.359  3.069   4.162   1.00 17.31 ? 59  ALA A O   1 
ATOM   393  C CB  . ALA A 1 59  ? 19.928  4.055   2.273   1.00 20.46 ? 59  ALA A CB  1 
ATOM   394  N N   . LEU A 1 60  ? 16.816  4.189   2.288   1.00 19.58 ? 60  LEU A N   1 
ATOM   395  C CA  . LEU A 1 60  ? 15.562  4.687   2.843   1.00 19.55 ? 60  LEU A CA  1 
ATOM   396  C C   . LEU A 1 60  ? 14.607  3.552   3.195   1.00 20.65 ? 60  LEU A C   1 
ATOM   397  O O   . LEU A 1 60  ? 13.949  3.589   4.237   1.00 20.51 ? 60  LEU A O   1 
ATOM   398  C CB  . LEU A 1 60  ? 14.882  5.640   1.857   1.00 19.27 ? 60  LEU A CB  1 
ATOM   399  C CG  . LEU A 1 60  ? 15.555  7.006   1.703   1.00 19.46 ? 60  LEU A CG  1 
ATOM   400  C CD1 . LEU A 1 60  ? 15.052  7.691   0.437   1.00 20.02 ? 60  LEU A CD1 1 
ATOM   401  C CD2 . LEU A 1 60  ? 15.272  7.853   2.934   1.00 21.23 ? 60  LEU A CD2 1 
ATOM   402  N N   . ASN A 1 61  ? 14.519  2.554   2.322   1.00 20.82 ? 61  ASN A N   1 
ATOM   403  C CA  . ASN A 1 61  ? 13.638  1.423   2.572   1.00 21.17 ? 61  ASN A CA  1 
ATOM   404  C C   . ASN A 1 61  ? 14.102  0.604   3.771   1.00 21.32 ? 61  ASN A C   1 
ATOM   405  O O   . ASN A 1 61  ? 13.283  0.074   4.516   1.00 21.21 ? 61  ASN A O   1 
ATOM   406  C CB  . ASN A 1 61  ? 13.544  0.532   1.330   1.00 22.56 ? 61  ASN A CB  1 
ATOM   407  C CG  . ASN A 1 61  ? 12.400  0.934   0.416   1.00 24.20 ? 61  ASN A CG  1 
ATOM   408  O OD1 . ASN A 1 61  ? 11.237  0.964   0.834   1.00 27.73 ? 61  ASN A OD1 1 
ATOM   409  N ND2 . ASN A 1 61  ? 12.718  1.243   -0.831  1.00 26.20 ? 61  ASN A ND2 1 
ATOM   410  N N   . GLU A 1 62  ? 15.416  0.491   3.945   1.00 20.29 ? 62  GLU A N   1 
ATOM   411  C CA  . GLU A 1 62  ? 15.963  -0.248  5.071   1.00 20.63 ? 62  GLU A CA  1 
ATOM   412  C C   . GLU A 1 62  ? 15.646  0.462   6.381   1.00 18.20 ? 62  GLU A C   1 
ATOM   413  O O   . GLU A 1 62  ? 15.291  -0.185  7.370   1.00 17.30 ? 62  GLU A O   1 
ATOM   414  C CB  . GLU A 1 62  ? 17.484  -0.409  4.934   1.00 23.62 ? 62  GLU A CB  1 
ATOM   415  C CG  . GLU A 1 62  ? 17.900  -1.577  4.061   1.00 27.94 ? 62  GLU A CG  1 
ATOM   416  C CD  . GLU A 1 62  ? 19.408  -1.743  3.988   1.00 30.61 ? 62  GLU A CD  1 
ATOM   417  O OE1 . GLU A 1 62  ? 20.068  -1.656  5.047   1.00 33.34 ? 62  GLU A OE1 1 
ATOM   418  O OE2 . GLU A 1 62  ? 19.927  -1.974  2.875   1.00 32.51 ? 62  GLU A OE2 1 
ATOM   419  N N   . ALA A 1 63  ? 15.777  1.787   6.384   1.00 16.35 ? 63  ALA A N   1 
ATOM   420  C CA  . ALA A 1 63  ? 15.499  2.590   7.572   1.00 16.19 ? 63  ALA A CA  1 
ATOM   421  C C   . ALA A 1 63  ? 14.038  2.458   7.997   1.00 15.16 ? 63  ALA A C   1 
ATOM   422  O O   . ALA A 1 63  ? 13.744  2.300   9.182   1.00 14.89 ? 63  ALA A O   1 
ATOM   423  C CB  . ALA A 1 63  ? 15.836  4.069   7.309   1.00 16.99 ? 63  ALA A CB  1 
ATOM   424  N N   . PHE A 1 64  ? 13.120  2.554   7.037   1.00 16.12 ? 64  PHE A N   1 
ATOM   425  C CA  . PHE A 1 64  ? 11.698  2.421   7.352   1.00 15.43 ? 64  PHE A CA  1 
ATOM   426  C C   . PHE A 1 64  ? 11.394  0.996   7.817   1.00 14.08 ? 64  PHE A C   1 
ATOM   427  O O   . PHE A 1 64  ? 10.648  0.803   8.767   1.00 14.14 ? 64  PHE A O   1 
ATOM   428  C CB  . PHE A 1 64  ? 10.825  2.764   6.133   1.00 16.11 ? 64  PHE A CB  1 
ATOM   429  C CG  . PHE A 1 64  ? 10.422  4.219   6.061   1.00 16.12 ? 64  PHE A CG  1 
ATOM   430  C CD1 . PHE A 1 64  ? 11.180  5.138   5.336   1.00 15.86 ? 64  PHE A CD1 1 
ATOM   431  C CD2 . PHE A 1 64  ? 9.287   4.671   6.732   1.00 15.08 ? 64  PHE A CD2 1 
ATOM   432  C CE1 . PHE A 1 64  ? 10.814  6.486   5.280   1.00 15.26 ? 64  PHE A CE1 1 
ATOM   433  C CE2 . PHE A 1 64  ? 8.910   6.019   6.684   1.00 17.48 ? 64  PHE A CE2 1 
ATOM   434  C CZ  . PHE A 1 64  ? 9.677   6.930   5.955   1.00 17.19 ? 64  PHE A CZ  1 
ATOM   435  N N   . LYS A 1 65  ? 11.961  0.000   7.140   1.00 12.75 ? 65  LYS A N   1 
ATOM   436  C CA  . LYS A 1 65  ? 11.742  -1.402  7.515   1.00 13.95 ? 65  LYS A CA  1 
ATOM   437  C C   . LYS A 1 65  ? 12.100  -1.663  8.987   1.00 14.69 ? 65  LYS A C   1 
ATOM   438  O O   . LYS A 1 65  ? 11.331  -2.282  9.735   1.00 13.98 ? 65  LYS A O   1 
ATOM   439  C CB  . LYS A 1 65  ? 12.576  -2.324  6.612   1.00 15.73 ? 65  LYS A CB  1 
ATOM   440  C CG  . LYS A 1 65  ? 12.388  -3.815  6.881   1.00 18.57 ? 65  LYS A CG  1 
ATOM   441  C CD  . LYS A 1 65  ? 13.334  -4.654  6.041   1.00 23.51 ? 65  LYS A CD  1 
ATOM   442  C CE  . LYS A 1 65  ? 13.206  -6.133  6.372   1.00 25.78 ? 65  LYS A CE  1 
ATOM   443  N NZ  . LYS A 1 65  ? 14.204  -6.965  5.641   1.00 28.66 ? 65  LYS A NZ  1 
ATOM   444  N N   . GLU A 1 66  ? 13.275  -1.203  9.409   1.00 15.85 ? 66  GLU A N   1 
ATOM   445  C CA  . GLU A 1 66  ? 13.705  -1.402  10.791  1.00 16.54 ? 66  GLU A CA  1 
ATOM   446  C C   . GLU A 1 66  ? 12.730  -0.774  11.789  1.00 17.70 ? 66  GLU A C   1 
ATOM   447  O O   . GLU A 1 66  ? 12.316  -1.415  12.764  1.00 17.41 ? 66  GLU A O   1 
ATOM   448  C CB  . GLU A 1 66  ? 15.105  -0.818  10.998  1.00 18.69 ? 66  GLU A CB  1 
ATOM   449  C CG  . GLU A 1 66  ? 15.546  -0.802  12.455  1.00 22.34 ? 66  GLU A CG  1 
ATOM   450  C CD  . GLU A 1 66  ? 16.949  -0.268  12.623  1.00 24.59 ? 66  GLU A CD  1 
ATOM   451  O OE1 . GLU A 1 66  ? 17.890  -0.897  12.086  1.00 24.51 ? 66  GLU A OE1 1 
ATOM   452  O OE2 . GLU A 1 66  ? 17.105  0.780   13.288  1.00 27.06 ? 66  GLU A OE2 1 
ATOM   453  N N   . LYS A 1 67  ? 12.350  0.476   11.534  1.00 16.84 ? 67  LYS A N   1 
ATOM   454  C CA  . LYS A 1 67  ? 11.423  1.187   12.410  1.00 16.24 ? 67  LYS A CA  1 
ATOM   455  C C   . LYS A 1 67  ? 10.020  0.573   12.403  1.00 15.95 ? 67  LYS A C   1 
ATOM   456  O O   . LYS A 1 67  ? 9.367   0.477   13.443  1.00 14.66 ? 67  LYS A O   1 
ATOM   457  C CB  . LYS A 1 67  ? 11.342  2.654   11.995  1.00 18.68 ? 67  LYS A CB  1 
ATOM   458  C CG  . LYS A 1 67  ? 12.037  3.612   12.947  1.00 24.26 ? 67  LYS A CG  1 
ATOM   459  C CD  . LYS A 1 67  ? 13.504  3.280   13.126  1.00 24.48 ? 67  LYS A CD  1 
ATOM   460  C CE  . LYS A 1 67  ? 14.205  4.345   13.950  1.00 26.66 ? 67  LYS A CE  1 
ATOM   461  N NZ  . LYS A 1 67  ? 15.667  4.105   14.047  1.00 26.70 ? 67  LYS A NZ  1 
ATOM   462  N N   . LEU A 1 68  ? 9.554   0.167   11.228  1.00 13.37 ? 68  LEU A N   1 
ATOM   463  C CA  . LEU A 1 68  ? 8.234   -0.428  11.122  1.00 13.72 ? 68  LEU A CA  1 
ATOM   464  C C   . LEU A 1 68  ? 8.174   -1.785  11.822  1.00 14.00 ? 68  LEU A C   1 
ATOM   465  O O   . LEU A 1 68  ? 7.273   -2.045  12.628  1.00 11.88 ? 68  LEU A O   1 
ATOM   466  C CB  . LEU A 1 68  ? 7.846   -0.552  9.643   1.00 11.82 ? 68  LEU A CB  1 
ATOM   467  C CG  . LEU A 1 68  ? 7.502   0.817   9.026   1.00 13.99 ? 68  LEU A CG  1 
ATOM   468  C CD1 . LEU A 1 68  ? 7.544   0.744   7.507   1.00 14.44 ? 68  LEU A CD1 1 
ATOM   469  C CD2 . LEU A 1 68  ? 6.112   1.258   9.530   1.00 13.71 ? 68  LEU A CD2 1 
ATOM   470  N N   . GLU A 1 69  ? 9.142   -2.643  11.528  1.00 14.10 ? 69  GLU A N   1 
ATOM   471  C CA  . GLU A 1 69  ? 9.167   -3.966  12.128  1.00 15.41 ? 69  GLU A CA  1 
ATOM   472  C C   . GLU A 1 69  ? 9.440   -3.875  13.625  1.00 15.28 ? 69  GLU A C   1 
ATOM   473  O O   . GLU A 1 69  ? 8.962   -4.694  14.396  1.00 15.17 ? 69  GLU A O   1 
ATOM   474  C CB  . GLU A 1 69  ? 10.180  -4.842  11.386  1.00 16.31 ? 69  GLU A CB  1 
ATOM   475  C CG  . GLU A 1 69  ? 9.640   -5.227  9.994   1.00 17.43 ? 69  GLU A CG  1 
ATOM   476  C CD  . GLU A 1 69  ? 10.645  -5.931  9.104   1.00 21.82 ? 69  GLU A CD  1 
ATOM   477  O OE1 . GLU A 1 69  ? 11.764  -6.214  9.569   1.00 22.40 ? 69  GLU A OE1 1 
ATOM   478  O OE2 . GLU A 1 69  ? 10.311  -6.197  7.925   1.00 19.88 ? 69  GLU A OE2 1 
ATOM   479  N N   . ALA A 1 70  ? 10.179  -2.850  14.038  1.00 15.44 ? 70  ALA A N   1 
ATOM   480  C CA  . ALA A 1 70  ? 10.453  -2.645  15.455  1.00 16.97 ? 70  ALA A CA  1 
ATOM   481  C C   . ALA A 1 70  ? 9.135   -2.381  16.185  1.00 17.17 ? 70  ALA A C   1 
ATOM   482  O O   . ALA A 1 70  ? 9.020   -2.645  17.383  1.00 17.21 ? 70  ALA A O   1 
ATOM   483  C CB  . ALA A 1 70  ? 11.393  -1.460  15.640  1.00 17.46 ? 70  ALA A CB  1 
ATOM   484  N N   . LYS A 1 71  ? 8.142   -1.853  15.467  1.00 16.01 ? 71  LYS A N   1 
ATOM   485  C CA  . LYS A 1 71  ? 6.849   -1.556  16.086  1.00 15.43 ? 71  LYS A CA  1 
ATOM   486  C C   . LYS A 1 71  ? 5.776   -2.596  15.795  1.00 16.51 ? 71  LYS A C   1 
ATOM   487  O O   . LYS A 1 71  ? 4.583   -2.336  15.951  1.00 17.85 ? 71  LYS A O   1 
ATOM   488  C CB  . LYS A 1 71  ? 6.354   -0.175  15.663  1.00 16.43 ? 71  LYS A CB  1 
ATOM   489  C CG  . LYS A 1 71  ? 7.222   0.956   16.174  1.00 17.59 ? 71  LYS A CG  1 
ATOM   490  C CD  . LYS A 1 71  ? 7.388   0.907   17.693  1.00 20.02 ? 71  LYS A CD  1 
ATOM   491  C CE  . LYS A 1 71  ? 8.400   1.960   18.143  1.00 20.95 ? 71  LYS A CE  1 
ATOM   492  N NZ  . LYS A 1 71  ? 8.680   1.932   19.605  1.00 23.24 ? 71  LYS A NZ  1 
ATOM   493  N N   . GLY A 1 72  ? 6.203   -3.774  15.369  1.00 15.85 ? 72  GLY A N   1 
ATOM   494  C CA  . GLY A 1 72  ? 5.250   -4.835  15.123  1.00 17.08 ? 72  GLY A CA  1 
ATOM   495  C C   . GLY A 1 72  ? 4.517   -4.854  13.801  1.00 15.79 ? 72  GLY A C   1 
ATOM   496  O O   . GLY A 1 72  ? 3.492   -5.528  13.694  1.00 16.98 ? 72  GLY A O   1 
ATOM   497  N N   . TRP A 1 73  ? 4.996   -4.113  12.807  1.00 15.64 ? 73  TRP A N   1 
ATOM   498  C CA  . TRP A 1 73  ? 4.363   -4.158  11.498  1.00 15.24 ? 73  TRP A CA  1 
ATOM   499  C C   . TRP A 1 73  ? 5.006   -5.384  10.850  1.00 16.59 ? 73  TRP A C   1 
ATOM   500  O O   . TRP A 1 73  ? 6.237   -5.449  10.717  1.00 15.53 ? 73  TRP A O   1 
ATOM   501  C CB  . TRP A 1 73  ? 4.646   -2.878  10.699  1.00 15.94 ? 73  TRP A CB  1 
ATOM   502  C CG  . TRP A 1 73  ? 3.913   -1.680  11.259  1.00 16.00 ? 73  TRP A CG  1 
ATOM   503  C CD1 . TRP A 1 73  ? 4.318   -0.875  12.293  1.00 15.14 ? 73  TRP A CD1 1 
ATOM   504  C CD2 . TRP A 1 73  ? 2.610   -1.211  10.875  1.00 15.59 ? 73  TRP A CD2 1 
ATOM   505  N NE1 . TRP A 1 73  ? 3.348   0.059   12.577  1.00 16.88 ? 73  TRP A NE1 1 
ATOM   506  C CE2 . TRP A 1 73  ? 2.290   -0.122  11.724  1.00 16.62 ? 73  TRP A CE2 1 
ATOM   507  C CE3 . TRP A 1 73  ? 1.680   -1.605  9.899   1.00 16.22 ? 73  TRP A CE3 1 
ATOM   508  C CZ2 . TRP A 1 73  ? 1.078   0.578   11.628  1.00 16.87 ? 73  TRP A CZ2 1 
ATOM   509  C CZ3 . TRP A 1 73  ? 0.472   -0.906  9.803   1.00 15.58 ? 73  TRP A CZ3 1 
ATOM   510  C CH2 . TRP A 1 73  ? 0.184   0.173   10.665  1.00 17.12 ? 73  TRP A CH2 1 
ATOM   511  N N   . LYS A 1 74  ? 4.181   -6.351  10.454  1.00 15.03 ? 74  LYS A N   1 
ATOM   512  C CA  . LYS A 1 74  ? 4.691   -7.596  9.880   1.00 14.46 ? 74  LYS A CA  1 
ATOM   513  C C   . LYS A 1 74  ? 4.139   -7.963  8.511   1.00 15.38 ? 74  LYS A C   1 
ATOM   514  O O   . LYS A 1 74  ? 3.097   -7.459  8.090   1.00 13.59 ? 74  LYS A O   1 
ATOM   515  C CB  . LYS A 1 74  ? 4.425   -8.744  10.854  1.00 13.91 ? 74  LYS A CB  1 
ATOM   516  C CG  . LYS A 1 74  ? 4.991   -8.504  12.256  1.00 15.30 ? 74  LYS A CG  1 
ATOM   517  C CD  . LYS A 1 74  ? 4.634   -9.652  13.195  1.00 12.93 ? 74  LYS A CD  1 
ATOM   518  C CE  . LYS A 1 74  ? 5.288   -9.459  14.558  1.00 15.50 ? 74  LYS A CE  1 
ATOM   519  N NZ  . LYS A 1 74  ? 5.075   -10.638 15.442  1.00 13.77 ? 74  LYS A NZ  1 
ATOM   520  N N   . GLU A 1 75  ? 4.842   -8.867  7.832   1.00 15.10 ? 75  GLU A N   1 
ATOM   521  C CA  . GLU A 1 75  ? 4.446   -9.286  6.500   1.00 16.44 ? 75  GLU A CA  1 
ATOM   522  C C   . GLU A 1 75  ? 3.104   -9.998  6.481   1.00 17.20 ? 75  GLU A C   1 
ATOM   523  O O   . GLU A 1 75  ? 2.669   -10.613 7.470   1.00 15.71 ? 75  GLU A O   1 
ATOM   524  C CB  . GLU A 1 75  ? 5.533   -10.175 5.873   1.00 19.42 ? 75  GLU A CB  1 
ATOM   525  C CG  . GLU A 1 75  ? 5.684   -11.550 6.509   1.00 23.84 ? 75  GLU A CG  1 
ATOM   526  C CD  . GLU A 1 75  ? 6.811   -12.368 5.885   1.00 28.36 ? 75  GLU A CD  1 
ATOM   527  O OE1 . GLU A 1 75  ? 6.833   -12.512 4.642   1.00 28.22 ? 75  GLU A OE1 1 
ATOM   528  O OE2 . GLU A 1 75  ? 7.673   -12.869 6.642   1.00 30.17 ? 75  GLU A OE2 1 
ATOM   529  N N   . SER A 1 76  ? 2.433   -9.888  5.346   1.00 16.25 ? 76  SER A N   1 
ATOM   530  C CA  . SER A 1 76  ? 1.144   -10.517 5.170   1.00 16.81 ? 76  SER A CA  1 
ATOM   531  C C   . SER A 1 76  ? 1.067   -11.054 3.750   1.00 16.15 ? 76  SER A C   1 
ATOM   532  O O   . SER A 1 76  ? 1.654   -10.490 2.833   1.00 14.40 ? 76  SER A O   1 
ATOM   533  C CB  . SER A 1 76  ? 0.023   -9.505  5.402   1.00 15.50 ? 76  SER A CB  1 
ATOM   534  O OG  . SER A 1 76  ? -1.233  -10.150 5.312   1.00 22.13 ? 76  SER A OG  1 
ATOM   535  N N   . ARG A 1 77  ? 0.357   -12.160 3.581   1.00 15.97 ? 77  ARG A N   1 
ATOM   536  C CA  . ARG A 1 77  ? 0.199   -12.740 2.265   1.00 16.92 ? 77  ARG A CA  1 
ATOM   537  C C   . ARG A 1 77  ? -1.248  -13.142 2.108   1.00 16.99 ? 77  ARG A C   1 
ATOM   538  O O   . ARG A 1 77  ? -1.871  -13.644 3.052   1.00 16.47 ? 77  ARG A O   1 
ATOM   539  C CB  . ARG A 1 77  ? 1.110   -13.958 2.093   1.00 18.78 ? 77  ARG A CB  1 
ATOM   540  C CG  . ARG A 1 77  ? 0.819   -14.758 0.817   1.00 22.75 ? 77  ARG A CG  1 
ATOM   541  C CD  . ARG A 1 77  ? 1.970   -15.673 0.422   1.00 25.47 ? 77  ARG A CD  1 
ATOM   542  N NE  . ARG A 1 77  ? 1.590   -16.531 -0.698  1.00 27.56 ? 77  ARG A NE  1 
ATOM   543  C CZ  . ARG A 1 77  ? 2.452   -17.197 -1.458  1.00 28.97 ? 77  ARG A CZ  1 
ATOM   544  N NH1 . ARG A 1 77  ? 3.754   -17.105 -1.218  1.00 29.88 ? 77  ARG A NH1 1 
ATOM   545  N NH2 . ARG A 1 77  ? 2.010   -17.948 -2.461  1.00 29.77 ? 77  ARG A NH2 1 
ATOM   546  N N   . THR A 1 78  ? -1.795  -12.894 0.925   1.00 14.33 ? 78  THR A N   1 
ATOM   547  C CA  . THR A 1 78  ? -3.168  -13.268 0.658   1.00 16.55 ? 78  THR A CA  1 
ATOM   548  C C   . THR A 1 78  ? -3.177  -14.097 -0.624  1.00 15.87 ? 78  THR A C   1 
ATOM   549  O O   . THR A 1 78  ? -2.583  -13.721 -1.635  1.00 15.37 ? 78  THR A O   1 
ATOM   550  C CB  . THR A 1 78  ? -4.085  -12.016 0.551   1.00 17.81 ? 78  THR A CB  1 
ATOM   551  O OG1 . THR A 1 78  ? -5.451  -12.439 0.578   1.00 21.96 ? 78  THR A OG1 1 
ATOM   552  C CG2 . THR A 1 78  ? -3.819  -11.228 -0.743  1.00 17.53 ? 78  THR A CG2 1 
ATOM   553  N N   . ASN A 1 79  ? -3.824  -15.253 -0.561  1.00 16.48 ? 79  ASN A N   1 
ATOM   554  C CA  . ASN A 1 79  ? -3.880  -16.159 -1.699  1.00 17.46 ? 79  ASN A CA  1 
ATOM   555  C C   . ASN A 1 79  ? -5.259  -16.145 -2.330  1.00 18.41 ? 79  ASN A C   1 
ATOM   556  O O   . ASN A 1 79  ? -6.263  -15.899 -1.654  1.00 17.83 ? 79  ASN A O   1 
ATOM   557  C CB  . ASN A 1 79  ? -3.545  -17.587 -1.244  1.00 19.75 ? 79  ASN A CB  1 
ATOM   558  C CG  . ASN A 1 79  ? -2.191  -17.678 -0.554  1.00 20.94 ? 79  ASN A CG  1 
ATOM   559  O OD1 . ASN A 1 79  ? -1.153  -17.457 -1.172  1.00 18.68 ? 79  ASN A OD1 1 
ATOM   560  N ND2 . ASN A 1 79  ? -2.201  -18.001 0.738   1.00 24.07 ? 79  ASN A ND2 1 
ATOM   561  N N   . TYR A 1 80  ? -5.312  -16.402 -3.633  1.00 14.94 ? 80  TYR A N   1 
ATOM   562  C CA  . TYR A 1 80  ? -6.585  -16.448 -4.335  1.00 15.06 ? 80  TYR A CA  1 
ATOM   563  C C   . TYR A 1 80  ? -6.435  -17.198 -5.646  1.00 14.72 ? 80  TYR A C   1 
ATOM   564  O O   . TYR A 1 80  ? -5.312  -17.482 -6.084  1.00 15.17 ? 80  TYR A O   1 
ATOM   565  C CB  . TYR A 1 80  ? -7.136  -15.027 -4.576  1.00 13.58 ? 80  TYR A CB  1 
ATOM   566  C CG  . TYR A 1 80  ? -6.179  -14.037 -5.223  1.00 14.76 ? 80  TYR A CG  1 
ATOM   567  C CD1 . TYR A 1 80  ? -6.196  -13.809 -6.608  1.00 11.12 ? 80  TYR A CD1 1 
ATOM   568  C CD2 . TYR A 1 80  ? -5.287  -13.296 -4.444  1.00 12.83 ? 80  TYR A CD2 1 
ATOM   569  C CE1 . TYR A 1 80  ? -5.341  -12.849 -7.192  1.00 11.24 ? 80  TYR A CE1 1 
ATOM   570  C CE2 . TYR A 1 80  ? -4.436  -12.348 -5.009  1.00 13.31 ? 80  TYR A CE2 1 
ATOM   571  C CZ  . TYR A 1 80  ? -4.466  -12.125 -6.376  1.00 14.44 ? 80  TYR A CZ  1 
ATOM   572  O OH  . TYR A 1 80  ? -3.627  -11.166 -6.902  1.00 14.94 ? 80  TYR A OH  1 
ATOM   573  N N   . TYR A 1 81  ? -7.568  -17.541 -6.248  1.00 13.49 ? 81  TYR A N   1 
ATOM   574  C CA  . TYR A 1 81  ? -7.589  -18.262 -7.510  1.00 14.41 ? 81  TYR A CA  1 
ATOM   575  C C   . TYR A 1 81  ? -8.217  -17.408 -8.587  1.00 15.35 ? 81  TYR A C   1 
ATOM   576  O O   . TYR A 1 81  ? -9.357  -16.977 -8.443  1.00 14.11 ? 81  TYR A O   1 
ATOM   577  C CB  . TYR A 1 81  ? -8.401  -19.560 -7.391  1.00 14.30 ? 81  TYR A CB  1 
ATOM   578  C CG  . TYR A 1 81  ? -7.702  -20.651 -6.619  1.00 17.92 ? 81  TYR A CG  1 
ATOM   579  C CD1 . TYR A 1 81  ? -7.829  -20.739 -5.232  1.00 16.44 ? 81  TYR A CD1 1 
ATOM   580  C CD2 . TYR A 1 81  ? -6.876  -21.572 -7.273  1.00 16.72 ? 81  TYR A CD2 1 
ATOM   581  C CE1 . TYR A 1 81  ? -7.152  -21.718 -4.511  1.00 18.56 ? 81  TYR A CE1 1 
ATOM   582  C CE2 . TYR A 1 81  ? -6.189  -22.554 -6.560  1.00 18.29 ? 81  TYR A CE2 1 
ATOM   583  C CZ  . TYR A 1 81  ? -6.334  -22.620 -5.178  1.00 20.94 ? 81  TYR A CZ  1 
ATOM   584  O OH  . TYR A 1 81  ? -5.669  -23.587 -4.455  1.00 21.55 ? 81  TYR A OH  1 
ATOM   585  N N   . VAL A 1 82  ? -7.475  -17.162 -9.663  1.00 14.07 ? 82  VAL A N   1 
ATOM   586  C CA  . VAL A 1 82  ? -8.007  -16.381 -10.766 1.00 12.91 ? 82  VAL A CA  1 
ATOM   587  C C   . VAL A 1 82  ? -8.540  -17.353 -11.822 1.00 12.92 ? 82  VAL A C   1 
ATOM   588  O O   . VAL A 1 82  ? -8.299  -18.564 -11.745 1.00 14.17 ? 82  VAL A O   1 
ATOM   589  C CB  . VAL A 1 82  ? -6.924  -15.438 -11.382 1.00 13.56 ? 82  VAL A CB  1 
ATOM   590  C CG1 . VAL A 1 82  ? -6.333  -14.557 -10.293 1.00 13.78 ? 82  VAL A CG1 1 
ATOM   591  C CG2 . VAL A 1 82  ? -5.826  -16.248 -12.094 1.00 12.50 ? 82  VAL A CG2 1 
ATOM   592  N N   . THR A 1 83  ? -9.285  -16.829 -12.789 1.00 13.09 ? 83  THR A N   1 
ATOM   593  C CA  . THR A 1 83  ? -9.860  -17.647 -13.849 1.00 13.91 ? 83  THR A CA  1 
ATOM   594  C C   . THR A 1 83  ? -10.215 -16.728 -15.004 1.00 15.03 ? 83  THR A C   1 
ATOM   595  O O   . THR A 1 83  ? -10.264 -15.508 -14.833 1.00 15.84 ? 83  THR A O   1 
ATOM   596  C CB  . THR A 1 83  ? -11.142 -18.393 -13.359 1.00 13.61 ? 83  THR A CB  1 
ATOM   597  O OG1 . THR A 1 83  ? -11.730 -19.117 -14.450 1.00 13.96 ? 83  THR A OG1 1 
ATOM   598  C CG2 . THR A 1 83  ? -12.172 -17.402 -12.813 1.00 15.26 ? 83  THR A CG2 1 
ATOM   599  N N   . ALA A 1 84  ? -10.458 -17.305 -16.177 1.00 13.85 ? 84  ALA A N   1 
ATOM   600  C CA  . ALA A 1 84  ? -10.802 -16.518 -17.360 1.00 16.01 ? 84  ALA A CA  1 
ATOM   601  C C   . ALA A 1 84  ? -12.258 -16.077 -17.385 1.00 16.12 ? 84  ALA A C   1 
ATOM   602  O O   . ALA A 1 84  ? -12.609 -15.133 -18.084 1.00 14.02 ? 84  ALA A O   1 
ATOM   603  C CB  . ALA A 1 84  ? -10.489 -17.322 -18.637 1.00 14.24 ? 84  ALA A CB  1 
ATOM   604  N N   . ASP A 1 85  ? -13.098 -16.755 -16.608 1.00 17.33 ? 85  ASP A N   1 
ATOM   605  C CA  . ASP A 1 85  ? -14.532 -16.484 -16.565 1.00 17.59 ? 85  ASP A CA  1 
ATOM   606  C C   . ASP A 1 85  ? -14.912 -15.301 -15.670 1.00 18.29 ? 85  ASP A C   1 
ATOM   607  O O   . ASP A 1 85  ? -14.823 -15.391 -14.444 1.00 16.13 ? 85  ASP A O   1 
ATOM   608  C CB  . ASP A 1 85  ? -15.247 -17.751 -16.088 1.00 19.18 ? 85  ASP A CB  1 
ATOM   609  C CG  . ASP A 1 85  ? -16.739 -17.719 -16.343 1.00 22.11 ? 85  ASP A CG  1 
ATOM   610  O OD1 . ASP A 1 85  ? -17.400 -16.738 -15.953 1.00 22.59 ? 85  ASP A OD1 1 
ATOM   611  O OD2 . ASP A 1 85  ? -17.252 -18.695 -16.932 1.00 26.83 ? 85  ASP A OD2 1 
ATOM   612  N N   . PRO A 1 86  ? -15.367 -14.184 -16.275 1.00 18.03 ? 86  PRO A N   1 
ATOM   613  C CA  . PRO A 1 86  ? -15.767 -12.968 -15.548 1.00 17.85 ? 86  PRO A CA  1 
ATOM   614  C C   . PRO A 1 86  ? -16.841 -13.188 -14.477 1.00 18.48 ? 86  PRO A C   1 
ATOM   615  O O   . PRO A 1 86  ? -16.767 -12.611 -13.386 1.00 15.30 ? 86  PRO A O   1 
ATOM   616  C CB  . PRO A 1 86  ? -16.261 -12.038 -16.665 1.00 18.66 ? 86  PRO A CB  1 
ATOM   617  C CG  . PRO A 1 86  ? -15.451 -12.476 -17.853 1.00 18.99 ? 86  PRO A CG  1 
ATOM   618  C CD  . PRO A 1 86  ? -15.506 -13.986 -17.730 1.00 18.09 ? 86  PRO A CD  1 
ATOM   619  N N   . LYS A 1 87  ? -17.837 -14.014 -14.801 1.00 17.89 ? 87  LYS A N   1 
ATOM   620  C CA  . LYS A 1 87  ? -18.933 -14.316 -13.877 1.00 18.49 ? 87  LYS A CA  1 
ATOM   621  C C   . LYS A 1 87  ? -18.425 -15.041 -12.643 1.00 17.56 ? 87  LYS A C   1 
ATOM   622  O O   . LYS A 1 87  ? -18.799 -14.710 -11.510 1.00 17.95 ? 87  LYS A O   1 
ATOM   623  C CB  . LYS A 1 87  ? -19.991 -15.181 -14.569 1.00 19.85 ? 87  LYS A CB  1 
ATOM   624  C CG  . LYS A 1 87  ? -21.112 -15.650 -13.643 1.00 23.73 ? 87  LYS A CG  1 
ATOM   625  C CD  . LYS A 1 87  ? -22.174 -16.419 -14.402 1.00 25.63 ? 87  LYS A CD  1 
ATOM   626  C CE  . LYS A 1 87  ? -23.271 -16.921 -13.476 1.00 28.79 ? 87  LYS A CE  1 
ATOM   627  N NZ  . LYS A 1 87  ? -24.349 -17.601 -14.249 1.00 30.96 ? 87  LYS A NZ  1 
ATOM   628  N N   . LEU A 1 88  ? -17.575 -16.036 -12.861 1.00 16.63 ? 88  LEU A N   1 
ATOM   629  C CA  . LEU A 1 88  ? -17.018 -16.804 -11.752 1.00 16.41 ? 88  LEU A CA  1 
ATOM   630  C C   . LEU A 1 88  ? -16.100 -15.940 -10.891 1.00 16.10 ? 88  LEU A C   1 
ATOM   631  O O   . LEU A 1 88  ? -16.022 -16.131 -9.680  1.00 15.31 ? 88  LEU A O   1 
ATOM   632  C CB  . LEU A 1 88  ? -16.269 -18.023 -12.287 1.00 16.66 ? 88  LEU A CB  1 
ATOM   633  C CG  . LEU A 1 88  ? -17.214 -19.058 -12.909 1.00 19.07 ? 88  LEU A CG  1 
ATOM   634  C CD1 . LEU A 1 88  ? -16.419 -20.181 -13.561 1.00 17.68 ? 88  LEU A CD1 1 
ATOM   635  C CD2 . LEU A 1 88  ? -18.132 -19.616 -11.825 1.00 18.66 ? 88  LEU A CD2 1 
ATOM   636  N N   . ILE A 1 89  ? -15.411 -14.986 -11.507 1.00 14.94 ? 89  ILE A N   1 
ATOM   637  C CA  . ILE A 1 89  ? -14.543 -14.097 -10.734 1.00 14.80 ? 89  ILE A CA  1 
ATOM   638  C C   . ILE A 1 89  ? -15.427 -13.296 -9.763  1.00 16.09 ? 89  ILE A C   1 
ATOM   639  O O   . ILE A 1 89  ? -15.183 -13.263 -8.553  1.00 15.67 ? 89  ILE A O   1 
ATOM   640  C CB  . ILE A 1 89  ? -13.782 -13.105 -11.640 1.00 14.35 ? 89  ILE A CB  1 
ATOM   641  C CG1 . ILE A 1 89  ? -12.724 -13.844 -12.481 1.00 13.54 ? 89  ILE A CG1 1 
ATOM   642  C CG2 . ILE A 1 89  ? -13.106 -12.042 -10.783 1.00 13.05 ? 89  ILE A CG2 1 
ATOM   643  C CD1 . ILE A 1 89  ? -11.928 -12.922 -13.395 1.00 17.27 ? 89  ILE A CD1 1 
ATOM   644  N N   . ARG A 1 90  ? -16.461 -12.654 -10.292 1.00 16.65 ? 90  ARG A N   1 
ATOM   645  C CA  . ARG A 1 90  ? -17.347 -11.866 -9.441  1.00 19.35 ? 90  ARG A CA  1 
ATOM   646  C C   . ARG A 1 90  ? -17.992 -12.693 -8.327  1.00 19.17 ? 90  ARG A C   1 
ATOM   647  O O   . ARG A 1 90  ? -18.204 -12.205 -7.210  1.00 19.56 ? 90  ARG A O   1 
ATOM   648  C CB  . ARG A 1 90  ? -18.427 -11.180 -10.290 1.00 21.55 ? 90  ARG A CB  1 
ATOM   649  C CG  . ARG A 1 90  ? -17.991 -9.840  -10.871 1.00 26.63 ? 90  ARG A CG  1 
ATOM   650  C CD  . ARG A 1 90  ? -19.131 -9.140  -11.610 1.00 29.22 ? 90  ARG A CD  1 
ATOM   651  N NE  . ARG A 1 90  ? -19.413 -9.783  -12.890 1.00 31.68 ? 90  ARG A NE  1 
ATOM   652  C CZ  . ARG A 1 90  ? -18.740 -9.548  -14.012 1.00 31.86 ? 90  ARG A CZ  1 
ATOM   653  N NH1 . ARG A 1 90  ? -17.742 -8.670  -14.025 1.00 33.19 ? 90  ARG A NH1 1 
ATOM   654  N NH2 . ARG A 1 90  ? -19.050 -10.209 -15.121 1.00 32.76 ? 90  ARG A NH2 1 
ATOM   655  N N   . GLU A 1 91  ? -18.289 -13.953 -8.604  1.00 19.68 ? 91  GLU A N   1 
ATOM   656  C CA  . GLU A 1 91  ? -18.926 -14.778 -7.592  1.00 20.61 ? 91  GLU A CA  1 
ATOM   657  C C   . GLU A 1 91  ? -17.972 -15.333 -6.532  1.00 19.35 ? 91  GLU A C   1 
ATOM   658  O O   . GLU A 1 91  ? -18.406 -15.713 -5.448  1.00 19.85 ? 91  GLU A O   1 
ATOM   659  C CB  . GLU A 1 91  ? -19.716 -15.902 -8.281  1.00 24.17 ? 91  GLU A CB  1 
ATOM   660  C CG  . GLU A 1 91  ? -20.634 -15.342 -9.376  1.00 29.93 ? 91  GLU A CG  1 
ATOM   661  C CD  . GLU A 1 91  ? -21.618 -16.347 -9.954  1.00 33.33 ? 91  GLU A CD  1 
ATOM   662  O OE1 . GLU A 1 91  ? -21.214 -17.496 -10.253 1.00 34.58 ? 91  GLU A OE1 1 
ATOM   663  O OE2 . GLU A 1 91  ? -22.803 -15.972 -10.126 1.00 33.70 ? 91  GLU A OE2 1 
ATOM   664  N N   . THR A 1 92  ? -16.675 -15.354 -6.820  1.00 17.52 ? 92  THR A N   1 
ATOM   665  C CA  . THR A 1 92  ? -15.707 -15.899 -5.870  1.00 15.48 ? 92  THR A CA  1 
ATOM   666  C C   . THR A 1 92  ? -14.758 -14.906 -5.195  1.00 14.53 ? 92  THR A C   1 
ATOM   667  O O   . THR A 1 92  ? -13.976 -15.299 -4.325  1.00 11.90 ? 92  THR A O   1 
ATOM   668  C CB  . THR A 1 92  ? -14.833 -16.984 -6.547  1.00 16.62 ? 92  THR A CB  1 
ATOM   669  O OG1 . THR A 1 92  ? -14.144 -16.411 -7.667  1.00 15.56 ? 92  THR A OG1 1 
ATOM   670  C CG2 . THR A 1 92  ? -15.696 -18.135 -7.033  1.00 16.76 ? 92  THR A CG2 1 
ATOM   671  N N   . LEU A 1 93  ? -14.808 -13.639 -5.596  1.00 15.30 ? 93  LEU A N   1 
ATOM   672  C CA  . LEU A 1 93  ? -13.922 -12.615 -5.025  1.00 15.81 ? 93  LEU A CA  1 
ATOM   673  C C   . LEU A 1 93  ? -13.778 -12.635 -3.505  1.00 16.22 ? 93  LEU A C   1 
ATOM   674  O O   . LEU A 1 93  ? -12.659 -12.613 -2.980  1.00 16.61 ? 93  LEU A O   1 
ATOM   675  C CB  . LEU A 1 93  ? -14.385 -11.213 -5.451  1.00 16.83 ? 93  LEU A CB  1 
ATOM   676  C CG  . LEU A 1 93  ? -13.995 -10.772 -6.861  1.00 18.27 ? 93  LEU A CG  1 
ATOM   677  C CD1 . LEU A 1 93  ? -14.603 -9.410  -7.156  1.00 19.20 ? 93  LEU A CD1 1 
ATOM   678  C CD2 . LEU A 1 93  ? -12.477 -10.708 -6.977  1.00 17.21 ? 93  LEU A CD2 1 
ATOM   679  N N   . SER A 1 94  ? -14.907 -12.683 -2.805  1.00 16.75 ? 94  SER A N   1 
ATOM   680  C CA  . SER A 1 94  ? -14.915 -12.664 -1.344  1.00 17.83 ? 94  SER A CA  1 
ATOM   681  C C   . SER A 1 94  ? -14.769 -13.998 -0.640  1.00 18.13 ? 94  SER A C   1 
ATOM   682  O O   . SER A 1 94  ? -14.774 -14.048 0.593   1.00 14.80 ? 94  SER A O   1 
ATOM   683  C CB  . SER A 1 94  ? -16.194 -11.986 -0.833  1.00 19.32 ? 94  SER A CB  1 
ATOM   684  O OG  . SER A 1 94  ? -16.222 -10.621 -1.206  1.00 22.02 ? 94  SER A OG  1 
ATOM   685  N N   . LEU A 1 95  ? -14.633 -15.081 -1.399  1.00 17.11 ? 95  LEU A N   1 
ATOM   686  C CA  . LEU A 1 95  ? -14.508 -16.396 -0.782  1.00 17.25 ? 95  LEU A CA  1 
ATOM   687  C C   . LEU A 1 95  ? -13.094 -16.773 -0.335  1.00 18.44 ? 95  LEU A C   1 
ATOM   688  O O   . LEU A 1 95  ? -12.106 -16.159 -0.744  1.00 17.83 ? 95  LEU A O   1 
ATOM   689  C CB  . LEU A 1 95  ? -15.044 -17.463 -1.742  1.00 16.76 ? 95  LEU A CB  1 
ATOM   690  C CG  . LEU A 1 95  ? -16.471 -17.220 -2.246  1.00 18.27 ? 95  LEU A CG  1 
ATOM   691  C CD1 . LEU A 1 95  ? -16.873 -18.344 -3.195  1.00 20.70 ? 95  LEU A CD1 1 
ATOM   692  C CD2 . LEU A 1 95  ? -17.436 -17.147 -1.080  1.00 20.72 ? 95  LEU A CD2 1 
ATOM   693  N N   . GLU A 1 96  ? -13.008 -17.775 0.535   1.00 19.74 ? 96  GLU A N   1 
ATOM   694  C CA  . GLU A 1 96  ? -11.714 -18.259 0.992   1.00 22.71 ? 96  GLU A CA  1 
ATOM   695  C C   . GLU A 1 96  ? -11.099 -18.965 -0.213  1.00 20.58 ? 96  GLU A C   1 
ATOM   696  O O   . GLU A 1 96  ? -11.820 -19.504 -1.044  1.00 19.69 ? 96  GLU A O   1 
ATOM   697  C CB  . GLU A 1 96  ? -11.883 -19.246 2.147   1.00 25.36 ? 96  GLU A CB  1 
ATOM   698  C CG  . GLU A 1 96  ? -12.464 -18.608 3.395   1.00 30.48 ? 96  GLU A CG  1 
ATOM   699  C CD  . GLU A 1 96  ? -11.676 -17.388 3.812   1.00 33.67 ? 96  GLU A CD  1 
ATOM   700  O OE1 . GLU A 1 96  ? -10.519 -17.550 4.257   1.00 35.37 ? 96  GLU A OE1 1 
ATOM   701  O OE2 . GLU A 1 96  ? -12.209 -16.263 3.678   1.00 38.88 ? 96  GLU A OE2 1 
ATOM   702  N N   . PRO A 1 97  ? -9.763  -18.970 -0.318  1.00 21.57 ? 97  PRO A N   1 
ATOM   703  C CA  . PRO A 1 97  ? -9.038  -19.606 -1.427  1.00 21.25 ? 97  PRO A CA  1 
ATOM   704  C C   . PRO A 1 97  ? -9.553  -20.982 -1.865  1.00 22.59 ? 97  PRO A C   1 
ATOM   705  O O   . PRO A 1 97  ? -9.885  -21.184 -3.035  1.00 22.18 ? 97  PRO A O   1 
ATOM   706  C CB  . PRO A 1 97  ? -7.604  -19.666 -0.909  1.00 22.55 ? 97  PRO A CB  1 
ATOM   707  C CG  . PRO A 1 97  ? -7.507  -18.445 -0.053  1.00 22.36 ? 97  PRO A CG  1 
ATOM   708  C CD  . PRO A 1 97  ? -8.827  -18.422 0.683   1.00 22.48 ? 97  PRO A CD  1 
ATOM   709  N N   . GLU A 1 98  ? -9.626  -21.932 -0.937  1.00 21.69 ? 98  GLU A N   1 
ATOM   710  C CA  . GLU A 1 98  ? -10.092 -23.268 -1.296  1.00 22.59 ? 98  GLU A CA  1 
ATOM   711  C C   . GLU A 1 98  ? -11.520 -23.275 -1.823  1.00 20.15 ? 98  GLU A C   1 
ATOM   712  O O   . GLU A 1 98  ? -11.875 -24.098 -2.670  1.00 18.97 ? 98  GLU A O   1 
ATOM   713  C CB  . GLU A 1 98  ? -9.952  -24.219 -0.105  1.00 24.83 ? 98  GLU A CB  1 
ATOM   714  C CG  . GLU A 1 98  ? -8.506  -24.408 0.333   1.00 30.55 ? 98  GLU A CG  1 
ATOM   715  C CD  . GLU A 1 98  ? -7.618  -24.888 -0.804  1.00 33.46 ? 98  GLU A CD  1 
ATOM   716  O OE1 . GLU A 1 98  ? -7.876  -25.994 -1.339  1.00 35.40 ? 98  GLU A OE1 1 
ATOM   717  O OE2 . GLU A 1 98  ? -6.668  -24.156 -1.169  1.00 35.64 ? 98  GLU A OE2 1 
ATOM   718  N N   . GLU A 1 99  ? -12.343 -22.354 -1.338  1.00 18.50 ? 99  GLU A N   1 
ATOM   719  C CA  . GLU A 1 99  ? -13.723 -22.282 -1.797  1.00 19.66 ? 99  GLU A CA  1 
ATOM   720  C C   . GLU A 1 99  ? -13.761 -21.670 -3.206  1.00 18.63 ? 99  GLU A C   1 
ATOM   721  O O   . GLU A 1 99  ? -14.619 -22.013 -4.028  1.00 17.47 ? 99  GLU A O   1 
ATOM   722  C CB  . GLU A 1 99  ? -14.546 -21.443 -0.814  1.00 24.44 ? 99  GLU A CB  1 
ATOM   723  C CG  . GLU A 1 99  ? -16.043 -21.437 -1.075  1.00 30.73 ? 99  GLU A CG  1 
ATOM   724  C CD  . GLU A 1 99  ? -16.648 -22.834 -1.107  1.00 33.43 ? 99  GLU A CD  1 
ATOM   725  O OE1 . GLU A 1 99  ? -16.429 -23.614 -0.151  1.00 35.82 ? 99  GLU A OE1 1 
ATOM   726  O OE2 . GLU A 1 99  ? -17.352 -23.149 -2.089  1.00 36.15 ? 99  GLU A OE2 1 
ATOM   727  N N   . GLN A 1 100 ? -12.830 -20.763 -3.482  1.00 16.78 ? 100 GLN A N   1 
ATOM   728  C CA  . GLN A 1 100 ? -12.767 -20.128 -4.795  1.00 15.85 ? 100 GLN A CA  1 
ATOM   729  C C   . GLN A 1 100 ? -12.472 -21.193 -5.838  1.00 15.16 ? 100 GLN A C   1 
ATOM   730  O O   . GLN A 1 100 ? -13.148 -21.286 -6.859  1.00 14.34 ? 100 GLN A O   1 
ATOM   731  C CB  . GLN A 1 100 ? -11.665 -19.074 -4.833  1.00 13.30 ? 100 GLN A CB  1 
ATOM   732  C CG  . GLN A 1 100 ? -11.840 -17.945 -3.827  1.00 15.93 ? 100 GLN A CG  1 
ATOM   733  C CD  . GLN A 1 100 ? -10.696 -16.960 -3.892  1.00 15.67 ? 100 GLN A CD  1 
ATOM   734  O OE1 . GLN A 1 100 ? -9.552  -17.348 -4.143  1.00 16.22 ? 100 GLN A OE1 1 
ATOM   735  N NE2 . GLN A 1 100 ? -10.988 -15.683 -3.647  1.00 16.81 ? 100 GLN A NE2 1 
ATOM   736  N N   . LYS A 1 101 ? -11.441 -21.987 -5.579  1.00 15.89 ? 101 LYS A N   1 
ATOM   737  C CA  . LYS A 1 101 ? -11.070 -23.053 -6.496  1.00 18.43 ? 101 LYS A CA  1 
ATOM   738  C C   . LYS A 1 101 ? -12.238 -24.032 -6.700  1.00 17.56 ? 101 LYS A C   1 
ATOM   739  O O   . LYS A 1 101 ? -12.555 -24.417 -7.826  1.00 16.04 ? 101 LYS A O   1 
ATOM   740  C CB  . LYS A 1 101 ? -9.844  -23.792 -5.955  1.00 18.43 ? 101 LYS A CB  1 
ATOM   741  C CG  . LYS A 1 101 ? -9.234  -24.763 -6.955  1.00 23.22 ? 101 LYS A CG  1 
ATOM   742  C CD  . LYS A 1 101 ? -7.970  -25.396 -6.412  1.00 24.06 ? 101 LYS A CD  1 
ATOM   743  C CE  . LYS A 1 101 ? -8.268  -26.336 -5.266  1.00 26.24 ? 101 LYS A CE  1 
ATOM   744  N NZ  . LYS A 1 101 ? -9.034  -27.522 -5.755  1.00 30.80 ? 101 LYS A NZ  1 
ATOM   745  N N   . LYS A 1 102 ? -12.886 -24.416 -5.603  1.00 18.65 ? 102 LYS A N   1 
ATOM   746  C CA  . LYS A 1 102 ? -14.009 -25.351 -5.655  1.00 18.08 ? 102 LYS A CA  1 
ATOM   747  C C   . LYS A 1 102 ? -15.125 -24.836 -6.558  1.00 17.33 ? 102 LYS A C   1 
ATOM   748  O O   . LYS A 1 102 ? -15.620 -25.557 -7.436  1.00 14.45 ? 102 LYS A O   1 
ATOM   749  C CB  . LYS A 1 102 ? -14.556 -25.599 -4.236  1.00 19.88 ? 102 LYS A CB  1 
ATOM   750  C CG  . LYS A 1 102 ? -15.615 -26.699 -4.142  1.00 21.78 ? 102 LYS A CG  1 
ATOM   751  C CD  . LYS A 1 102 ? -15.992 -26.995 -2.683  1.00 25.64 ? 102 LYS A CD  1 
ATOM   752  C CE  . LYS A 1 102 ? -16.850 -28.261 -2.579  1.00 28.60 ? 102 LYS A CE  1 
ATOM   753  N NZ  . LYS A 1 102 ? -17.320 -28.542 -1.178  1.00 29.45 ? 102 LYS A NZ  1 
ATOM   754  N N   . VAL A 1 103 ? -15.508 -23.582 -6.354  1.00 15.33 ? 103 VAL A N   1 
ATOM   755  C CA  . VAL A 1 103 ? -16.567 -22.972 -7.149  1.00 15.11 ? 103 VAL A CA  1 
ATOM   756  C C   . VAL A 1 103 ? -16.186 -22.840 -8.622  1.00 15.36 ? 103 VAL A C   1 
ATOM   757  O O   . VAL A 1 103 ? -16.982 -23.148 -9.509  1.00 12.82 ? 103 VAL A O   1 
ATOM   758  C CB  . VAL A 1 103 ? -16.934 -21.573 -6.594  1.00 17.14 ? 103 VAL A CB  1 
ATOM   759  C CG1 . VAL A 1 103 ? -17.938 -20.887 -7.510  1.00 20.10 ? 103 VAL A CG1 1 
ATOM   760  C CG2 . VAL A 1 103 ? -17.525 -21.718 -5.195  1.00 17.49 ? 103 VAL A CG2 1 
ATOM   761  N N   . ILE A 1 104 ? -14.971 -22.371 -8.886  1.00 14.69 ? 104 ILE A N   1 
ATOM   762  C CA  . ILE A 1 104 ? -14.536 -22.207 -10.265 1.00 14.54 ? 104 ILE A CA  1 
ATOM   763  C C   . ILE A 1 104 ? -14.528 -23.553 -10.982 1.00 15.57 ? 104 ILE A C   1 
ATOM   764  O O   . ILE A 1 104 ? -15.114 -23.692 -12.057 1.00 16.42 ? 104 ILE A O   1 
ATOM   765  C CB  . ILE A 1 104 ? -13.141 -21.559 -10.329 1.00 12.32 ? 104 ILE A CB  1 
ATOM   766  C CG1 . ILE A 1 104 ? -13.235 -20.114 -9.824  1.00 10.83 ? 104 ILE A CG1 1 
ATOM   767  C CG2 . ILE A 1 104 ? -12.617 -21.550 -11.776 1.00 12.30 ? 104 ILE A CG2 1 
ATOM   768  C CD1 . ILE A 1 104 ? -11.907 -19.500 -9.412  1.00 14.01 ? 104 ILE A CD1 1 
ATOM   769  N N   . GLU A 1 105 ? -13.881 -24.552 -10.383 1.00 16.74 ? 105 GLU A N   1 
ATOM   770  C CA  . GLU A 1 105 ? -13.820 -25.870 -11.006 1.00 17.72 ? 105 GLU A CA  1 
ATOM   771  C C   . GLU A 1 105 ? -15.179 -26.554 -11.123 1.00 17.72 ? 105 GLU A C   1 
ATOM   772  O O   . GLU A 1 105 ? -15.422 -27.304 -12.075 1.00 15.91 ? 105 GLU A O   1 
ATOM   773  C CB  . GLU A 1 105 ? -12.832 -26.772 -10.252 1.00 18.07 ? 105 GLU A CB  1 
ATOM   774  C CG  . GLU A 1 105 ? -11.402 -26.241 -10.278 1.00 16.60 ? 105 GLU A CG  1 
ATOM   775  C CD  . GLU A 1 105 ? -10.384 -27.230 -9.762  1.00 20.29 ? 105 GLU A CD  1 
ATOM   776  O OE1 . GLU A 1 105 ? -10.776 -28.219 -9.106  1.00 23.70 ? 105 GLU A OE1 1 
ATOM   777  O OE2 . GLU A 1 105 ? -9.178  -27.014 -10.004 1.00 21.37 ? 105 GLU A OE2 1 
ATOM   778  N N   . ALA A 1 106 ? -16.078 -26.283 -10.184 1.00 16.88 ? 106 ALA A N   1 
ATOM   779  C CA  . ALA A 1 106 ? -17.397 -26.897 -10.226 1.00 17.63 ? 106 ALA A CA  1 
ATOM   780  C C   . ALA A 1 106 ? -18.176 -26.392 -11.438 1.00 18.58 ? 106 ALA A C   1 
ATOM   781  O O   . ALA A 1 106 ? -19.089 -27.060 -11.920 1.00 17.09 ? 106 ALA A O   1 
ATOM   782  C CB  . ALA A 1 106 ? -18.162 -26.603 -8.932  1.00 18.04 ? 106 ALA A CB  1 
ATOM   783  N N   . ALA A 1 107 ? -17.813 -25.211 -11.934 1.00 17.04 ? 107 ALA A N   1 
ATOM   784  C CA  . ALA A 1 107 ? -18.488 -24.643 -13.100 1.00 17.15 ? 107 ALA A CA  1 
ATOM   785  C C   . ALA A 1 107 ? -17.786 -25.095 -14.380 1.00 16.86 ? 107 ALA A C   1 
ATOM   786  O O   . ALA A 1 107 ? -18.113 -24.639 -15.476 1.00 18.17 ? 107 ALA A O   1 
ATOM   787  C CB  . ALA A 1 107 ? -18.497 -23.108 -13.025 1.00 15.02 ? 107 ALA A CB  1 
ATOM   788  N N   . GLY A 1 108 ? -16.813 -25.986 -14.239 1.00 17.71 ? 108 GLY A N   1 
ATOM   789  C CA  . GLY A 1 108 ? -16.106 -26.467 -15.414 1.00 18.01 ? 108 GLY A CA  1 
ATOM   790  C C   . GLY A 1 108 ? -15.086 -25.478 -15.957 1.00 18.43 ? 108 GLY A C   1 
ATOM   791  O O   . GLY A 1 108 ? -14.740 -25.525 -17.136 1.00 17.85 ? 108 GLY A O   1 
ATOM   792  N N   . LYS A 1 109 ? -14.597 -24.584 -15.105 1.00 17.19 ? 109 LYS A N   1 
ATOM   793  C CA  . LYS A 1 109 ? -13.606 -23.599 -15.538 1.00 17.73 ? 109 LYS A CA  1 
ATOM   794  C C   . LYS A 1 109 ? -12.277 -23.788 -14.798 1.00 15.17 ? 109 LYS A C   1 
ATOM   795  O O   . LYS A 1 109 ? -12.240 -24.338 -13.698 1.00 15.97 ? 109 LYS A O   1 
ATOM   796  C CB  . LYS A 1 109 ? -14.154 -22.177 -15.337 1.00 17.10 ? 109 LYS A CB  1 
ATOM   797  C CG  . LYS A 1 109 ? -15.331 -21.845 -16.273 1.00 19.63 ? 109 LYS A CG  1 
ATOM   798  C CD  . LYS A 1 109 ? -14.909 -21.940 -17.738 1.00 20.76 ? 109 LYS A CD  1 
ATOM   799  C CE  . LYS A 1 109 ? -16.093 -21.889 -18.703 1.00 24.34 ? 109 LYS A CE  1 
ATOM   800  N NZ  . LYS A 1 109 ? -16.800 -20.577 -18.733 1.00 24.54 ? 109 LYS A NZ  1 
ATOM   801  N N   . GLU A 1 110 ? -11.178 -23.334 -15.399 1.00 14.15 ? 110 GLU A N   1 
ATOM   802  C CA  . GLU A 1 110 ? -9.865  -23.494 -14.772 1.00 12.62 ? 110 GLU A CA  1 
ATOM   803  C C   . GLU A 1 110 ? -9.535  -22.451 -13.697 1.00 13.73 ? 110 GLU A C   1 
ATOM   804  O O   . GLU A 1 110 ? -9.756  -21.248 -13.888 1.00 13.30 ? 110 GLU A O   1 
ATOM   805  C CB  . GLU A 1 110 ? -8.766  -23.493 -15.847 1.00 12.46 ? 110 GLU A CB  1 
ATOM   806  C CG  . GLU A 1 110 ? -7.345  -23.528 -15.287 1.00 13.99 ? 110 GLU A CG  1 
ATOM   807  C CD  . GLU A 1 110 ? -6.281  -23.689 -16.366 1.00 13.67 ? 110 GLU A CD  1 
ATOM   808  O OE1 . GLU A 1 110 ? -6.263  -22.885 -17.320 1.00 14.05 ? 110 GLU A OE1 1 
ATOM   809  O OE2 . GLU A 1 110 ? -5.454  -24.620 -16.257 1.00 12.87 ? 110 GLU A OE2 1 
ATOM   810  N N   . ALA A 1 111 ? -9.009  -22.922 -12.565 1.00 13.19 ? 111 ALA A N   1 
ATOM   811  C CA  . ALA A 1 111 ? -8.614  -22.044 -11.471 1.00 12.25 ? 111 ALA A CA  1 
ATOM   812  C C   . ALA A 1 111 ? -7.095  -21.965 -11.483 1.00 14.05 ? 111 ALA A C   1 
ATOM   813  O O   . ALA A 1 111 ? -6.425  -22.989 -11.600 1.00 13.94 ? 111 ALA A O   1 
ATOM   814  C CB  . ALA A 1 111 ? -9.093  -22.606 -10.147 1.00 13.25 ? 111 ALA A CB  1 
ATOM   815  N N   . LEU A 1 112 ? -6.559  -20.753 -11.364 1.00 13.53 ? 112 LEU A N   1 
ATOM   816  C CA  . LEU A 1 112 ? -5.115  -20.530 -11.370 1.00 14.98 ? 112 LEU A CA  1 
ATOM   817  C C   . LEU A 1 112 ? -4.643  -19.869 -10.077 1.00 15.70 ? 112 LEU A C   1 
ATOM   818  O O   . LEU A 1 112 ? -5.156  -18.824 -9.677  1.00 15.34 ? 112 LEU A O   1 
ATOM   819  C CB  . LEU A 1 112 ? -4.735  -19.652 -12.562 1.00 13.56 ? 112 LEU A CB  1 
ATOM   820  C CG  . LEU A 1 112 ? -5.078  -20.228 -13.941 1.00 11.68 ? 112 LEU A CG  1 
ATOM   821  C CD1 . LEU A 1 112 ? -4.809  -19.156 -15.007 1.00 13.96 ? 112 LEU A CD1 1 
ATOM   822  C CD2 . LEU A 1 112 ? -4.244  -21.490 -14.212 1.00 13.70 ? 112 LEU A CD2 1 
ATOM   823  N N   . LYS A 1 113 ? -3.642  -20.465 -9.438  1.00 16.63 ? 113 LYS A N   1 
ATOM   824  C CA  . LYS A 1 113 ? -3.131  -19.928 -8.182  1.00 18.70 ? 113 LYS A CA  1 
ATOM   825  C C   . LYS A 1 113 ? -2.389  -18.602 -8.272  1.00 17.83 ? 113 LYS A C   1 
ATOM   826  O O   . LYS A 1 113 ? -1.522  -18.402 -9.128  1.00 16.33 ? 113 LYS A O   1 
ATOM   827  C CB  . LYS A 1 113 ? -2.201  -20.939 -7.502  1.00 21.80 ? 113 LYS A CB  1 
ATOM   828  C CG  . LYS A 1 113 ? -2.889  -22.193 -6.999  1.00 26.87 ? 113 LYS A CG  1 
ATOM   829  C CD  . LYS A 1 113 ? -2.009  -22.951 -6.005  1.00 29.56 ? 113 LYS A CD  1 
ATOM   830  C CE  . LYS A 1 113 ? -2.782  -24.096 -5.363  1.00 30.33 ? 113 LYS A CE  1 
ATOM   831  N NZ  . LYS A 1 113 ? -2.034  -24.742 -4.249  1.00 34.70 ? 113 LYS A NZ  1 
ATOM   832  N N   . SER A 1 114 ? -2.717  -17.694 -7.362  1.00 16.60 ? 114 SER A N   1 
ATOM   833  C CA  . SER A 1 114 ? -2.018  -16.422 -7.322  1.00 15.35 ? 114 SER A CA  1 
ATOM   834  C C   . SER A 1 114 ? -2.004  -15.884 -5.902  1.00 15.50 ? 114 SER A C   1 
ATOM   835  O O   . SER A 1 114 ? -2.569  -16.496 -4.994  1.00 12.64 ? 114 SER A O   1 
ATOM   836  C CB  . SER A 1 114 ? -2.648  -15.408 -8.276  1.00 15.28 ? 114 SER A CB  1 
ATOM   837  O OG  . SER A 1 114 ? -1.739  -14.338 -8.486  1.00 16.97 ? 114 SER A OG  1 
ATOM   838  N N   . TYR A 1 115 ? -1.339  -14.751 -5.703  1.00 15.30 ? 115 TYR A N   1 
ATOM   839  C CA  . TYR A 1 115 ? -1.256  -14.162 -4.376  1.00 16.04 ? 115 TYR A CA  1 
ATOM   840  C C   . TYR A 1 115 ? -0.646  -12.778 -4.448  1.00 15.49 ? 115 TYR A C   1 
ATOM   841  O O   . TYR A 1 115 ? -0.187  -12.334 -5.502  1.00 14.10 ? 115 TYR A O   1 
ATOM   842  C CB  . TYR A 1 115 ? -0.363  -15.029 -3.482  1.00 17.94 ? 115 TYR A CB  1 
ATOM   843  C CG  . TYR A 1 115 ? 1.103   -14.943 -3.864  1.00 18.80 ? 115 TYR A CG  1 
ATOM   844  C CD1 . TYR A 1 115 ? 1.935   -13.960 -3.316  1.00 21.48 ? 115 TYR A CD1 1 
ATOM   845  C CD2 . TYR A 1 115 ? 1.637   -15.797 -4.818  1.00 20.65 ? 115 TYR A CD2 1 
ATOM   846  C CE1 . TYR A 1 115 ? 3.270   -13.835 -3.720  1.00 23.56 ? 115 TYR A CE1 1 
ATOM   847  C CE2 . TYR A 1 115 ? 2.963   -15.681 -5.230  1.00 22.96 ? 115 TYR A CE2 1 
ATOM   848  C CZ  . TYR A 1 115 ? 3.774   -14.701 -4.681  1.00 23.06 ? 115 TYR A CZ  1 
ATOM   849  O OH  . TYR A 1 115 ? 5.081   -14.592 -5.103  1.00 24.69 ? 115 TYR A OH  1 
ATOM   850  N N   . ASN A 1 116 ? -0.660  -12.104 -3.302  1.00 14.61 ? 116 ASN A N   1 
ATOM   851  C CA  . ASN A 1 116 ? -0.048  -10.805 -3.147  1.00 14.23 ? 116 ASN A CA  1 
ATOM   852  C C   . ASN A 1 116 ? 0.597   -10.863 -1.776  1.00 13.92 ? 116 ASN A C   1 
ATOM   853  O O   . ASN A 1 116 ? 0.105   -11.534 -0.873  1.00 11.06 ? 116 ASN A O   1 
ATOM   854  C CB  . ASN A 1 116 ? -1.072  -9.672  -3.212  1.00 14.27 ? 116 ASN A CB  1 
ATOM   855  C CG  . ASN A 1 116 ? -1.538  -9.400  -4.625  1.00 17.38 ? 116 ASN A CG  1 
ATOM   856  O OD1 . ASN A 1 116 ? -2.666  -9.728  -4.984  1.00 13.65 ? 116 ASN A OD1 1 
ATOM   857  N ND2 . ASN A 1 116 ? -0.662  -8.807  -5.441  1.00 17.11 ? 116 ASN A ND2 1 
ATOM   858  N N   . GLN A 1 117 ? 1.715   -10.181 -1.626  1.00 15.72 ? 117 GLN A N   1 
ATOM   859  C CA  . GLN A 1 117 ? 2.429   -10.196 -0.359  1.00 17.75 ? 117 GLN A CA  1 
ATOM   860  C C   . GLN A 1 117 ? 2.833   -8.767  -0.056  1.00 16.72 ? 117 GLN A C   1 
ATOM   861  O O   . GLN A 1 117 ? 3.121   -8.005  -0.970  1.00 16.95 ? 117 GLN A O   1 
ATOM   862  C CB  . GLN A 1 117 ? 3.665   -11.087 -0.512  1.00 20.57 ? 117 GLN A CB  1 
ATOM   863  C CG  . GLN A 1 117 ? 4.344   -11.525 0.771   1.00 26.29 ? 117 GLN A CG  1 
ATOM   864  C CD  . GLN A 1 117 ? 5.178   -12.782 0.550   1.00 31.84 ? 117 GLN A CD  1 
ATOM   865  O OE1 . GLN A 1 117 ? 6.024   -12.830 -0.353  1.00 34.36 ? 117 GLN A OE1 1 
ATOM   866  N NE2 . GLN A 1 117 ? 4.941   -13.809 1.369   1.00 33.21 ? 117 GLN A NE2 1 
ATOM   867  N N   . THR A 1 118 ? 2.815   -8.383  1.215   1.00 16.40 ? 118 THR A N   1 
ATOM   868  C CA  . THR A 1 118 ? 3.229   -7.038  1.575   1.00 17.08 ? 118 THR A CA  1 
ATOM   869  C C   . THR A 1 118 ? 4.007   -7.127  2.883   1.00 15.47 ? 118 THR A C   1 
ATOM   870  O O   . THR A 1 118 ? 3.752   -8.006  3.707   1.00 14.78 ? 118 THR A O   1 
ATOM   871  C CB  . THR A 1 118 ? 2.016   -6.068  1.684   1.00 20.47 ? 118 THR A CB  1 
ATOM   872  O OG1 . THR A 1 118 ? 2.488   -4.716  1.573   1.00 24.94 ? 118 THR A OG1 1 
ATOM   873  C CG2 . THR A 1 118 ? 1.275   -6.245  3.003   1.00 20.97 ? 118 THR A CG2 1 
ATOM   874  N N   . ASP A 1 119 ? 4.970   -6.229  3.060   1.00 12.93 ? 119 ASP A N   1 
ATOM   875  C CA  . ASP A 1 119 ? 5.828   -6.239  4.241   1.00 13.45 ? 119 ASP A CA  1 
ATOM   876  C C   . ASP A 1 119 ? 5.280   -5.708  5.559   1.00 14.26 ? 119 ASP A C   1 
ATOM   877  O O   . ASP A 1 119 ? 5.656   -6.201  6.624   1.00 14.94 ? 119 ASP A O   1 
ATOM   878  C CB  . ASP A 1 119 ? 7.119   -5.452  3.974   1.00 15.15 ? 119 ASP A CB  1 
ATOM   879  C CG  . ASP A 1 119 ? 7.990   -6.092  2.927   1.00 16.76 ? 119 ASP A CG  1 
ATOM   880  O OD1 . ASP A 1 119 ? 7.994   -7.337  2.832   1.00 20.06 ? 119 ASP A OD1 1 
ATOM   881  O OD2 . ASP A 1 119 ? 8.680   -5.343  2.212   1.00 18.72 ? 119 ASP A OD2 1 
ATOM   882  N N   . PHE A 1 120 ? 4.397   -4.719  5.498   1.00 12.25 ? 120 PHE A N   1 
ATOM   883  C CA  . PHE A 1 120 ? 3.933   -4.081  6.723   1.00 12.22 ? 120 PHE A CA  1 
ATOM   884  C C   . PHE A 1 120 ? 2.447   -4.036  6.979   1.00 12.63 ? 120 PHE A C   1 
ATOM   885  O O   . PHE A 1 120 ? 1.748   -3.178  6.444   1.00 12.02 ? 120 PHE A O   1 
ATOM   886  C CB  . PHE A 1 120 ? 4.463   -2.654  6.753   1.00 10.51 ? 120 PHE A CB  1 
ATOM   887  C CG  . PHE A 1 120 ? 5.918   -2.542  6.415   1.00 13.50 ? 120 PHE A CG  1 
ATOM   888  C CD1 . PHE A 1 120 ? 6.324   -1.878  5.261   1.00 12.37 ? 120 PHE A CD1 1 
ATOM   889  C CD2 . PHE A 1 120 ? 6.885   -3.090  7.251   1.00 13.12 ? 120 PHE A CD2 1 
ATOM   890  C CE1 . PHE A 1 120 ? 7.674   -1.754  4.940   1.00 14.73 ? 120 PHE A CE1 1 
ATOM   891  C CE2 . PHE A 1 120 ? 8.243   -2.976  6.941   1.00 14.23 ? 120 PHE A CE2 1 
ATOM   892  C CZ  . PHE A 1 120 ? 8.638   -2.307  5.788   1.00 14.35 ? 120 PHE A CZ  1 
ATOM   893  N N   . VAL A 1 121 ? 1.980   -4.944  7.825   1.00 13.15 ? 121 VAL A N   1 
ATOM   894  C CA  . VAL A 1 121 ? 0.572   -5.010  8.182   1.00 12.55 ? 121 VAL A CA  1 
ATOM   895  C C   . VAL A 1 121 ? 0.470   -5.117  9.696   1.00 14.36 ? 121 VAL A C   1 
ATOM   896  O O   . VAL A 1 121 ? 1.247   -5.831  10.338  1.00 13.51 ? 121 VAL A O   1 
ATOM   897  C CB  . VAL A 1 121 ? -0.116  -6.235  7.561   1.00 14.32 ? 121 VAL A CB  1 
ATOM   898  C CG1 . VAL A 1 121 ? -1.546  -6.363  8.099   1.00 12.94 ? 121 VAL A CG1 1 
ATOM   899  C CG2 . VAL A 1 121 ? -0.124  -6.099  6.055   1.00 12.96 ? 121 VAL A CG2 1 
ATOM   900  N N   . LYS A 1 122 ? -0.492  -4.397  10.256  1.00 12.57 ? 122 LYS A N   1 
ATOM   901  C CA  . LYS A 1 122 ? -0.717  -4.401  11.691  1.00 13.89 ? 122 LYS A CA  1 
ATOM   902  C C   . LYS A 1 122 ? -2.101  -3.822  11.914  1.00 12.51 ? 122 LYS A C   1 
ATOM   903  O O   . LYS A 1 122 ? -2.452  -2.802  11.319  1.00 11.52 ? 122 LYS A O   1 
ATOM   904  C CB  . LYS A 1 122 ? 0.322   -3.524  12.395  1.00 16.29 ? 122 LYS A CB  1 
ATOM   905  C CG  . LYS A 1 122 ? 0.161   -3.404  13.903  1.00 19.35 ? 122 LYS A CG  1 
ATOM   906  C CD  . LYS A 1 122 ? 1.171   -2.380  14.400  1.00 20.77 ? 122 LYS A CD  1 
ATOM   907  C CE  . LYS A 1 122 ? 0.998   -2.036  15.855  1.00 22.21 ? 122 LYS A CE  1 
ATOM   908  N NZ  . LYS A 1 122 ? 2.174   -1.236  16.305  1.00 17.40 ? 122 LYS A NZ  1 
ATOM   909  N N   . ASP A 1 123 ? -2.874  -4.476  12.775  1.00 11.90 ? 123 ASP A N   1 
ATOM   910  C CA  . ASP A 1 123 ? -4.226  -4.039  13.093  1.00 13.16 ? 123 ASP A CA  1 
ATOM   911  C C   . ASP A 1 123 ? -5.086  -3.780  11.862  1.00 12.37 ? 123 ASP A C   1 
ATOM   912  O O   . ASP A 1 123 ? -5.870  -2.832  11.835  1.00 11.12 ? 123 ASP A O   1 
ATOM   913  C CB  . ASP A 1 123 ? -4.185  -2.786  13.970  1.00 14.28 ? 123 ASP A CB  1 
ATOM   914  C CG  . ASP A 1 123 ? -3.829  -3.101  15.404  1.00 19.63 ? 123 ASP A CG  1 
ATOM   915  O OD1 . ASP A 1 123 ? -4.375  -4.090  15.938  1.00 21.80 ? 123 ASP A OD1 1 
ATOM   916  O OD2 . ASP A 1 123 ? -3.016  -2.366  16.001  1.00 19.16 ? 123 ASP A OD2 1 
ATOM   917  N N   . ARG A 1 124 ? -4.927  -4.630  10.847  1.00 11.22 ? 124 ARG A N   1 
ATOM   918  C CA  . ARG A 1 124 ? -5.701  -4.534  9.613   1.00 12.52 ? 124 ARG A CA  1 
ATOM   919  C C   . ARG A 1 124 ? -5.470  -3.239  8.835   1.00 13.15 ? 124 ARG A C   1 
ATOM   920  O O   . ARG A 1 124 ? -6.387  -2.676  8.227   1.00 12.32 ? 124 ARG A O   1 
ATOM   921  C CB  . ARG A 1 124 ? -7.194  -4.729  9.916   1.00 14.74 ? 124 ARG A CB  1 
ATOM   922  C CG  . ARG A 1 124 ? -7.535  -6.141  10.440  1.00 15.42 ? 124 ARG A CG  1 
ATOM   923  C CD  . ARG A 1 124 ? -9.028  -6.262  10.782  1.00 16.60 ? 124 ARG A CD  1 
ATOM   924  N NE  . ARG A 1 124 ? -9.854  -6.019  9.602   1.00 14.86 ? 124 ARG A NE  1 
ATOM   925  C CZ  . ARG A 1 124 ? -10.097 -6.917  8.648   1.00 14.95 ? 124 ARG A CZ  1 
ATOM   926  N NH1 . ARG A 1 124 ? -9.594  -8.141  8.731   1.00 13.37 ? 124 ARG A NH1 1 
ATOM   927  N NH2 . ARG A 1 124 ? -10.809 -6.575  7.582   1.00 15.80 ? 124 ARG A NH2 1 
ATOM   928  N N   . VAL A 1 125 ? -4.222  -2.783  8.873   1.00 13.42 ? 125 VAL A N   1 
ATOM   929  C CA  . VAL A 1 125 ? -3.775  -1.596  8.153   1.00 14.27 ? 125 VAL A CA  1 
ATOM   930  C C   . VAL A 1 125 ? -2.496  -2.022  7.429   1.00 12.96 ? 125 VAL A C   1 
ATOM   931  O O   . VAL A 1 125 ? -1.611  -2.635  8.026   1.00 12.27 ? 125 VAL A O   1 
ATOM   932  C CB  . VAL A 1 125 ? -3.422  -0.427  9.111   1.00 15.26 ? 125 VAL A CB  1 
ATOM   933  C CG1 . VAL A 1 125 ? -2.985  0.795   8.302   1.00 14.77 ? 125 VAL A CG1 1 
ATOM   934  C CG2 . VAL A 1 125 ? -4.620  -0.076  9.981   1.00 15.97 ? 125 VAL A CG2 1 
ATOM   935  N N   . ALA A 1 126 ? -2.412  -1.747  6.134   1.00 12.06 ? 126 ALA A N   1 
ATOM   936  C CA  . ALA A 1 126 ? -1.209  -2.084  5.391   1.00 12.27 ? 126 ALA A CA  1 
ATOM   937  C C   . ALA A 1 126 ? -0.487  -0.784  5.073   1.00 12.76 ? 126 ALA A C   1 
ATOM   938  O O   . ALA A 1 126 ? -1.118  0.229   4.772   1.00 12.24 ? 126 ALA A O   1 
ATOM   939  C CB  . ALA A 1 126 ? -1.559  -2.823  4.093   1.00 10.52 ? 126 ALA A CB  1 
ATOM   940  N N   . ILE A 1 127 ? 0.838   -0.804  5.156   1.00 11.52 ? 127 ILE A N   1 
ATOM   941  C CA  . ILE A 1 127 ? 1.624   0.378   4.841   1.00 11.41 ? 127 ILE A CA  1 
ATOM   942  C C   . ILE A 1 127 ? 2.648   0.012   3.785   1.00 12.45 ? 127 ILE A C   1 
ATOM   943  O O   . ILE A 1 127 ? 3.391   -0.959  3.935   1.00 11.69 ? 127 ILE A O   1 
ATOM   944  C CB  . ILE A 1 127 ? 2.384   0.941   6.073   1.00 13.21 ? 127 ILE A CB  1 
ATOM   945  C CG1 . ILE A 1 127 ? 1.394   1.455   7.120   1.00 13.06 ? 127 ILE A CG1 1 
ATOM   946  C CG2 . ILE A 1 127 ? 3.296   2.090   5.636   1.00 11.86 ? 127 ILE A CG2 1 
ATOM   947  C CD1 . ILE A 1 127 ? 2.070   1.942   8.402   1.00 14.58 ? 127 ILE A CD1 1 
ATOM   948  N N   . GLU A 1 128 ? 2.659   0.777   2.700   1.00 13.39 ? 128 GLU A N   1 
ATOM   949  C CA  . GLU A 1 128 ? 3.619   0.560   1.630   1.00 15.96 ? 128 GLU A CA  1 
ATOM   950  C C   . GLU A 1 128 ? 4.547   1.769   1.622   1.00 15.45 ? 128 GLU A C   1 
ATOM   951  O O   . GLU A 1 128 ? 4.085   2.909   1.601   1.00 15.73 ? 128 GLU A O   1 
ATOM   952  C CB  . GLU A 1 128 ? 2.902   0.451   0.278   1.00 16.15 ? 128 GLU A CB  1 
ATOM   953  C CG  . GLU A 1 128 ? 1.967   -0.760  0.137   1.00 20.07 ? 128 GLU A CG  1 
ATOM   954  C CD  . GLU A 1 128 ? 2.715   -2.050  -0.160  1.00 22.54 ? 128 GLU A CD  1 
ATOM   955  O OE1 . GLU A 1 128 ? 3.960   -2.034  -0.122  1.00 19.20 ? 128 GLU A OE1 1 
ATOM   956  O OE2 . GLU A 1 128 ? 2.062   -3.084  -0.433  1.00 26.78 ? 128 GLU A OE2 1 
ATOM   957  N N   . VAL A 1 129 ? 5.852   1.526   1.671   1.00 15.26 ? 129 VAL A N   1 
ATOM   958  C CA  . VAL A 1 129 ? 6.832   2.606   1.620   1.00 17.37 ? 129 VAL A CA  1 
ATOM   959  C C   . VAL A 1 129 ? 7.376   2.475   0.208   1.00 18.58 ? 129 VAL A C   1 
ATOM   960  O O   . VAL A 1 129 ? 8.061   1.501   -0.098  1.00 17.33 ? 129 VAL A O   1 
ATOM   961  C CB  . VAL A 1 129 ? 7.977   2.378   2.615   1.00 18.72 ? 129 VAL A CB  1 
ATOM   962  C CG1 . VAL A 1 129 ? 8.932   3.559   2.580   1.00 18.35 ? 129 VAL A CG1 1 
ATOM   963  C CG2 . VAL A 1 129 ? 7.416   2.175   4.009   1.00 18.93 ? 129 VAL A CG2 1 
ATOM   964  N N   . GLN A 1 130 ? 7.082   3.443   -0.653  1.00 20.42 ? 130 GLN A N   1 
ATOM   965  C CA  . GLN A 1 130 ? 7.514   3.344   -2.045  1.00 23.37 ? 130 GLN A CA  1 
ATOM   966  C C   . GLN A 1 130 ? 8.484   4.372   -2.585  1.00 24.31 ? 130 GLN A C   1 
ATOM   967  O O   . GLN A 1 130 ? 8.143   5.547   -2.750  1.00 22.84 ? 130 GLN A O   1 
ATOM   968  C CB  . GLN A 1 130 ? 6.296   3.321   -2.971  1.00 26.90 ? 130 GLN A CB  1 
ATOM   969  C CG  . GLN A 1 130 ? 5.528   2.019   -2.987  1.00 30.23 ? 130 GLN A CG  1 
ATOM   970  C CD  . GLN A 1 130 ? 6.371   0.832   -3.410  1.00 33.86 ? 130 GLN A CD  1 
ATOM   971  O OE1 . GLN A 1 130 ? 7.297   0.959   -4.222  1.00 34.35 ? 130 GLN A OE1 1 
ATOM   972  N NE2 . GLN A 1 130 ? 6.046   -0.339  -2.868  1.00 33.03 ? 130 GLN A NE2 1 
ATOM   973  N N   . PHE A 1 131 ? 9.690   3.904   -2.879  1.00 25.38 ? 131 PHE A N   1 
ATOM   974  C CA  . PHE A 1 131 ? 10.738  4.738   -3.452  1.00 27.32 ? 131 PHE A CA  1 
ATOM   975  C C   . PHE A 1 131 ? 11.170  4.048   -4.737  1.00 29.39 ? 131 PHE A C   1 
ATOM   976  O O   . PHE A 1 131 ? 12.343  4.064   -5.108  1.00 30.71 ? 131 PHE A O   1 
ATOM   977  C CB  . PHE A 1 131 ? 11.927  4.865   -2.491  1.00 25.10 ? 131 PHE A CB  1 
ATOM   978  C CG  . PHE A 1 131 ? 11.605  5.610   -1.221  1.00 24.02 ? 131 PHE A CG  1 
ATOM   979  C CD1 . PHE A 1 131 ? 11.484  4.934   -0.016  1.00 22.89 ? 131 PHE A CD1 1 
ATOM   980  C CD2 . PHE A 1 131 ? 11.414  6.989   -1.234  1.00 23.66 ? 131 PHE A CD2 1 
ATOM   981  C CE1 . PHE A 1 131 ? 11.178  5.617   1.161   1.00 24.89 ? 131 PHE A CE1 1 
ATOM   982  C CE2 . PHE A 1 131 ? 11.110  7.682   -0.069  1.00 23.03 ? 131 PHE A CE2 1 
ATOM   983  C CZ  . PHE A 1 131 ? 10.990  6.994   1.135   1.00 24.08 ? 131 PHE A CZ  1 
ATOM   984  N N   . GLY A 1 132 ? 10.199  3.446   -5.419  1.00 31.90 ? 132 GLY A N   1 
ATOM   985  C CA  . GLY A 1 132 ? 10.485  2.733   -6.651  1.00 32.81 ? 132 GLY A CA  1 
ATOM   986  C C   . GLY A 1 132 ? 10.110  3.456   -7.928  1.00 33.39 ? 132 GLY A C   1 
ATOM   987  O O   . GLY A 1 132 ? 9.768   4.641   -7.915  1.00 34.02 ? 132 GLY A O   1 
ATOM   988  N N   . LYS A 1 133 ? 10.178  2.725   -9.038  1.00 34.35 ? 133 LYS A N   1 
ATOM   989  C CA  . LYS A 1 133 ? 9.859   3.265   -10.354 1.00 33.93 ? 133 LYS A CA  1 
ATOM   990  C C   . LYS A 1 133 ? 8.367   3.526   -10.537 1.00 33.76 ? 133 LYS A C   1 
ATOM   991  O O   . LYS A 1 133 ? 7.529   2.940   -9.853  1.00 34.31 ? 133 LYS A O   1 
ATOM   992  C CB  . LYS A 1 133 ? 10.362  2.313   -11.439 1.00 34.79 ? 133 LYS A CB  1 
ATOM   993  C CG  . LYS A 1 133 ? 11.866  2.098   -11.409 1.00 36.67 ? 133 LYS A CG  1 
ATOM   994  C CD  . LYS A 1 133 ? 12.307  1.142   -12.504 1.00 39.45 ? 133 LYS A CD  1 
ATOM   995  C CE  . LYS A 1 133 ? 13.803  0.889   -12.452 1.00 39.84 ? 133 LYS A CE  1 
ATOM   996  N NZ  . LYS A 1 133 ? 14.227  -0.029  -13.545 1.00 41.45 ? 133 LYS A NZ  1 
ATOM   997  N N   . TYR A 1 134 ? 8.059   4.394   -11.494 1.00 33.75 ? 134 TYR A N   1 
ATOM   998  C CA  . TYR A 1 134 ? 6.696   4.821   -11.806 1.00 32.44 ? 134 TYR A CA  1 
ATOM   999  C C   . TYR A 1 134 ? 5.558   3.797   -11.829 1.00 30.77 ? 134 TYR A C   1 
ATOM   1000 O O   . TYR A 1 134 ? 4.422   4.144   -11.519 1.00 31.78 ? 134 TYR A O   1 
ATOM   1001 C CB  . TYR A 1 134 ? 6.701   5.590   -13.140 1.00 33.55 ? 134 TYR A CB  1 
ATOM   1002 C CG  . TYR A 1 134 ? 6.857   4.732   -14.386 1.00 34.83 ? 134 TYR A CG  1 
ATOM   1003 C CD1 . TYR A 1 134 ? 5.796   3.962   -14.868 1.00 35.81 ? 134 TYR A CD1 1 
ATOM   1004 C CD2 . TYR A 1 134 ? 8.061   4.702   -15.091 1.00 35.96 ? 134 TYR A CD2 1 
ATOM   1005 C CE1 . TYR A 1 134 ? 5.924   3.187   -16.020 1.00 36.64 ? 134 TYR A CE1 1 
ATOM   1006 C CE2 . TYR A 1 134 ? 8.203   3.925   -16.249 1.00 37.20 ? 134 TYR A CE2 1 
ATOM   1007 C CZ  . TYR A 1 134 ? 7.129   3.170   -16.706 1.00 37.70 ? 134 TYR A CZ  1 
ATOM   1008 O OH  . TYR A 1 134 ? 7.256   2.395   -17.843 1.00 39.61 ? 134 TYR A OH  1 
ATOM   1009 N N   . SER A 1 135 ? 5.836   2.548   -12.183 1.00 28.10 ? 135 SER A N   1 
ATOM   1010 C CA  . SER A 1 135 ? 4.760   1.557   -12.269 1.00 24.32 ? 135 SER A CA  1 
ATOM   1011 C C   . SER A 1 135 ? 4.375   0.852   -10.974 1.00 24.63 ? 135 SER A C   1 
ATOM   1012 O O   . SER A 1 135 ? 3.285   0.279   -10.872 1.00 23.29 ? 135 SER A O   1 
ATOM   1013 C CB  . SER A 1 135 ? 5.116   0.499   -13.312 1.00 26.29 ? 135 SER A CB  1 
ATOM   1014 O OG  . SER A 1 135 ? 6.196   -0.311  -12.872 1.00 26.11 ? 135 SER A OG  1 
ATOM   1015 N N   . PHE A 1 136 ? 5.250   0.903   -9.978  1.00 22.56 ? 136 PHE A N   1 
ATOM   1016 C CA  . PHE A 1 136 ? 4.992   0.212   -8.722  1.00 22.12 ? 136 PHE A CA  1 
ATOM   1017 C C   . PHE A 1 136 ? 3.942   0.779   -7.787  1.00 21.12 ? 136 PHE A C   1 
ATOM   1018 O O   . PHE A 1 136 ? 3.305   0.013   -7.057  1.00 21.34 ? 136 PHE A O   1 
ATOM   1019 C CB  . PHE A 1 136 ? 6.314   -0.009  -7.988  1.00 24.01 ? 136 PHE A CB  1 
ATOM   1020 C CG  . PHE A 1 136 ? 7.245   -0.917  -8.736  1.00 25.91 ? 136 PHE A CG  1 
ATOM   1021 C CD1 . PHE A 1 136 ? 8.204   -0.394  -9.600  1.00 27.43 ? 136 PHE A CD1 1 
ATOM   1022 C CD2 . PHE A 1 136 ? 7.088   -2.297  -8.661  1.00 25.89 ? 136 PHE A CD2 1 
ATOM   1023 C CE1 . PHE A 1 136 ? 8.990   -1.234  -10.387 1.00 28.53 ? 136 PHE A CE1 1 
ATOM   1024 C CE2 . PHE A 1 136 ? 7.869   -3.149  -9.444  1.00 28.88 ? 136 PHE A CE2 1 
ATOM   1025 C CZ  . PHE A 1 136 ? 8.821   -2.614  -10.311 1.00 27.97 ? 136 PHE A CZ  1 
ATOM   1026 N N   . VAL A 1 137 ? 3.746   2.096   -7.796  1.00 17.53 ? 137 VAL A N   1 
ATOM   1027 C CA  . VAL A 1 137 ? 2.725   2.691   -6.939  1.00 18.37 ? 137 VAL A CA  1 
ATOM   1028 C C   . VAL A 1 137 ? 1.352   2.299   -7.467  1.00 16.68 ? 137 VAL A C   1 
ATOM   1029 O O   . VAL A 1 137 ? 0.465   1.926   -6.699  1.00 15.29 ? 137 VAL A O   1 
ATOM   1030 C CB  . VAL A 1 137 ? 2.803   4.235   -6.914  1.00 18.23 ? 137 VAL A CB  1 
ATOM   1031 C CG1 . VAL A 1 137 ? 1.635   4.794   -6.090  1.00 19.62 ? 137 VAL A CG1 1 
ATOM   1032 C CG2 . VAL A 1 137 ? 4.122   4.685   -6.327  1.00 17.82 ? 137 VAL A CG2 1 
ATOM   1033 N N   . ALA A 1 138 ? 1.179   2.379   -8.785  1.00 17.24 ? 138 ALA A N   1 
ATOM   1034 C CA  . ALA A 1 138 ? -0.097  2.022   -9.396  1.00 16.33 ? 138 ALA A CA  1 
ATOM   1035 C C   . ALA A 1 138 ? -0.443  0.601   -8.969  1.00 16.76 ? 138 ALA A C   1 
ATOM   1036 O O   . ALA A 1 138 ? -1.582  0.311   -8.586  1.00 15.11 ? 138 ALA A O   1 
ATOM   1037 C CB  . ALA A 1 138 ? -0.002  2.104   -10.933 1.00 17.20 ? 138 ALA A CB  1 
ATOM   1038 N N   . TYR A 1 139 ? 0.552   -0.284  -9.023  1.00 15.75 ? 139 TYR A N   1 
ATOM   1039 C CA  . TYR A 1 139 ? 0.332   -1.670  -8.639  1.00 15.56 ? 139 TYR A CA  1 
ATOM   1040 C C   . TYR A 1 139 ? -0.046  -1.783  -7.160  1.00 14.85 ? 139 TYR A C   1 
ATOM   1041 O O   . TYR A 1 139 ? -0.948  -2.551  -6.810  1.00 13.47 ? 139 TYR A O   1 
ATOM   1042 C CB  . TYR A 1 139 ? 1.569   -2.518  -8.929  1.00 16.21 ? 139 TYR A CB  1 
ATOM   1043 C CG  . TYR A 1 139 ? 1.293   -3.990  -8.767  1.00 16.93 ? 139 TYR A CG  1 
ATOM   1044 C CD1 . TYR A 1 139 ? 0.620   -4.706  -9.761  1.00 18.63 ? 139 TYR A CD1 1 
ATOM   1045 C CD2 . TYR A 1 139 ? 1.648   -4.655  -7.597  1.00 17.25 ? 139 TYR A CD2 1 
ATOM   1046 C CE1 . TYR A 1 139 ? 0.302   -6.047  -9.592  1.00 18.95 ? 139 TYR A CE1 1 
ATOM   1047 C CE2 . TYR A 1 139 ? 1.336   -6.002  -7.413  1.00 20.11 ? 139 TYR A CE2 1 
ATOM   1048 C CZ  . TYR A 1 139 ? 0.661   -6.688  -8.414  1.00 20.34 ? 139 TYR A CZ  1 
ATOM   1049 O OH  . TYR A 1 139 ? 0.330   -8.005  -8.225  1.00 22.85 ? 139 TYR A OH  1 
ATOM   1050 N N   . ASP A 1 140 ? 0.638   -1.034  -6.291  1.00 15.59 ? 140 ASP A N   1 
ATOM   1051 C CA  . ASP A 1 140 ? 0.319   -1.046  -4.855  1.00 17.48 ? 140 ASP A CA  1 
ATOM   1052 C C   . ASP A 1 140 ? -1.121  -0.626  -4.586  1.00 18.26 ? 140 ASP A C   1 
ATOM   1053 O O   . ASP A 1 140 ? -1.843  -1.268  -3.821  1.00 19.88 ? 140 ASP A O   1 
ATOM   1054 C CB  . ASP A 1 140 ? 1.182   -0.055  -4.060  1.00 19.25 ? 140 ASP A CB  1 
ATOM   1055 C CG  . ASP A 1 140 ? 2.582   -0.542  -3.812  1.00 19.99 ? 140 ASP A CG  1 
ATOM   1056 O OD1 . ASP A 1 140 ? 2.843   -1.754  -3.944  1.00 20.90 ? 140 ASP A OD1 1 
ATOM   1057 O OD2 . ASP A 1 140 ? 3.423   0.313   -3.456  1.00 22.99 ? 140 ASP A OD2 1 
ATOM   1058 N N   . LEU A 1 141 ? -1.524  0.492   -5.182  1.00 19.11 ? 141 LEU A N   1 
ATOM   1059 C CA  . LEU A 1 141 ? -2.864  1.025   -4.954  1.00 18.63 ? 141 LEU A CA  1 
ATOM   1060 C C   . LEU A 1 141 ? -4.009  0.198   -5.523  1.00 19.78 ? 141 LEU A C   1 
ATOM   1061 O O   . LEU A 1 141 ? -4.929  -0.185  -4.788  1.00 19.69 ? 141 LEU A O   1 
ATOM   1062 C CB  . LEU A 1 141 ? -2.947  2.458   -5.480  1.00 19.46 ? 141 LEU A CB  1 
ATOM   1063 C CG  . LEU A 1 141 ? -1.916  3.429   -4.887  1.00 19.90 ? 141 LEU A CG  1 
ATOM   1064 C CD1 . LEU A 1 141 ? -2.162  4.841   -5.408  1.00 19.72 ? 141 LEU A CD1 1 
ATOM   1065 C CD2 . LEU A 1 141 ? -2.005  3.410   -3.362  1.00 21.38 ? 141 LEU A CD2 1 
ATOM   1066 N N   . PHE A 1 142 ? -3.949  -0.109  -6.818  1.00 18.53 ? 142 PHE A N   1 
ATOM   1067 C CA  . PHE A 1 142 ? -5.029  -0.855  -7.455  1.00 18.65 ? 142 PHE A CA  1 
ATOM   1068 C C   . PHE A 1 142 ? -4.996  -2.373  -7.364  1.00 18.44 ? 142 PHE A C   1 
ATOM   1069 O O   . PHE A 1 142 ? -6.025  -3.021  -7.549  1.00 18.60 ? 142 PHE A O   1 
ATOM   1070 C CB  . PHE A 1 142 ? -5.149  -0.416  -8.914  1.00 19.57 ? 142 PHE A CB  1 
ATOM   1071 C CG  . PHE A 1 142 ? -5.399  1.054   -9.064  1.00 21.15 ? 142 PHE A CG  1 
ATOM   1072 C CD1 . PHE A 1 142 ? -4.339  1.944   -9.193  1.00 19.59 ? 142 PHE A CD1 1 
ATOM   1073 C CD2 . PHE A 1 142 ? -6.699  1.559   -9.000  1.00 22.66 ? 142 PHE A CD2 1 
ATOM   1074 C CE1 . PHE A 1 142 ? -4.565  3.318   -9.252  1.00 21.79 ? 142 PHE A CE1 1 
ATOM   1075 C CE2 . PHE A 1 142 ? -6.937  2.933   -9.056  1.00 21.52 ? 142 PHE A CE2 1 
ATOM   1076 C CZ  . PHE A 1 142 ? -5.867  3.815   -9.182  1.00 21.48 ? 142 PHE A CZ  1 
ATOM   1077 N N   . VAL A 1 143 ? -3.843  -2.958  -7.073  1.00 17.57 ? 143 VAL A N   1 
ATOM   1078 C CA  . VAL A 1 143 ? -3.809  -4.406  -6.966  1.00 17.28 ? 143 VAL A CA  1 
ATOM   1079 C C   . VAL A 1 143 ? -3.491  -4.895  -5.560  1.00 17.76 ? 143 VAL A C   1 
ATOM   1080 O O   . VAL A 1 143 ? -4.270  -5.646  -4.975  1.00 16.92 ? 143 VAL A O   1 
ATOM   1081 C CB  . VAL A 1 143 ? -2.809  -5.031  -7.964  1.00 17.19 ? 143 VAL A CB  1 
ATOM   1082 C CG1 . VAL A 1 143 ? -2.846  -6.556  -7.851  1.00 17.05 ? 143 VAL A CG1 1 
ATOM   1083 C CG2 . VAL A 1 143 ? -3.168  -4.603  -9.390  1.00 17.72 ? 143 VAL A CG2 1 
ATOM   1084 N N   . LYS A 1 144 ? -2.357  -4.475  -5.011  1.00 17.85 ? 144 LYS A N   1 
ATOM   1085 C CA  . LYS A 1 144 ? -1.972  -4.919  -3.677  1.00 16.78 ? 144 LYS A CA  1 
ATOM   1086 C C   . LYS A 1 144 ? -2.967  -4.562  -2.576  1.00 15.50 ? 144 LYS A C   1 
ATOM   1087 O O   . LYS A 1 144 ? -3.549  -5.454  -1.949  1.00 14.28 ? 144 LYS A O   1 
ATOM   1088 C CB  . LYS A 1 144 ? -0.597  -4.365  -3.308  1.00 17.78 ? 144 LYS A CB  1 
ATOM   1089 C CG  . LYS A 1 144 ? 0.571   -5.174  -3.835  1.00 21.48 ? 144 LYS A CG  1 
ATOM   1090 C CD  . LYS A 1 144 ? 1.828   -4.791  -3.066  1.00 23.35 ? 144 LYS A CD  1 
ATOM   1091 C CE  . LYS A 1 144 ? 2.844   -5.904  -3.068  1.00 26.62 ? 144 LYS A CE  1 
ATOM   1092 N NZ  . LYS A 1 144 ? 3.981   -5.598  -2.156  1.00 28.13 ? 144 LYS A NZ  1 
ATOM   1093 N N   . HIS A 1 145 ? -3.146  -3.267  -2.323  1.00 15.62 ? 145 HIS A N   1 
ATOM   1094 C CA  . HIS A 1 145 ? -4.078  -2.831  -1.281  1.00 15.27 ? 145 HIS A CA  1 
ATOM   1095 C C   . HIS A 1 145 ? -5.470  -3.401  -1.522  1.00 14.19 ? 145 HIS A C   1 
ATOM   1096 O O   . HIS A 1 145 ? -6.126  -3.853  -0.590  1.00 12.77 ? 145 HIS A O   1 
ATOM   1097 C CB  . HIS A 1 145 ? -4.147  -1.298  -1.206  1.00 15.20 ? 145 HIS A CB  1 
ATOM   1098 C CG  . HIS A 1 145 ? -2.967  -0.676  -0.528  1.00 17.99 ? 145 HIS A CG  1 
ATOM   1099 N ND1 . HIS A 1 145 ? -2.527  -1.082  0.714   1.00 18.39 ? 145 HIS A ND1 1 
ATOM   1100 C CD2 . HIS A 1 145 ? -2.148  0.332   -0.906  1.00 19.22 ? 145 HIS A CD2 1 
ATOM   1101 C CE1 . HIS A 1 145 ? -1.488  -0.348  1.072   1.00 19.71 ? 145 HIS A CE1 1 
ATOM   1102 N NE2 . HIS A 1 145 ? -1.240  0.519   0.107   1.00 19.05 ? 145 HIS A NE2 1 
ATOM   1103 N N   . MET A 1 146 ? -5.922  -3.384  -2.774  1.00 14.92 ? 146 MET A N   1 
ATOM   1104 C CA  . MET A 1 146 ? -7.240  -3.928  -3.097  1.00 13.22 ? 146 MET A CA  1 
ATOM   1105 C C   . MET A 1 146 ? -7.333  -5.427  -2.807  1.00 13.72 ? 146 MET A C   1 
ATOM   1106 O O   . MET A 1 146 ? -8.358  -5.909  -2.319  1.00 11.35 ? 146 MET A O   1 
ATOM   1107 C CB  . MET A 1 146 ? -7.583  -3.641  -4.561  1.00 14.88 ? 146 MET A CB  1 
ATOM   1108 C CG  . MET A 1 146 ? -8.172  -2.250  -4.785  1.00 16.67 ? 146 MET A CG  1 
ATOM   1109 S SD  . MET A 1 146 ? -9.755  -2.002  -3.911  1.00 9.29  ? 146 MET A SD  1 
ATOM   1110 C CE  . MET A 1 146 ? -10.815 -3.113  -4.783  1.00 20.53 ? 146 MET A CE  1 
ATOM   1111 N N   . ALA A 1 147 ? -6.268  -6.174  -3.101  1.00 13.53 ? 147 ALA A N   1 
ATOM   1112 C CA  . ALA A 1 147 ? -6.264  -7.616  -2.838  1.00 13.99 ? 147 ALA A CA  1 
ATOM   1113 C C   . ALA A 1 147 ? -6.455  -7.896  -1.342  1.00 13.14 ? 147 ALA A C   1 
ATOM   1114 O O   . ALA A 1 147 ? -7.300  -8.705  -0.949  1.00 11.04 ? 147 ALA A O   1 
ATOM   1115 C CB  . ALA A 1 147 ? -4.933  -8.248  -3.329  1.00 14.03 ? 147 ALA A CB  1 
ATOM   1116 N N   . PHE A 1 148 ? -5.676  -7.225  -0.503  1.00 13.07 ? 148 PHE A N   1 
ATOM   1117 C CA  . PHE A 1 148 ? -5.788  -7.437  0.933   1.00 14.07 ? 148 PHE A CA  1 
ATOM   1118 C C   . PHE A 1 148 ? -7.130  -6.970  1.480   1.00 13.49 ? 148 PHE A C   1 
ATOM   1119 O O   . PHE A 1 148 ? -7.657  -7.552  2.426   1.00 13.59 ? 148 PHE A O   1 
ATOM   1120 C CB  . PHE A 1 148 ? -4.639  -6.742  1.668   1.00 14.80 ? 148 PHE A CB  1 
ATOM   1121 C CG  . PHE A 1 148 ? -3.321  -7.453  1.525   1.00 17.56 ? 148 PHE A CG  1 
ATOM   1122 C CD1 . PHE A 1 148 ? -2.484  -7.194  0.442   1.00 19.01 ? 148 PHE A CD1 1 
ATOM   1123 C CD2 . PHE A 1 148 ? -2.940  -8.420  2.450   1.00 17.51 ? 148 PHE A CD2 1 
ATOM   1124 C CE1 . PHE A 1 148 ? -1.280  -7.896  0.283   1.00 17.79 ? 148 PHE A CE1 1 
ATOM   1125 C CE2 . PHE A 1 148 ? -1.738  -9.128  2.304   1.00 17.81 ? 148 PHE A CE2 1 
ATOM   1126 C CZ  . PHE A 1 148 ? -0.911  -8.863  1.220   1.00 17.09 ? 148 PHE A CZ  1 
ATOM   1127 N N   . TYR A 1 149 ? -7.681  -5.928  0.870   1.00 12.28 ? 149 TYR A N   1 
ATOM   1128 C CA  . TYR A 1 149 ? -8.974  -5.376  1.278   1.00 13.52 ? 149 TYR A CA  1 
ATOM   1129 C C   . TYR A 1 149 ? -10.116 -6.333  0.951   1.00 15.64 ? 149 TYR A C   1 
ATOM   1130 O O   . TYR A 1 149 ? -10.932 -6.677  1.818   1.00 13.38 ? 149 TYR A O   1 
ATOM   1131 C CB  . TYR A 1 149 ? -9.202  -4.044  0.566   1.00 13.92 ? 149 TYR A CB  1 
ATOM   1132 C CG  . TYR A 1 149 ? -10.540 -3.394  0.834   1.00 15.85 ? 149 TYR A CG  1 
ATOM   1133 C CD1 . TYR A 1 149 ? -10.853 -2.882  2.090   1.00 16.93 ? 149 TYR A CD1 1 
ATOM   1134 C CD2 . TYR A 1 149 ? -11.477 -3.247  -0.195  1.00 18.10 ? 149 TYR A CD2 1 
ATOM   1135 C CE1 . TYR A 1 149 ? -12.071 -2.229  2.317   1.00 19.86 ? 149 TYR A CE1 1 
ATOM   1136 C CE2 . TYR A 1 149 ? -12.682 -2.603  0.020   1.00 18.76 ? 149 TYR A CE2 1 
ATOM   1137 C CZ  . TYR A 1 149 ? -12.976 -2.097  1.270   1.00 20.39 ? 149 TYR A CZ  1 
ATOM   1138 O OH  . TYR A 1 149 ? -14.176 -1.455  1.463   1.00 24.50 ? 149 TYR A OH  1 
ATOM   1139 N N   . VAL A 1 150 ? -10.176 -6.756  -0.307  1.00 13.64 ? 150 VAL A N   1 
ATOM   1140 C CA  . VAL A 1 150 ? -11.209 -7.674  -0.755  1.00 15.94 ? 150 VAL A CA  1 
ATOM   1141 C C   . VAL A 1 150 ? -11.092 -9.023  -0.042  1.00 16.41 ? 150 VAL A C   1 
ATOM   1142 O O   . VAL A 1 150 ? -12.091 -9.702  0.189   1.00 15.04 ? 150 VAL A O   1 
ATOM   1143 C CB  . VAL A 1 150 ? -11.133 -7.868  -2.288  1.00 16.23 ? 150 VAL A CB  1 
ATOM   1144 C CG1 . VAL A 1 150 ? -12.155 -8.904  -2.744  1.00 17.58 ? 150 VAL A CG1 1 
ATOM   1145 C CG2 . VAL A 1 150 ? -11.397 -6.529  -2.987  1.00 18.23 ? 150 VAL A CG2 1 
ATOM   1146 N N   . SER A 1 151 ? -9.874  -9.406  0.329   1.00 16.24 ? 151 SER A N   1 
ATOM   1147 C CA  . SER A 1 151 ? -9.686  -10.673 1.022   1.00 16.27 ? 151 SER A CA  1 
ATOM   1148 C C   . SER A 1 151 ? -9.925  -10.551 2.534   1.00 17.02 ? 151 SER A C   1 
ATOM   1149 O O   . SER A 1 151 ? -9.712  -11.504 3.281   1.00 16.97 ? 151 SER A O   1 
ATOM   1150 C CB  . SER A 1 151 ? -8.293  -11.231 0.723   1.00 17.68 ? 151 SER A CB  1 
ATOM   1151 O OG  . SER A 1 151 ? -8.247  -11.696 -0.620  1.00 18.34 ? 151 SER A OG  1 
ATOM   1152 N N   . ASP A 1 152 ? -10.369 -9.372  2.968   1.00 15.47 ? 152 ASP A N   1 
ATOM   1153 C CA  . ASP A 1 152 ? -10.698 -9.117  4.379   1.00 16.74 ? 152 ASP A CA  1 
ATOM   1154 C C   . ASP A 1 152 ? -9.498  -9.179  5.337   1.00 16.72 ? 152 ASP A C   1 
ATOM   1155 O O   . ASP A 1 152 ? -9.609  -9.651  6.469   1.00 18.09 ? 152 ASP A O   1 
ATOM   1156 C CB  . ASP A 1 152 ? -11.811 -10.104 4.800   1.00 17.33 ? 152 ASP A CB  1 
ATOM   1157 C CG  . ASP A 1 152 ? -12.456 -9.749  6.137   1.00 22.00 ? 152 ASP A CG  1 
ATOM   1158 O OD1 . ASP A 1 152 ? -12.493 -8.555  6.498   1.00 19.09 ? 152 ASP A OD1 1 
ATOM   1159 O OD2 . ASP A 1 152 ? -12.949 -10.677 6.821   1.00 24.67 ? 152 ASP A OD2 1 
ATOM   1160 N N   . LYS A 1 153 ? -8.351  -8.673  4.879   1.00 15.94 ? 153 LYS A N   1 
ATOM   1161 C CA  . LYS A 1 153 ? -7.128  -8.653  5.680   1.00 14.81 ? 153 LYS A CA  1 
ATOM   1162 C C   . LYS A 1 153 ? -6.842  -7.242  6.200   1.00 14.39 ? 153 LYS A C   1 
ATOM   1163 O O   . LYS A 1 153 ? -6.200  -7.074  7.237   1.00 12.55 ? 153 LYS A O   1 
ATOM   1164 C CB  . LYS A 1 153 ? -5.931  -9.128  4.848   1.00 15.31 ? 153 LYS A CB  1 
ATOM   1165 C CG  . LYS A 1 153 ? -6.086  -10.493 4.173   1.00 20.94 ? 153 LYS A CG  1 
ATOM   1166 C CD  . LYS A 1 153 ? -6.276  -11.614 5.168   1.00 23.72 ? 153 LYS A CD  1 
ATOM   1167 C CE  . LYS A 1 153 ? -5.772  -12.953 4.604   1.00 24.38 ? 153 LYS A CE  1 
ATOM   1168 N NZ  . LYS A 1 153 ? -6.393  -13.314 3.302   1.00 26.59 ? 153 LYS A NZ  1 
ATOM   1169 N N   . ILE A 1 154 ? -7.296  -6.225  5.471   1.00 13.72 ? 154 ILE A N   1 
ATOM   1170 C CA  . ILE A 1 154 ? -7.096  -4.838  5.902   1.00 14.62 ? 154 ILE A CA  1 
ATOM   1171 C C   . ILE A 1 154 ? -8.360  -4.023  5.653   1.00 14.98 ? 154 ILE A C   1 
ATOM   1172 O O   . ILE A 1 154 ? -9.181  -4.384  4.808   1.00 13.07 ? 154 ILE A O   1 
ATOM   1173 C CB  . ILE A 1 154 ? -5.934  -4.132  5.148   1.00 14.75 ? 154 ILE A CB  1 
ATOM   1174 C CG1 . ILE A 1 154 ? -6.285  -3.978  3.660   1.00 13.68 ? 154 ILE A CG1 1 
ATOM   1175 C CG2 . ILE A 1 154 ? -4.625  -4.905  5.344   1.00 11.88 ? 154 ILE A CG2 1 
ATOM   1176 C CD1 . ILE A 1 154 ? -5.272  -3.169  2.868   1.00 13.84 ? 154 ILE A CD1 1 
ATOM   1177 N N   . ASP A 1 155 ? -8.502  -2.923  6.391   1.00 14.26 ? 155 ASP A N   1 
ATOM   1178 C CA  . ASP A 1 155 ? -9.654  -2.035  6.243   1.00 14.95 ? 155 ASP A CA  1 
ATOM   1179 C C   . ASP A 1 155 ? -9.220  -0.714  5.616   1.00 15.01 ? 155 ASP A C   1 
ATOM   1180 O O   . ASP A 1 155 ? -10.049 0.037   5.084   1.00 13.54 ? 155 ASP A O   1 
ATOM   1181 C CB  . ASP A 1 155 ? -10.289 -1.757  7.601   1.00 15.42 ? 155 ASP A CB  1 
ATOM   1182 C CG  . ASP A 1 155 ? -10.799 -3.007  8.266   1.00 16.94 ? 155 ASP A CG  1 
ATOM   1183 O OD1 . ASP A 1 155 ? -10.428 -3.250  9.435   1.00 16.95 ? 155 ASP A OD1 1 
ATOM   1184 O OD2 . ASP A 1 155 ? -11.581 -3.738  7.627   1.00 17.22 ? 155 ASP A OD2 1 
ATOM   1185 N N   . VAL A 1 156 ? -7.921  -0.428  5.695   1.00 13.96 ? 156 VAL A N   1 
ATOM   1186 C CA  . VAL A 1 156 ? -7.360  0.803   5.141   1.00 13.67 ? 156 VAL A CA  1 
ATOM   1187 C C   . VAL A 1 156 ? -5.913  0.557   4.740   1.00 13.89 ? 156 VAL A C   1 
ATOM   1188 O O   . VAL A 1 156 ? -5.211  -0.247  5.364   1.00 14.00 ? 156 VAL A O   1 
ATOM   1189 C CB  . VAL A 1 156 ? -7.361  1.964   6.174   1.00 13.83 ? 156 VAL A CB  1 
ATOM   1190 C CG1 . VAL A 1 156 ? -6.920  3.252   5.507   1.00 14.81 ? 156 VAL A CG1 1 
ATOM   1191 C CG2 . VAL A 1 156 ? -8.739  2.146   6.771   1.00 16.73 ? 156 VAL A CG2 1 
ATOM   1192 N N   . GLY A 1 157 ? -5.481  1.251   3.694   1.00 13.40 ? 157 GLY A N   1 
ATOM   1193 C CA  . GLY A 1 157 ? -4.117  1.127   3.223   1.00 11.60 ? 157 GLY A CA  1 
ATOM   1194 C C   . GLY A 1 157 ? -3.436  2.477   3.338   1.00 13.17 ? 157 GLY A C   1 
ATOM   1195 O O   . GLY A 1 157 ? -4.091  3.516   3.306   1.00 14.01 ? 157 GLY A O   1 
ATOM   1196 N N   . VAL A 1 158 ? -2.119  2.463   3.490   1.00 13.63 ? 158 VAL A N   1 
ATOM   1197 C CA  . VAL A 1 158 ? -1.339  3.685   3.600   1.00 12.59 ? 158 VAL A CA  1 
ATOM   1198 C C   . VAL A 1 158 ? -0.194  3.594   2.593   1.00 11.87 ? 158 VAL A C   1 
ATOM   1199 O O   . VAL A 1 158 ? 0.432   2.543   2.447   1.00 11.73 ? 158 VAL A O   1 
ATOM   1200 C CB  . VAL A 1 158 ? -0.748  3.847   5.030   1.00 13.35 ? 158 VAL A CB  1 
ATOM   1201 C CG1 . VAL A 1 158 ? 0.066   5.140   5.122   1.00 12.96 ? 158 VAL A CG1 1 
ATOM   1202 C CG2 . VAL A 1 158 ? -1.873  3.852   6.056   1.00 14.85 ? 158 VAL A CG2 1 
ATOM   1203 N N   . GLU A 1 159 ? 0.053   4.688   1.880   1.00 12.59 ? 159 GLU A N   1 
ATOM   1204 C CA  . GLU A 1 159 ? 1.126   4.744   0.892   1.00 14.83 ? 159 GLU A CA  1 
ATOM   1205 C C   . GLU A 1 159 ? 2.024   5.922   1.273   1.00 15.22 ? 159 GLU A C   1 
ATOM   1206 O O   . GLU A 1 159 ? 1.579   7.069   1.305   1.00 15.48 ? 159 GLU A O   1 
ATOM   1207 C CB  . GLU A 1 159 ? 0.536   4.944   -0.518  1.00 15.84 ? 159 GLU A CB  1 
ATOM   1208 C CG  . GLU A 1 159 ? 1.515   4.720   -1.679  1.00 15.63 ? 159 GLU A CG  1 
ATOM   1209 C CD  . GLU A 1 159 ? 1.750   3.246   -2.000  1.00 17.72 ? 159 GLU A CD  1 
ATOM   1210 O OE1 . GLU A 1 159 ? 2.699   2.942   -2.756  1.00 16.52 ? 159 GLU A OE1 1 
ATOM   1211 O OE2 . GLU A 1 159 ? 0.988   2.387   -1.514  1.00 14.44 ? 159 GLU A OE2 1 
ATOM   1212 N N   . ILE A 1 160 ? 3.279   5.630   1.597   1.00 13.32 ? 160 ILE A N   1 
ATOM   1213 C CA  . ILE A 1 160 ? 4.233   6.664   1.973   1.00 13.53 ? 160 ILE A CA  1 
ATOM   1214 C C   . ILE A 1 160 ? 5.108   6.929   0.757   1.00 12.77 ? 160 ILE A C   1 
ATOM   1215 O O   . ILE A 1 160 ? 5.790   6.034   0.258   1.00 13.43 ? 160 ILE A O   1 
ATOM   1216 C CB  . ILE A 1 160 ? 5.089   6.213   3.176   1.00 13.87 ? 160 ILE A CB  1 
ATOM   1217 C CG1 . ILE A 1 160 ? 4.185   6.067   4.409   1.00 14.26 ? 160 ILE A CG1 1 
ATOM   1218 C CG2 . ILE A 1 160 ? 6.228   7.224   3.436   1.00 15.19 ? 160 ILE A CG2 1 
ATOM   1219 C CD1 . ILE A 1 160 ? 4.868   5.443   5.632   1.00 13.55 ? 160 ILE A CD1 1 
ATOM   1220 N N   . LEU A 1 161 ? 5.074   8.169   0.283   1.00 13.05 ? 161 LEU A N   1 
ATOM   1221 C CA  . LEU A 1 161 ? 5.815   8.556   -0.905  1.00 13.60 ? 161 LEU A CA  1 
ATOM   1222 C C   . LEU A 1 161 ? 6.624   9.825   -0.716  1.00 13.08 ? 161 LEU A C   1 
ATOM   1223 O O   . LEU A 1 161 ? 6.299   10.669  0.125   1.00 11.97 ? 161 LEU A O   1 
ATOM   1224 C CB  . LEU A 1 161 ? 4.833   8.796   -2.054  1.00 14.47 ? 161 LEU A CB  1 
ATOM   1225 C CG  . LEU A 1 161 ? 3.837   7.675   -2.341  1.00 15.30 ? 161 LEU A CG  1 
ATOM   1226 C CD1 . LEU A 1 161 ? 2.690   8.222   -3.164  1.00 14.82 ? 161 LEU A CD1 1 
ATOM   1227 C CD2 . LEU A 1 161 ? 4.543   6.526   -3.064  1.00 16.33 ? 161 LEU A CD2 1 
ATOM   1228 N N   . PRO A 1 162 ? 7.697   9.980   -1.507  1.00 13.03 ? 162 PRO A N   1 
ATOM   1229 C CA  . PRO A 1 162 ? 8.515   11.187  -1.392  1.00 12.62 ? 162 PRO A CA  1 
ATOM   1230 C C   . PRO A 1 162 ? 7.858   12.309  -2.178  1.00 13.56 ? 162 PRO A C   1 
ATOM   1231 O O   . PRO A 1 162 ? 7.289   12.069  -3.245  1.00 14.17 ? 162 PRO A O   1 
ATOM   1232 C CB  . PRO A 1 162 ? 9.830   10.768  -2.031  1.00 14.48 ? 162 PRO A CB  1 
ATOM   1233 C CG  . PRO A 1 162 ? 9.364   9.865   -3.137  1.00 13.15 ? 162 PRO A CG  1 
ATOM   1234 C CD  . PRO A 1 162 ? 8.330   9.008   -2.412  1.00 12.81 ? 162 PRO A CD  1 
ATOM   1235 N N   . MET A 1 163 ? 7.918   13.531  -1.653  1.00 13.77 ? 163 MET A N   1 
ATOM   1236 C CA  . MET A 1 163 ? 7.383   14.673  -2.381  1.00 13.75 ? 163 MET A CA  1 
ATOM   1237 C C   . MET A 1 163 ? 8.373   14.854  -3.534  1.00 14.55 ? 163 MET A C   1 
ATOM   1238 O O   . MET A 1 163 ? 9.484   14.303  -3.496  1.00 12.92 ? 163 MET A O   1 
ATOM   1239 C CB  . MET A 1 163 ? 7.395   15.938  -1.506  1.00 14.08 ? 163 MET A CB  1 
ATOM   1240 C CG  . MET A 1 163 ? 6.453   15.922  -0.296  1.00 12.85 ? 163 MET A CG  1 
ATOM   1241 S SD  . MET A 1 163 ? 4.669   15.896  -0.704  1.00 3.57  ? 163 MET A SD  1 
ATOM   1242 C CE  . MET A 1 163 ? 4.467   17.470  -1.395  1.00 11.49 ? 163 MET A CE  1 
ATOM   1243 N N   . LYS A 1 164 ? 7.973   15.607  -4.555  1.00 13.83 ? 164 LYS A N   1 
ATOM   1244 C CA  . LYS A 1 164 ? 8.837   15.874  -5.694  1.00 16.06 ? 164 LYS A CA  1 
ATOM   1245 C C   . LYS A 1 164 ? 10.160  16.481  -5.205  1.00 14.97 ? 164 LYS A C   1 
ATOM   1246 O O   . LYS A 1 164 ? 11.226  16.166  -5.725  1.00 13.93 ? 164 LYS A O   1 
ATOM   1247 C CB  . LYS A 1 164 ? 8.148   16.851  -6.651  1.00 15.97 ? 164 LYS A CB  1 
ATOM   1248 C CG  . LYS A 1 164 ? 8.938   17.175  -7.905  1.00 21.10 ? 164 LYS A CG  1 
ATOM   1249 C CD  . LYS A 1 164 ? 8.975   15.998  -8.860  1.00 21.81 ? 164 LYS A CD  1 
ATOM   1250 C CE  . LYS A 1 164 ? 9.864   16.296  -10.062 1.00 27.89 ? 164 LYS A CE  1 
ATOM   1251 N NZ  . LYS A 1 164 ? 9.456   17.550  -10.762 1.00 29.21 ? 164 LYS A NZ  1 
ATOM   1252 N N   . GLU A 1 165 ? 10.097  17.333  -4.189  1.00 15.46 ? 165 GLU A N   1 
ATOM   1253 C CA  . GLU A 1 165 ? 11.318  17.963  -3.691  1.00 17.29 ? 165 GLU A CA  1 
ATOM   1254 C C   . GLU A 1 165 ? 12.356  16.938  -3.210  1.00 17.94 ? 165 GLU A C   1 
ATOM   1255 O O   . GLU A 1 165 ? 13.554  17.229  -3.178  1.00 16.82 ? 165 GLU A O   1 
ATOM   1256 C CB  . GLU A 1 165 ? 10.994  18.959  -2.579  1.00 19.38 ? 165 GLU A CB  1 
ATOM   1257 C CG  . GLU A 1 165 ? 10.670  18.352  -1.233  1.00 20.32 ? 165 GLU A CG  1 
ATOM   1258 C CD  . GLU A 1 165 ? 10.521  19.427  -0.169  1.00 21.28 ? 165 GLU A CD  1 
ATOM   1259 O OE1 . GLU A 1 165 ? 9.445   20.060  -0.096  1.00 19.02 ? 165 GLU A OE1 1 
ATOM   1260 O OE2 . GLU A 1 165 ? 11.492  19.648  0.582   1.00 20.02 ? 165 GLU A OE2 1 
ATOM   1261 N N   . LEU A 1 166 ? 11.899  15.742  -2.846  1.00 16.57 ? 166 LEU A N   1 
ATOM   1262 C CA  . LEU A 1 166 ? 12.805  14.684  -2.413  1.00 16.20 ? 166 LEU A CA  1 
ATOM   1263 C C   . LEU A 1 166 ? 13.129  13.758  -3.582  1.00 15.94 ? 166 LEU A C   1 
ATOM   1264 O O   . LEU A 1 166 ? 14.286  13.371  -3.781  1.00 16.58 ? 166 LEU A O   1 
ATOM   1265 C CB  . LEU A 1 166 ? 12.184  13.863  -1.273  1.00 14.93 ? 166 LEU A CB  1 
ATOM   1266 C CG  . LEU A 1 166 ? 12.886  12.521  -1.005  1.00 15.47 ? 166 LEU A CG  1 
ATOM   1267 C CD1 . LEU A 1 166 ? 14.367  12.752  -0.629  1.00 13.98 ? 166 LEU A CD1 1 
ATOM   1268 C CD2 . LEU A 1 166 ? 12.153  11.787  0.122   1.00 14.01 ? 166 LEU A CD2 1 
ATOM   1269 N N   . SER A 1 167 ? 12.116  13.406  -4.367  1.00 15.55 ? 167 SER A N   1 
ATOM   1270 C CA  . SER A 1 167 ? 12.346  12.508  -5.494  1.00 16.36 ? 167 SER A CA  1 
ATOM   1271 C C   . SER A 1 167 ? 13.306  13.110  -6.508  1.00 17.26 ? 167 SER A C   1 
ATOM   1272 O O   . SER A 1 167 ? 14.029  12.383  -7.185  1.00 17.24 ? 167 SER A O   1 
ATOM   1273 C CB  . SER A 1 167 ? 11.022  12.119  -6.181  1.00 17.40 ? 167 SER A CB  1 
ATOM   1274 O OG  . SER A 1 167 ? 10.452  13.200  -6.905  1.00 16.15 ? 167 SER A OG  1 
ATOM   1275 N N   . LYS A 1 168 ? 13.323  14.434  -6.612  1.00 17.66 ? 168 LYS A N   1 
ATOM   1276 C CA  . LYS A 1 168 ? 14.220  15.088  -7.559  1.00 20.80 ? 168 LYS A CA  1 
ATOM   1277 C C   . LYS A 1 168 ? 15.663  14.996  -7.068  1.00 20.91 ? 168 LYS A C   1 
ATOM   1278 O O   . LYS A 1 168 ? 16.589  15.278  -7.818  1.00 19.28 ? 168 LYS A O   1 
ATOM   1279 C CB  . LYS A 1 168 ? 13.826  16.559  -7.759  1.00 21.13 ? 168 LYS A CB  1 
ATOM   1280 C CG  . LYS A 1 168 ? 14.202  17.486  -6.621  1.00 24.93 ? 168 LYS A CG  1 
ATOM   1281 C CD  . LYS A 1 168 ? 13.582  18.868  -6.819  1.00 27.85 ? 168 LYS A CD  1 
ATOM   1282 C CE  . LYS A 1 168 ? 14.085  19.852  -5.777  1.00 28.37 ? 168 LYS A CE  1 
ATOM   1283 N NZ  . LYS A 1 168 ? 15.539  20.136  -5.976  1.00 30.43 ? 168 LYS A NZ  1 
ATOM   1284 N N   . GLU A 1 169 ? 15.843  14.604  -5.809  1.00 21.58 ? 169 GLU A N   1 
ATOM   1285 C CA  . GLU A 1 169 ? 17.178  14.457  -5.233  1.00 23.48 ? 169 GLU A CA  1 
ATOM   1286 C C   . GLU A 1 169 ? 17.518  12.970  -5.134  1.00 24.42 ? 169 GLU A C   1 
ATOM   1287 O O   . GLU A 1 169 ? 18.368  12.550  -4.336  1.00 24.55 ? 169 GLU A O   1 
ATOM   1288 C CB  . GLU A 1 169 ? 17.237  15.102  -3.847  1.00 25.80 ? 169 GLU A CB  1 
ATOM   1289 C CG  . GLU A 1 169 ? 16.965  16.600  -3.844  1.00 28.23 ? 169 GLU A CG  1 
ATOM   1290 C CD  . GLU A 1 169 ? 17.843  17.360  -4.827  1.00 30.66 ? 169 GLU A CD  1 
ATOM   1291 O OE1 . GLU A 1 169 ? 19.048  17.050  -4.913  1.00 32.11 ? 169 GLU A OE1 1 
ATOM   1292 O OE2 . GLU A 1 169 ? 17.332  18.276  -5.508  1.00 32.13 ? 169 GLU A OE2 1 
ATOM   1293 N N   . MET A 1 170 ? 16.832  12.179  -5.953  1.00 24.26 ? 170 MET A N   1 
ATOM   1294 C CA  . MET A 1 170 ? 17.032  10.737  -6.012  1.00 26.05 ? 170 MET A CA  1 
ATOM   1295 C C   . MET A 1 170 ? 17.108  10.368  -7.489  1.00 29.26 ? 170 MET A C   1 
ATOM   1296 O O   . MET A 1 170 ? 16.887  11.211  -8.364  1.00 29.39 ? 170 MET A O   1 
ATOM   1297 C CB  . MET A 1 170 ? 15.857  9.995   -5.361  1.00 23.57 ? 170 MET A CB  1 
ATOM   1298 C CG  . MET A 1 170 ? 15.658  10.244  -3.859  1.00 20.05 ? 170 MET A CG  1 
ATOM   1299 S SD  . MET A 1 170 ? 14.146  9.451   -3.208  1.00 17.64 ? 170 MET A SD  1 
ATOM   1300 C CE  . MET A 1 170 ? 14.653  7.748   -3.209  1.00 22.84 ? 170 MET A CE  1 
ATOM   1301 N N   . SER A 1 171 ? 17.417  9.107   -7.766  1.00 32.51 ? 171 SER A N   1 
ATOM   1302 C CA  . SER A 1 171 ? 17.510  8.620   -9.136  1.00 35.90 ? 171 SER A CA  1 
ATOM   1303 C C   . SER A 1 171 ? 16.271  8.975   -9.951  1.00 36.70 ? 171 SER A C   1 
ATOM   1304 O O   . SER A 1 171 ? 15.153  8.951   -9.435  1.00 39.00 ? 171 SER A O   1 
ATOM   1305 C CB  . SER A 1 171 ? 17.690  7.104   -9.136  1.00 36.28 ? 171 SER A CB  1 
ATOM   1306 O OG  . SER A 1 171 ? 17.612  6.595   -10.455 1.00 40.44 ? 171 SER A OG  1 
ATOM   1307 N N   . SER A 1 172 ? 16.468  9.299   -11.225 1.00 37.18 ? 172 SER A N   1 
ATOM   1308 C CA  . SER A 1 172 ? 15.346  9.636   -12.098 1.00 37.09 ? 172 SER A CA  1 
ATOM   1309 C C   . SER A 1 172 ? 14.426  8.430   -12.235 1.00 36.22 ? 172 SER A C   1 
ATOM   1310 O O   . SER A 1 172 ? 14.883  7.288   -12.209 1.00 37.79 ? 172 SER A O   1 
ATOM   1311 C CB  . SER A 1 172 ? 15.845  10.050  -13.484 1.00 37.55 ? 172 SER A CB  1 
ATOM   1312 O OG  . SER A 1 172 ? 16.594  11.251  -13.420 1.00 39.75 ? 172 SER A OG  1 
ATOM   1313 N N   . GLY A 1 173 ? 13.130  8.684   -12.372 1.00 34.69 ? 173 GLY A N   1 
ATOM   1314 C CA  . GLY A 1 173 ? 12.183  7.594   -12.526 1.00 33.51 ? 173 GLY A CA  1 
ATOM   1315 C C   . GLY A 1 173 ? 11.427  7.213   -11.266 1.00 32.11 ? 173 GLY A C   1 
ATOM   1316 O O   . GLY A 1 173 ? 10.549  6.352   -11.303 1.00 32.94 ? 173 GLY A O   1 
ATOM   1317 N N   . ILE A 1 174 ? 11.764  7.840   -10.146 1.00 29.67 ? 174 ILE A N   1 
ATOM   1318 C CA  . ILE A 1 174 ? 11.080  7.540   -8.896  1.00 27.18 ? 174 ILE A CA  1 
ATOM   1319 C C   . ILE A 1 174 ? 9.789   8.360   -8.832  1.00 25.65 ? 174 ILE A C   1 
ATOM   1320 O O   . ILE A 1 174 ? 9.808   9.572   -9.027  1.00 25.13 ? 174 ILE A O   1 
ATOM   1321 C CB  . ILE A 1 174 ? 11.984  7.865   -7.680  1.00 27.15 ? 174 ILE A CB  1 
ATOM   1322 C CG1 . ILE A 1 174 ? 13.244  6.987   -7.733  1.00 28.70 ? 174 ILE A CG1 1 
ATOM   1323 C CG2 . ILE A 1 174 ? 11.232  7.621   -6.379  1.00 27.31 ? 174 ILE A CG2 1 
ATOM   1324 C CD1 . ILE A 1 174 ? 14.150  7.124   -6.532  1.00 29.66 ? 174 ILE A CD1 1 
ATOM   1325 N N   . SER A 1 175 ? 8.668   7.692   -8.578  1.00 22.91 ? 175 SER A N   1 
ATOM   1326 C CA  . SER A 1 175 ? 7.385   8.378   -8.504  1.00 22.18 ? 175 SER A CA  1 
ATOM   1327 C C   . SER A 1 175 ? 7.339   9.273   -7.269  1.00 19.46 ? 175 SER A C   1 
ATOM   1328 O O   . SER A 1 175 ? 8.015   9.015   -6.278  1.00 17.38 ? 175 SER A O   1 
ATOM   1329 C CB  . SER A 1 175 ? 6.235   7.362   -8.470  1.00 24.72 ? 175 SER A CB  1 
ATOM   1330 O OG  . SER A 1 175 ? 6.315   6.529   -7.331  1.00 28.89 ? 175 SER A OG  1 
ATOM   1331 N N   . TYR A 1 176 ? 6.539   10.328  -7.329  1.00 17.94 ? 176 TYR A N   1 
ATOM   1332 C CA  . TYR A 1 176 ? 6.454   11.257  -6.207  1.00 16.02 ? 176 TYR A CA  1 
ATOM   1333 C C   . TYR A 1 176 ? 5.009   11.510  -5.806  1.00 15.37 ? 176 TYR A C   1 
ATOM   1334 O O   . TYR A 1 176 ? 4.081   11.239  -6.575  1.00 14.62 ? 176 TYR A O   1 
ATOM   1335 C CB  . TYR A 1 176 ? 7.164   12.561  -6.585  1.00 15.03 ? 176 TYR A CB  1 
ATOM   1336 C CG  . TYR A 1 176 ? 6.733   13.115  -7.927  1.00 18.35 ? 176 TYR A CG  1 
ATOM   1337 C CD1 . TYR A 1 176 ? 5.803   14.146  -8.010  1.00 16.67 ? 176 TYR A CD1 1 
ATOM   1338 C CD2 . TYR A 1 176 ? 7.229   12.581  -9.118  1.00 18.53 ? 176 TYR A CD2 1 
ATOM   1339 C CE1 . TYR A 1 176 ? 5.372   14.637  -9.243  1.00 18.72 ? 176 TYR A CE1 1 
ATOM   1340 C CE2 . TYR A 1 176 ? 6.800   13.064  -10.360 1.00 18.18 ? 176 TYR A CE2 1 
ATOM   1341 C CZ  . TYR A 1 176 ? 5.872   14.090  -10.411 1.00 19.25 ? 176 TYR A CZ  1 
ATOM   1342 O OH  . TYR A 1 176 ? 5.429   14.563  -11.624 1.00 17.88 ? 176 TYR A OH  1 
ATOM   1343 N N   . TYR A 1 177 ? 4.828   12.030  -4.597  1.00 14.21 ? 177 TYR A N   1 
ATOM   1344 C CA  . TYR A 1 177 ? 3.506   12.301  -4.057  1.00 13.28 ? 177 TYR A CA  1 
ATOM   1345 C C   . TYR A 1 177 ? 2.541   13.022  -4.999  1.00 13.34 ? 177 TYR A C   1 
ATOM   1346 O O   . TYR A 1 177 ? 1.432   12.545  -5.239  1.00 11.47 ? 177 TYR A O   1 
ATOM   1347 C CB  . TYR A 1 177 ? 3.621   13.116  -2.769  1.00 12.67 ? 177 TYR A CB  1 
ATOM   1348 C CG  . TYR A 1 177 ? 2.274   13.449  -2.157  1.00 10.90 ? 177 TYR A CG  1 
ATOM   1349 C CD1 . TYR A 1 177 ? 1.651   12.570  -1.272  1.00 12.81 ? 177 TYR A CD1 1 
ATOM   1350 C CD2 . TYR A 1 177 ? 1.614   14.640  -2.482  1.00 13.14 ? 177 TYR A CD2 1 
ATOM   1351 C CE1 . TYR A 1 177 ? 0.396   12.874  -0.713  1.00 12.03 ? 177 TYR A CE1 1 
ATOM   1352 C CE2 . TYR A 1 177 ? 0.367   14.949  -1.940  1.00 12.01 ? 177 TYR A CE2 1 
ATOM   1353 C CZ  . TYR A 1 177 ? -0.231  14.060  -1.051  1.00 11.70 ? 177 TYR A CZ  1 
ATOM   1354 O OH  . TYR A 1 177 ? -1.426  14.394  -0.465  1.00 13.13 ? 177 TYR A OH  1 
ATOM   1355 N N   . GLU A 1 178 ? 2.948   14.175  -5.522  1.00 12.27 ? 178 GLU A N   1 
ATOM   1356 C CA  . GLU A 1 178 ? 2.062   14.941  -6.393  1.00 12.49 ? 178 GLU A CA  1 
ATOM   1357 C C   . GLU A 1 178 ? 1.582   14.156  -7.614  1.00 12.30 ? 178 GLU A C   1 
ATOM   1358 O O   . GLU A 1 178 ? 0.416   14.244  -8.002  1.00 12.02 ? 178 GLU A O   1 
ATOM   1359 C CB  . GLU A 1 178 ? 2.753   16.238  -6.836  1.00 11.99 ? 178 GLU A CB  1 
ATOM   1360 C CG  . GLU A 1 178 ? 3.088   17.180  -5.673  1.00 11.78 ? 178 GLU A CG  1 
ATOM   1361 C CD  . GLU A 1 178 ? 4.520   17.040  -5.150  1.00 12.72 ? 178 GLU A CD  1 
ATOM   1362 O OE1 . GLU A 1 178 ? 5.016   15.908  -5.014  1.00 13.27 ? 178 GLU A OE1 1 
ATOM   1363 O OE2 . GLU A 1 178 ? 5.152   18.079  -4.856  1.00 11.76 ? 178 GLU A OE2 1 
ATOM   1364 N N   . GLY A 1 179 ? 2.484   13.390  -8.213  1.00 11.88 ? 179 GLY A N   1 
ATOM   1365 C CA  . GLY A 1 179 ? 2.120   12.600  -9.376  1.00 13.43 ? 179 GLY A CA  1 
ATOM   1366 C C   . GLY A 1 179 ? 1.162   11.468  -9.057  1.00 13.76 ? 179 GLY A C   1 
ATOM   1367 O O   . GLY A 1 179 ? 0.229   11.199  -9.822  1.00 12.57 ? 179 GLY A O   1 
ATOM   1368 N N   . GLU A 1 180 ? 1.378   10.796  -7.928  1.00 12.77 ? 180 GLU A N   1 
ATOM   1369 C CA  . GLU A 1 180 ? 0.514   9.686   -7.561  1.00 13.52 ? 180 GLU A CA  1 
ATOM   1370 C C   . GLU A 1 180 ? -0.844  10.158  -7.054  1.00 13.98 ? 180 GLU A C   1 
ATOM   1371 O O   . GLU A 1 180 ? -1.844  9.480   -7.278  1.00 12.70 ? 180 GLU A O   1 
ATOM   1372 C CB  . GLU A 1 180 ? 1.200   8.780   -6.540  1.00 15.28 ? 180 GLU A CB  1 
ATOM   1373 C CG  . GLU A 1 180 ? 2.491   8.123   -7.065  1.00 15.51 ? 180 GLU A CG  1 
ATOM   1374 C CD  . GLU A 1 180 ? 2.304   7.437   -8.412  1.00 19.57 ? 180 GLU A CD  1 
ATOM   1375 O OE1 . GLU A 1 180 ? 1.247   6.805   -8.632  1.00 17.88 ? 180 GLU A OE1 1 
ATOM   1376 O OE2 . GLU A 1 180 ? 3.223   7.516   -9.253  1.00 22.98 ? 180 GLU A OE2 1 
ATOM   1377 N N   . LEU A 1 181 ? -0.884  11.305  -6.371  1.00 13.06 ? 181 LEU A N   1 
ATOM   1378 C CA  . LEU A 1 181 ? -2.165  11.860  -5.904  1.00 13.23 ? 181 LEU A CA  1 
ATOM   1379 C C   . LEU A 1 181 ? -3.011  12.163  -7.151  1.00 13.64 ? 181 LEU A C   1 
ATOM   1380 O O   . LEU A 1 181 ? -4.230  11.936  -7.180  1.00 12.49 ? 181 LEU A O   1 
ATOM   1381 C CB  . LEU A 1 181 ? -1.947  13.156  -5.124  1.00 13.74 ? 181 LEU A CB  1 
ATOM   1382 C CG  . LEU A 1 181 ? -3.210  13.905  -4.674  1.00 14.41 ? 181 LEU A CG  1 
ATOM   1383 C CD1 . LEU A 1 181 ? -3.983  13.079  -3.642  1.00 14.09 ? 181 LEU A CD1 1 
ATOM   1384 C CD2 . LEU A 1 181 ? -2.811  15.264  -4.090  1.00 13.22 ? 181 LEU A CD2 1 
ATOM   1385 N N   . TYR A 1 182 ? -2.352  12.684  -8.181  1.00 12.73 ? 182 TYR A N   1 
ATOM   1386 C CA  . TYR A 1 182 ? -3.024  12.995  -9.437  1.00 12.69 ? 182 TYR A CA  1 
ATOM   1387 C C   . TYR A 1 182 ? -3.589  11.712  -10.044 1.00 13.28 ? 182 TYR A C   1 
ATOM   1388 O O   . TYR A 1 182 ? -4.736  11.678  -10.486 1.00 13.15 ? 182 TYR A O   1 
ATOM   1389 C CB  . TYR A 1 182 ? -2.033  13.603  -10.430 1.00 13.01 ? 182 TYR A CB  1 
ATOM   1390 C CG  . TYR A 1 182 ? -2.669  14.420  -11.528 1.00 11.97 ? 182 TYR A CG  1 
ATOM   1391 C CD1 . TYR A 1 182 ? -2.972  15.765  -11.324 1.00 10.27 ? 182 TYR A CD1 1 
ATOM   1392 C CD2 . TYR A 1 182 ? -2.939  13.863  -12.781 1.00 10.34 ? 182 TYR A CD2 1 
ATOM   1393 C CE1 . TYR A 1 182 ? -3.514  16.548  -12.333 1.00 7.99  ? 182 TYR A CE1 1 
ATOM   1394 C CE2 . TYR A 1 182 ? -3.487  14.643  -13.807 1.00 11.30 ? 182 TYR A CE2 1 
ATOM   1395 C CZ  . TYR A 1 182 ? -3.767  15.988  -13.570 1.00 11.31 ? 182 TYR A CZ  1 
ATOM   1396 O OH  . TYR A 1 182 ? -4.265  16.794  -14.574 1.00 11.79 ? 182 TYR A OH  1 
ATOM   1397 N N   . ASN A 1 183 ? -2.780  10.654  -10.073 1.00 14.58 ? 183 ASN A N   1 
ATOM   1398 C CA  . ASN A 1 183 ? -3.232  9.389   -10.653 1.00 13.90 ? 183 ASN A CA  1 
ATOM   1399 C C   . ASN A 1 183 ? -4.461  8.825   -9.957  1.00 14.47 ? 183 ASN A C   1 
ATOM   1400 O O   . ASN A 1 183 ? -5.285  8.152   -10.585 1.00 15.62 ? 183 ASN A O   1 
ATOM   1401 C CB  . ASN A 1 183 ? -2.114  8.349   -10.628 1.00 14.63 ? 183 ASN A CB  1 
ATOM   1402 C CG  . ASN A 1 183 ? -1.016  8.658   -11.615 1.00 14.66 ? 183 ASN A CG  1 
ATOM   1403 O OD1 . ASN A 1 183 ? -1.240  9.346   -12.616 1.00 13.24 ? 183 ASN A OD1 1 
ATOM   1404 N ND2 . ASN A 1 183 ? 0.179   8.136   -11.355 1.00 11.36 ? 183 ASN A ND2 1 
ATOM   1405 N N   . VAL A 1 184 ? -4.587  9.101   -8.663  1.00 13.93 ? 184 VAL A N   1 
ATOM   1406 C CA  . VAL A 1 184 ? -5.728  8.616   -7.899  1.00 13.65 ? 184 VAL A CA  1 
ATOM   1407 C C   . VAL A 1 184 ? -6.975  9.451   -8.160  1.00 13.52 ? 184 VAL A C   1 
ATOM   1408 O O   . VAL A 1 184 ? -8.030  8.909   -8.487  1.00 13.09 ? 184 VAL A O   1 
ATOM   1409 C CB  . VAL A 1 184 ? -5.418  8.614   -6.386  1.00 14.60 ? 184 VAL A CB  1 
ATOM   1410 C CG1 . VAL A 1 184 ? -6.699  8.363   -5.577  1.00 14.13 ? 184 VAL A CG1 1 
ATOM   1411 C CG2 . VAL A 1 184 ? -4.395  7.529   -6.087  1.00 12.82 ? 184 VAL A CG2 1 
ATOM   1412 N N   . ILE A 1 185 ? -6.854  10.768  -8.025  1.00 13.48 ? 185 ILE A N   1 
ATOM   1413 C CA  . ILE A 1 185 ? -7.995  11.647  -8.239  1.00 13.20 ? 185 ILE A CA  1 
ATOM   1414 C C   . ILE A 1 185 ? -8.479  11.631  -9.693  1.00 14.29 ? 185 ILE A C   1 
ATOM   1415 O O   . ILE A 1 185 ? -9.676  11.828  -9.953  1.00 14.19 ? 185 ILE A O   1 
ATOM   1416 C CB  . ILE A 1 185 ? -7.662  13.090  -7.767  1.00 14.97 ? 185 ILE A CB  1 
ATOM   1417 C CG1 . ILE A 1 185 ? -7.556  13.095  -6.233  1.00 15.07 ? 185 ILE A CG1 1 
ATOM   1418 C CG2 . ILE A 1 185 ? -8.735  14.073  -8.227  1.00 13.75 ? 185 ILE A CG2 1 
ATOM   1419 C CD1 . ILE A 1 185 ? -7.254  14.444  -5.629  1.00 17.84 ? 185 ILE A CD1 1 
ATOM   1420 N N   . ARG A 1 186 ? -7.571  11.369  -10.630 1.00 14.12 ? 186 ARG A N   1 
ATOM   1421 C CA  . ARG A 1 186 ? -7.931  11.307  -12.051 1.00 15.68 ? 186 ARG A CA  1 
ATOM   1422 C C   . ARG A 1 186 ? -8.901  10.158  -12.329 1.00 15.41 ? 186 ARG A C   1 
ATOM   1423 O O   . ARG A 1 186 ? -9.587  10.151  -13.357 1.00 12.87 ? 186 ARG A O   1 
ATOM   1424 C CB  . ARG A 1 186 ? -6.674  11.141  -12.926 1.00 14.72 ? 186 ARG A CB  1 
ATOM   1425 C CG  . ARG A 1 186 ? -6.975  10.857  -14.412 1.00 15.26 ? 186 ARG A CG  1 
ATOM   1426 C CD  . ARG A 1 186 ? -5.850  11.306  -15.318 1.00 16.53 ? 186 ARG A CD  1 
ATOM   1427 N NE  . ARG A 1 186 ? -4.577  10.679  -14.968 1.00 17.17 ? 186 ARG A NE  1 
ATOM   1428 C CZ  . ARG A 1 186 ? -3.401  11.088  -15.423 1.00 18.29 ? 186 ARG A CZ  1 
ATOM   1429 N NH1 . ARG A 1 186 ? -3.335  12.123  -16.249 1.00 13.61 ? 186 ARG A NH1 1 
ATOM   1430 N NH2 . ARG A 1 186 ? -2.285  10.475  -15.034 1.00 19.66 ? 186 ARG A NH2 1 
ATOM   1431 N N   . GLN A 1 187 ? -8.946  9.180   -11.428 1.00 15.74 ? 187 GLN A N   1 
ATOM   1432 C CA  . GLN A 1 187 ? -9.847  8.030   -11.593 1.00 16.98 ? 187 GLN A CA  1 
ATOM   1433 C C   . GLN A 1 187 ? -11.312 8.420   -11.462 1.00 18.81 ? 187 GLN A C   1 
ATOM   1434 O O   . GLN A 1 187 ? -12.200 7.738   -11.984 1.00 16.89 ? 187 GLN A O   1 
ATOM   1435 C CB  . GLN A 1 187 ? -9.585  6.967   -10.523 1.00 16.47 ? 187 GLN A CB  1 
ATOM   1436 C CG  . GLN A 1 187 ? -8.197  6.385   -10.511 1.00 16.20 ? 187 GLN A CG  1 
ATOM   1437 C CD  . GLN A 1 187 ? -7.858  5.675   -11.800 1.00 16.15 ? 187 GLN A CD  1 
ATOM   1438 O OE1 . GLN A 1 187 ? -8.724  5.076   -12.443 1.00 16.67 ? 187 GLN A OE1 1 
ATOM   1439 N NE2 . GLN A 1 187 ? -6.587  5.711   -12.172 1.00 15.42 ? 187 GLN A NE2 1 
ATOM   1440 N N   . GLY A 1 188 ? -11.563 9.512   -10.755 1.00 18.98 ? 188 GLY A N   1 
ATOM   1441 C CA  . GLY A 1 188 ? -12.931 9.921   -10.515 1.00 22.45 ? 188 GLY A CA  1 
ATOM   1442 C C   . GLY A 1 188 ? -13.151 9.634   -9.044  1.00 25.15 ? 188 GLY A C   1 
ATOM   1443 O O   . GLY A 1 188 ? -12.262 9.090   -8.382  1.00 26.70 ? 188 GLY A O   1 
ATOM   1444 N N   . ARG A 1 189 ? -14.325 9.964   -8.528  1.00 25.80 ? 189 ARG A N   1 
ATOM   1445 C CA  . ARG A 1 189 ? -14.615 9.764   -7.113  1.00 28.69 ? 189 ARG A CA  1 
ATOM   1446 C C   . ARG A 1 189 ? -14.548 8.318   -6.590  1.00 30.27 ? 189 ARG A C   1 
ATOM   1447 O O   . ARG A 1 189 ? -15.063 7.383   -7.211  1.00 29.76 ? 189 ARG A O   1 
ATOM   1448 C CB  . ARG A 1 189 ? -15.997 10.350  -6.795  1.00 30.73 ? 189 ARG A CB  1 
ATOM   1449 C CG  . ARG A 1 189 ? -16.085 11.029  -5.444  1.00 34.22 ? 189 ARG A CG  1 
ATOM   1450 C CD  . ARG A 1 189 ? -15.511 12.434  -5.497  1.00 37.67 ? 189 ARG A CD  1 
ATOM   1451 N NE  . ARG A 1 189 ? -14.979 12.856  -4.203  1.00 40.68 ? 189 ARG A NE  1 
ATOM   1452 C CZ  . ARG A 1 189 ? -14.601 14.098  -3.922  1.00 40.98 ? 189 ARG A CZ  1 
ATOM   1453 N NH1 . ARG A 1 189 ? -14.705 15.050  -4.842  1.00 39.82 ? 189 ARG A NH1 1 
ATOM   1454 N NH2 . ARG A 1 189 ? -14.095 14.386  -2.730  1.00 40.90 ? 189 ARG A NH2 1 
ATOM   1455 N N   . GLY A 1 190 ? -13.894 8.146   -5.443  1.00 30.09 ? 190 GLY A N   1 
ATOM   1456 C CA  . GLY A 1 190 ? -13.808 6.837   -4.808  1.00 31.80 ? 190 GLY A CA  1 
ATOM   1457 C C   . GLY A 1 190 ? -13.146 5.652   -5.489  1.00 31.69 ? 190 GLY A C   1 
ATOM   1458 O O   . GLY A 1 190 ? -13.622 4.523   -5.364  1.00 32.74 ? 190 GLY A O   1 
ATOM   1459 N N   . VAL A 1 191 ? -12.050 5.887   -6.197  1.00 31.45 ? 191 VAL A N   1 
ATOM   1460 C CA  . VAL A 1 191 ? -11.326 4.808   -6.856  1.00 30.80 ? 191 VAL A CA  1 
ATOM   1461 C C   . VAL A 1 191 ? -9.846  4.894   -6.485  1.00 32.74 ? 191 VAL A C   1 
ATOM   1462 O O   . VAL A 1 191 ? -9.224  5.944   -6.650  1.00 36.85 ? 191 VAL A O   1 
ATOM   1463 C CB  . VAL A 1 191 ? -11.478 4.886   -8.393  1.00 29.16 ? 191 VAL A CB  1 
ATOM   1464 C CG1 . VAL A 1 191 ? -10.558 3.885   -9.063  1.00 28.42 ? 191 VAL A CG1 1 
ATOM   1465 C CG2 . VAL A 1 191 ? -12.915 4.611   -8.774  1.00 27.85 ? 191 VAL A CG2 1 
ATOM   1466 N N   . PRO A 1 192 ? -9.258  3.789   -5.991  1.00 32.28 ? 192 PRO A N   1 
ATOM   1467 C CA  . PRO A 1 192 ? -9.857  2.469   -5.752  1.00 31.92 ? 192 PRO A CA  1 
ATOM   1468 C C   . PRO A 1 192 ? -10.869 2.436   -4.609  1.00 29.38 ? 192 PRO A C   1 
ATOM   1469 O O   . PRO A 1 192 ? -10.960 3.373   -3.829  1.00 33.59 ? 192 PRO A O   1 
ATOM   1470 C CB  . PRO A 1 192 ? -8.640  1.594   -5.470  1.00 30.62 ? 192 PRO A CB  1 
ATOM   1471 C CG  . PRO A 1 192 ? -7.741  2.541   -4.732  1.00 33.46 ? 192 PRO A CG  1 
ATOM   1472 C CD  . PRO A 1 192 ? -7.841  3.791   -5.582  1.00 33.24 ? 192 PRO A CD  1 
ATOM   1473 N N   . ALA A 1 193 ? -11.619 1.340   -4.523  1.00 25.86 ? 193 ALA A N   1 
ATOM   1474 C CA  . ALA A 1 193 ? -12.635 1.170   -3.485  1.00 22.81 ? 193 ALA A CA  1 
ATOM   1475 C C   . ALA A 1 193 ? -12.063 1.040   -2.070  1.00 20.85 ? 193 ALA A C   1 
ATOM   1476 O O   . ALA A 1 193 ? -12.794 1.180   -1.090  1.00 21.23 ? 193 ALA A O   1 
ATOM   1477 C CB  . ALA A 1 193 ? -13.504 -0.051  -3.805  1.00 25.60 ? 193 ALA A CB  1 
ATOM   1478 N N   . VAL A 1 194 ? -10.768 0.770   -1.949  1.00 16.93 ? 194 VAL A N   1 
ATOM   1479 C CA  . VAL A 1 194 ? -10.166 0.628   -0.620  1.00 14.89 ? 194 VAL A CA  1 
ATOM   1480 C C   . VAL A 1 194 ? -9.813  1.993   0.005   1.00 14.01 ? 194 VAL A C   1 
ATOM   1481 O O   . VAL A 1 194 ? -9.177  2.836   -0.635  1.00 13.13 ? 194 VAL A O   1 
ATOM   1482 C CB  . VAL A 1 194 ? -8.880  -0.251  -0.690  1.00 13.69 ? 194 VAL A CB  1 
ATOM   1483 C CG1 . VAL A 1 194 ? -7.905  0.342   -1.688  1.00 14.30 ? 194 VAL A CG1 1 
ATOM   1484 C CG2 . VAL A 1 194 ? -8.245  -0.375  0.690   1.00 12.71 ? 194 VAL A CG2 1 
ATOM   1485 N N   . PRO A 1 195 ? -10.251 2.244   1.249   1.00 13.44 ? 195 PRO A N   1 
ATOM   1486 C CA  . PRO A 1 195 ? -9.909  3.538   1.850   1.00 13.50 ? 195 PRO A CA  1 
ATOM   1487 C C   . PRO A 1 195 ? -8.382  3.634   1.993   1.00 12.22 ? 195 PRO A C   1 
ATOM   1488 O O   . PRO A 1 195 ? -7.725  2.648   2.320   1.00 12.23 ? 195 PRO A O   1 
ATOM   1489 C CB  . PRO A 1 195 ? -10.616 3.495   3.206   1.00 13.50 ? 195 PRO A CB  1 
ATOM   1490 C CG  . PRO A 1 195 ? -11.794 2.615   2.961   1.00 14.04 ? 195 PRO A CG  1 
ATOM   1491 C CD  . PRO A 1 195 ? -11.205 1.504   2.095   1.00 12.92 ? 195 PRO A CD  1 
ATOM   1492 N N   . LEU A 1 196 ? -7.829  4.820   1.768   1.00 12.39 ? 196 LEU A N   1 
ATOM   1493 C CA  . LEU A 1 196 ? -6.385  5.003   1.841   1.00 11.44 ? 196 LEU A CA  1 
ATOM   1494 C C   . LEU A 1 196 ? -5.946  6.320   2.479   1.00 11.51 ? 196 LEU A C   1 
ATOM   1495 O O   . LEU A 1 196 ? -6.725  7.273   2.607   1.00 10.87 ? 196 LEU A O   1 
ATOM   1496 C CB  . LEU A 1 196 ? -5.804  4.973   0.424   1.00 12.67 ? 196 LEU A CB  1 
ATOM   1497 C CG  . LEU A 1 196 ? -6.000  3.751   -0.478  1.00 13.31 ? 196 LEU A CG  1 
ATOM   1498 C CD1 . LEU A 1 196 ? -5.635  4.114   -1.919  1.00 13.81 ? 196 LEU A CD1 1 
ATOM   1499 C CD2 . LEU A 1 196 ? -5.150  2.601   0.031   1.00 12.12 ? 196 LEU A CD2 1 
ATOM   1500 N N   . VAL A 1 197 ? -4.673  6.364   2.866   1.00 10.74 ? 197 VAL A N   1 
ATOM   1501 C CA  . VAL A 1 197 ? -4.069  7.573   3.386   1.00 9.10  ? 197 VAL A CA  1 
ATOM   1502 C C   . VAL A 1 197 ? -2.790  7.704   2.572   1.00 11.99 ? 197 VAL A C   1 
ATOM   1503 O O   . VAL A 1 197 ? -1.930  6.814   2.614   1.00 11.47 ? 197 VAL A O   1 
ATOM   1504 C CB  . VAL A 1 197 ? -3.679  7.477   4.874   1.00 10.65 ? 197 VAL A CB  1 
ATOM   1505 C CG1 . VAL A 1 197 ? -3.144  8.846   5.340   1.00 12.06 ? 197 VAL A CG1 1 
ATOM   1506 C CG2 . VAL A 1 197 ? -4.887  7.053   5.714   1.00 8.86  ? 197 VAL A CG2 1 
ATOM   1507 N N   . LEU A 1 198 ? -2.671  8.782   1.806   1.00 10.43 ? 198 LEU A N   1 
ATOM   1508 C CA  . LEU A 1 198 ? -1.461  8.999   1.016   1.00 11.89 ? 198 LEU A CA  1 
ATOM   1509 C C   . LEU A 1 198 ? -0.634  9.997   1.807   1.00 12.69 ? 198 LEU A C   1 
ATOM   1510 O O   . LEU A 1 198 ? -1.146  11.033  2.231   1.00 13.20 ? 198 LEU A O   1 
ATOM   1511 C CB  . LEU A 1 198 ? -1.804  9.572   -0.366  1.00 10.58 ? 198 LEU A CB  1 
ATOM   1512 C CG  . LEU A 1 198 ? -2.819  8.795   -1.211  1.00 13.97 ? 198 LEU A CG  1 
ATOM   1513 C CD1 . LEU A 1 198 ? -2.986  9.500   -2.573  1.00 15.45 ? 198 LEU A CD1 1 
ATOM   1514 C CD2 . LEU A 1 198 ? -2.348  7.359   -1.414  1.00 12.10 ? 198 LEU A CD2 1 
ATOM   1515 N N   . ILE A 1 199 ? 0.637   9.681   2.028   1.00 12.41 ? 199 ILE A N   1 
ATOM   1516 C CA  . ILE A 1 199 ? 1.502   10.568  2.796   1.00 11.86 ? 199 ILE A CA  1 
ATOM   1517 C C   . ILE A 1 199 ? 2.746   10.929  1.990   1.00 12.83 ? 199 ILE A C   1 
ATOM   1518 O O   . ILE A 1 199 ? 3.492   10.049  1.566   1.00 13.69 ? 199 ILE A O   1 
ATOM   1519 C CB  . ILE A 1 199 ? 1.945   9.891   4.122   1.00 11.08 ? 199 ILE A CB  1 
ATOM   1520 C CG1 . ILE A 1 199 ? 0.715   9.358   4.872   1.00 13.98 ? 199 ILE A CG1 1 
ATOM   1521 C CG2 . ILE A 1 199 ? 2.704   10.894  4.988   1.00 13.60 ? 199 ILE A CG2 1 
ATOM   1522 C CD1 . ILE A 1 199 ? 1.039   8.602   6.160   1.00 14.70 ? 199 ILE A CD1 1 
ATOM   1523 N N   . GLY A 1 200 ? 2.948   12.225  1.771   1.00 12.98 ? 200 GLY A N   1 
ATOM   1524 C CA  . GLY A 1 200 ? 4.106   12.701  1.039   1.00 13.27 ? 200 GLY A CA  1 
ATOM   1525 C C   . GLY A 1 200 ? 5.138   13.200  2.034   1.00 14.08 ? 200 GLY A C   1 
ATOM   1526 O O   . GLY A 1 200 ? 4.826   14.027  2.888   1.00 14.73 ? 200 GLY A O   1 
ATOM   1527 N N   . ILE A 1 201 ? 6.371   12.712  1.927   1.00 14.86 ? 201 ILE A N   1 
ATOM   1528 C CA  . ILE A 1 201 ? 7.422   13.100  2.871   1.00 15.26 ? 201 ILE A CA  1 
ATOM   1529 C C   . ILE A 1 201 ? 8.665   13.729  2.245   1.00 14.08 ? 201 ILE A C   1 
ATOM   1530 O O   . ILE A 1 201 ? 8.892   13.638  1.040   1.00 12.80 ? 201 ILE A O   1 
ATOM   1531 C CB  . ILE A 1 201 ? 7.882   11.874  3.700   1.00 15.66 ? 201 ILE A CB  1 
ATOM   1532 C CG1 . ILE A 1 201 ? 8.593   10.861  2.797   1.00 16.77 ? 201 ILE A CG1 1 
ATOM   1533 C CG2 . ILE A 1 201 ? 6.674   11.208  4.360   1.00 15.55 ? 201 ILE A CG2 1 
ATOM   1534 C CD1 . ILE A 1 201 ? 9.109   9.621   3.543   1.00 15.90 ? 201 ILE A CD1 1 
ATOM   1535 N N   . ALA A 1 202 ? 9.477   14.358  3.094   1.00 14.01 ? 202 ALA A N   1 
ATOM   1536 C CA  . ALA A 1 202 ? 10.719  14.985  2.667   1.00 14.68 ? 202 ALA A CA  1 
ATOM   1537 C C   . ALA A 1 202 ? 11.730  14.902  3.808   1.00 17.27 ? 202 ALA A C   1 
ATOM   1538 O O   . ALA A 1 202 ? 11.372  14.593  4.952   1.00 15.80 ? 202 ALA A O   1 
ATOM   1539 C CB  . ALA A 1 202 ? 10.474  16.452  2.285   1.00 13.39 ? 202 ALA A CB  1 
ATOM   1540 N N   . PRO A 1 203 ? 13.009  15.174  3.512   1.00 18.21 ? 203 PRO A N   1 
ATOM   1541 C CA  . PRO A 1 203 ? 14.055  15.127  4.535   1.00 20.06 ? 203 PRO A CA  1 
ATOM   1542 C C   . PRO A 1 203 ? 13.777  16.088  5.686   1.00 20.57 ? 203 PRO A C   1 
ATOM   1543 O O   . PRO A 1 203 ? 13.993  15.739  6.850   1.00 23.52 ? 203 PRO A O   1 
ATOM   1544 C CB  . PRO A 1 203 ? 15.311  15.506  3.758   1.00 20.01 ? 203 PRO A CB  1 
ATOM   1545 C CG  . PRO A 1 203 ? 15.027  14.964  2.384   1.00 18.78 ? 203 PRO A CG  1 
ATOM   1546 C CD  . PRO A 1 203 ? 13.595  15.371  2.173   1.00 18.08 ? 203 PRO A CD  1 
ATOM   1547 O OXT . PRO A 1 203 ? 13.350  17.223  5.392   1.00 19.27 ? 203 PRO A OXT 1 
HETATM 1548 O O   . HOH B 2 .   ? -5.803  -25.303 -11.709 1.00 0.00  ? 204 HOH A O   1 
HETATM 1549 O O   . HOH B 2 .   ? 7.512   18.822  -3.690  1.00 10.34 ? 205 HOH A O   1 
HETATM 1550 O O   . HOH B 2 .   ? -2.047  17.045  -0.841  1.00 12.32 ? 206 HOH A O   1 
HETATM 1551 O O   . HOH B 2 .   ? 8.449   -2.603  20.047  1.00 15.96 ? 207 HOH A O   1 
HETATM 1552 O O   . HOH B 2 .   ? -4.035  19.443  -14.181 1.00 14.50 ? 208 HOH A O   1 
HETATM 1553 O O   . HOH B 2 .   ? -9.490  -20.075 -16.625 1.00 16.19 ? 209 HOH A O   1 
HETATM 1554 O O   . HOH B 2 .   ? -3.853  -7.314  10.815  1.00 13.52 ? 210 HOH A O   1 
HETATM 1555 O O   . HOH B 2 .   ? 4.469   20.660  -5.007  1.00 11.48 ? 211 HOH A O   1 
HETATM 1556 O O   . HOH B 2 .   ? 7.824   -7.068  13.824  1.00 26.01 ? 212 HOH A O   1 
HETATM 1557 O O   . HOH B 2 .   ? 8.868   21.735  2.094   1.00 19.74 ? 213 HOH A O   1 
HETATM 1558 O O   . HOH B 2 .   ? -0.962  -9.188  -10.366 1.00 18.68 ? 214 HOH A O   1 
HETATM 1559 O O   . HOH B 2 .   ? -4.547  8.242   -13.535 1.00 23.03 ? 215 HOH A O   1 
HETATM 1560 O O   . HOH B 2 .   ? 3.589   -11.923 9.967   1.00 13.35 ? 216 HOH A O   1 
HETATM 1561 O O   . HOH B 2 .   ? 0.541   11.806  -12.587 1.00 22.33 ? 217 HOH A O   1 
HETATM 1562 O O   . HOH B 2 .   ? -11.809 -0.139  -6.902  1.00 17.97 ? 218 HOH A O   1 
HETATM 1563 O O   . HOH B 2 .   ? -0.869  -3.637  0.477   1.00 22.12 ? 219 HOH A O   1 
HETATM 1564 O O   . HOH B 2 .   ? 13.899  18.851  3.563   1.00 17.44 ? 220 HOH A O   1 
HETATM 1565 O O   . HOH B 2 .   ? -5.080  13.166  -17.911 1.00 16.14 ? 221 HOH A O   1 
HETATM 1566 O O   . HOH B 2 .   ? 6.450   -1.275  1.633   1.00 19.37 ? 222 HOH A O   1 
HETATM 1567 O O   . HOH B 2 .   ? -4.458  16.430  0.835   1.00 14.68 ? 223 HOH A O   1 
HETATM 1568 O O   . HOH B 2 .   ? 7.188   19.660  -1.204  1.00 18.32 ? 224 HOH A O   1 
HETATM 1569 O O   . HOH B 2 .   ? -4.817  -16.211 2.009   1.00 19.17 ? 225 HOH A O   1 
HETATM 1570 O O   . HOH B 2 .   ? -6.935  -25.684 -9.345  1.00 19.81 ? 226 HOH A O   1 
HETATM 1571 O O   . HOH B 2 .   ? -7.596  14.544  2.696   1.00 19.01 ? 227 HOH A O   1 
HETATM 1572 O O   . HOH B 2 .   ? 15.177  16.878  -0.636  1.00 21.88 ? 228 HOH A O   1 
HETATM 1573 O O   . HOH B 2 .   ? -19.628 -23.348 -9.459  1.00 18.92 ? 229 HOH A O   1 
HETATM 1574 O O   . HOH B 2 .   ? -1.445  -3.597  17.700  1.00 20.49 ? 230 HOH A O   1 
HETATM 1575 O O   . HOH B 2 .   ? -9.980  10.404  -3.931  1.00 23.22 ? 231 HOH A O   1 
HETATM 1576 O O   . HOH B 2 .   ? 6.249   -2.466  -0.850  1.00 20.19 ? 232 HOH A O   1 
HETATM 1577 O O   . HOH B 2 .   ? -2.011  -6.779  14.375  1.00 18.08 ? 233 HOH A O   1 
HETATM 1578 O O   . HOH B 2 .   ? -0.298  -13.789 6.082   1.00 19.82 ? 234 HOH A O   1 
HETATM 1579 O O   . HOH B 2 .   ? 10.684  -0.204  3.521   1.00 19.27 ? 235 HOH A O   1 
HETATM 1580 O O   . HOH B 2 .   ? 4.948   9.795   -9.633  1.00 25.69 ? 236 HOH A O   1 
HETATM 1581 O O   . HOH B 2 .   ? 5.789   -4.810  0.152   1.00 22.11 ? 237 HOH A O   1 
HETATM 1582 O O   . HOH B 2 .   ? 3.783   -2.567  -6.097  1.00 25.50 ? 238 HOH A O   1 
HETATM 1583 O O   . HOH B 2 .   ? 4.844   3.434   18.926  1.00 21.84 ? 239 HOH A O   1 
HETATM 1584 O O   . HOH B 2 .   ? -12.470 -30.505 -10.802 1.00 19.35 ? 240 HOH A O   1 
HETATM 1585 O O   . HOH B 2 .   ? 10.379  4.923   15.211  1.00 19.54 ? 241 HOH A O   1 
HETATM 1586 O O   . HOH B 2 .   ? -3.109  -24.899 -15.252 1.00 24.43 ? 242 HOH A O   1 
HETATM 1587 O O   . HOH B 2 .   ? -4.386  -22.566 -19.043 1.00 14.66 ? 243 HOH A O   1 
HETATM 1588 O O   . HOH B 2 .   ? -4.554  -8.721  8.650   1.00 17.85 ? 244 HOH A O   1 
HETATM 1589 O O   . HOH B 2 .   ? 15.558  13.289  7.991   1.00 20.47 ? 245 HOH A O   1 
HETATM 1590 O O   . HOH B 2 .   ? 2.228   4.399   -10.480 1.00 23.70 ? 246 HOH A O   1 
HETATM 1591 O O   . HOH B 2 .   ? -1.747  18.011  3.420   1.00 19.10 ? 247 HOH A O   1 
HETATM 1592 O O   . HOH B 2 .   ? -5.189  15.860  -16.953 1.00 17.87 ? 248 HOH A O   1 
HETATM 1593 O O   . HOH B 2 .   ? 14.051  18.558  0.727   1.00 22.13 ? 249 HOH A O   1 
HETATM 1594 O O   . HOH B 2 .   ? -15.212 -28.296 -7.344  1.00 15.61 ? 250 HOH A O   1 
HETATM 1595 O O   . HOH B 2 .   ? -9.038  -15.514 -1.035  1.00 30.60 ? 251 HOH A O   1 
HETATM 1596 O O   . HOH B 2 .   ? 3.746   -0.239  18.939  1.00 16.86 ? 252 HOH A O   1 
HETATM 1597 O O   . HOH B 2 .   ? 1.840   -7.205  14.940  1.00 19.94 ? 253 HOH A O   1 
HETATM 1598 O O   . HOH B 2 .   ? -9.072  -21.837 2.094   1.00 21.99 ? 254 HOH A O   1 
HETATM 1599 O O   . HOH B 2 .   ? 6.157   15.364  10.196  1.00 24.28 ? 255 HOH A O   1 
HETATM 1600 O O   . HOH B 2 .   ? -12.388 10.523  -1.114  1.00 17.24 ? 256 HOH A O   1 
HETATM 1601 O O   . HOH B 2 .   ? 7.952   -7.305  7.064   1.00 20.02 ? 257 HOH A O   1 
HETATM 1602 O O   . HOH B 2 .   ? 2.864   21.407  -0.238  1.00 19.80 ? 258 HOH A O   1 
HETATM 1603 O O   . HOH B 2 .   ? -1.446  -18.754 -3.890  1.00 31.62 ? 259 HOH A O   1 
HETATM 1604 O O   . HOH B 2 .   ? -11.242 -13.456 -0.565  1.00 24.23 ? 260 HOH A O   1 
HETATM 1605 O O   . HOH B 2 .   ? 4.288   -3.111  2.878   1.00 19.86 ? 261 HOH A O   1 
HETATM 1606 O O   . HOH B 2 .   ? 10.234  2.230   15.659  1.00 18.51 ? 262 HOH A O   1 
HETATM 1607 O O   . HOH B 2 .   ? -5.807  -26.195 -13.937 1.00 15.05 ? 263 HOH A O   1 
HETATM 1608 O O   . HOH B 2 .   ? -8.219  14.209  9.892   1.00 27.76 ? 264 HOH A O   1 
HETATM 1609 O O   . HOH B 2 .   ? -10.437 8.798   -6.555  1.00 16.33 ? 265 HOH A O   1 
HETATM 1610 O O   . HOH B 2 .   ? -11.259 -21.755 -18.029 1.00 23.17 ? 266 HOH A O   1 
HETATM 1611 O O   . HOH B 2 .   ? 13.289  14.775  10.834  1.00 29.74 ? 267 HOH A O   1 
HETATM 1612 O O   . HOH B 2 .   ? 9.612   10.286  16.296  1.00 17.42 ? 268 HOH A O   1 
HETATM 1613 O O   . HOH B 2 .   ? -11.795 -5.803  4.222   1.00 20.70 ? 269 HOH A O   1 
HETATM 1614 O O   . HOH B 2 .   ? 15.837  3.054   10.761  1.00 23.25 ? 270 HOH A O   1 
HETATM 1615 O O   . HOH B 2 .   ? 8.338   -1.051  -1.033  1.00 28.98 ? 271 HOH A O   1 
HETATM 1616 O O   . HOH B 2 .   ? -11.467 13.298  4.560   1.00 20.89 ? 272 HOH A O   1 
HETATM 1617 O O   . HOH B 2 .   ? 8.255   6.150   -5.216  1.00 30.97 ? 273 HOH A O   1 
HETATM 1618 O O   . HOH B 2 .   ? -2.154  -11.925 -9.739  1.00 27.84 ? 274 HOH A O   1 
HETATM 1619 O O   . HOH B 2 .   ? -15.201 -30.085 -11.758 1.00 27.59 ? 275 HOH A O   1 
HETATM 1620 O O   . HOH B 2 .   ? -15.739 -19.266 1.413   1.00 40.12 ? 276 HOH A O   1 
HETATM 1621 O O   . HOH B 2 .   ? 7.082   19.485  6.774   1.00 22.49 ? 277 HOH A O   1 
HETATM 1622 O O   . HOH B 2 .   ? -12.610 -28.696 -6.951  1.00 26.52 ? 278 HOH A O   1 
HETATM 1623 O O   . HOH B 2 .   ? -12.705 -0.080  5.021   1.00 28.55 ? 279 HOH A O   1 
HETATM 1624 O O   . HOH B 2 .   ? 5.147   12.599  11.204  1.00 26.12 ? 280 HOH A O   1 
HETATM 1625 O O   . HOH B 2 .   ? -17.381 -13.205 -3.675  1.00 27.23 ? 281 HOH A O   1 
HETATM 1626 O O   . HOH B 2 .   ? 10.469  1.264   -2.589  1.00 23.20 ? 282 HOH A O   1 
HETATM 1627 O O   . HOH B 2 .   ? -7.715  -15.060 1.689   1.00 29.83 ? 283 HOH A O   1 
HETATM 1628 O O   . HOH B 2 .   ? 2.913   21.229  4.531   1.00 26.89 ? 284 HOH A O   1 
HETATM 1629 O O   . HOH B 2 .   ? -13.316 -11.488 1.770   1.00 29.12 ? 285 HOH A O   1 
HETATM 1630 O O   . HOH B 2 .   ? -8.143  -9.708  10.914  1.00 31.48 ? 286 HOH A O   1 
HETATM 1631 O O   . HOH B 2 .   ? -1.759  -9.914  8.149   1.00 35.24 ? 287 HOH A O   1 
HETATM 1632 O O   . HOH B 2 .   ? -0.777  -10.766 -7.693  1.00 40.47 ? 288 HOH A O   1 
HETATM 1633 O O   . HOH B 2 .   ? 1.072   -7.851  12.661  1.00 26.64 ? 289 HOH A O   1 
HETATM 1634 O O   . HOH B 2 .   ? 13.733  19.184  7.510   1.00 27.38 ? 290 HOH A O   1 
HETATM 1635 O O   . HOH B 2 .   ? 11.460  -5.421  3.326   1.00 22.83 ? 291 HOH A O   1 
HETATM 1636 O O   . HOH B 2 .   ? -2.233  -12.215 6.864   1.00 36.43 ? 292 HOH A O   1 
HETATM 1637 O O   . HOH B 2 .   ? 13.432  -6.920  11.172  1.00 36.34 ? 293 HOH A O   1 
# 
